data_5XQ2
#
_entry.id   5XQ2
#
_cell.length_a   201.843
_cell.length_b   201.843
_cell.length_c   201.843
_cell.angle_alpha   90.00
_cell.angle_beta   90.00
_cell.angle_gamma   90.00
#
_symmetry.space_group_name_H-M   'P 21 3'
#
loop_
_entity.id
_entity.type
_entity.pdbx_description
1 polymer 'TtAgo (D546N)'
2 polymer "DNA (5'-D(P*TP*GP*AP*AP*GP*AP*TP*AP*GP*TP*AP*GP*GP*TP*TP*GP*T)-3')"
3 polymer "DNA (5'-D(*AP*CP*AP*AP*CP*CP*TP*AP*CP*TP*AP*CP*CP*TP*CP*G)-3')"
4 polymer "DNA (5'-D(*AP*GP*T)-3')"
5 non-polymer 'MAGNESIUM ION'
6 water water
#
loop_
_entity_poly.entity_id
_entity_poly.type
_entity_poly.pdbx_seq_one_letter_code
_entity_poly.pdbx_strand_id
1 'polypeptide(L)'
;MNHLGKTEVFLNRFALRPLNPEELRPWRLEVVLDPPPGREEVYPLLAQVARRAGGVTVRMGDGLASWSPPEVLVLEGTLA
RMGQTYAYRLYPKGRRPLDPKDPGERSVLSALARRLLQERLRRLEGVWVEGLAVYRREHARGPGWRVLGGAVLDLWVSDS
GAFLLEVDPAYRILCEMSLEAWLAQGHPLPKRVRNAYDRRTWELLRLGEEDPKELPLPGGLSLLDYHASKGRLQGREGGR
VAWVADPKDPRKPIPHLTGLLVPVLTLEDLHEEEGSLALSLPWEERRRRTREIASWIGRRLGLGTPEAVRAQAYRLSIPK
LMGRRAVSKPADALRVGFYRAQETALALLRLDGAQGWPEFLRRALLRAFGASGASLRLHTLHAHPSQGLAFREALRKAKE
EGVQAVLVLTPPMAWEDRNRLKALLLREGLPSQILNVPLREEERHRWENALLGLLAKAGLQVVALSGAYPAELAVGFDAG
GRESFRFGGAACAVGGDGGHLLWTLPEAQAGERIPQEVVWDLLEETLWAFRRKAGRLPSRVLLLRNGRVPQDEFALALEA
LAREGIAYDLVSVRKSGGGRVYPVQGRLADGLYVPLEDKTFLLLTVHRDFRGTPRPLKLVHEAGDTPLEALAHQIFHLTR
LYPASGFAFPRLPAPLHLADRLVKEVGRLGIRHLKEVDREKLFFV
;
A,B
2 'polydeoxyribonucleotide'
;(DT)(DG)(DA)(DG)(DG)(DA)(DT)(DA)(DG)(DT)(DA)(DG)(DG)(DT)(DT)(DG)(DT)(DA)(DT)(DA)
(DG)(DT)
;
X,E
3 'polydeoxyribonucleotide' (DT)(DA)(DT)(DA)(DC)(DA)(DA)(DC)(DC)(DT)(DA)(DC)(DT)(DA)(DC)(DC)(DT)(DC)(DG) Y,F
4 'polydeoxyribonucleotide' (DA)(DG)(DT) C,D
#
# COMPACT_ATOMS: atom_id res chain seq x y z
N LEU A 4 23.43 -40.12 9.49
CA LEU A 4 24.46 -39.51 8.65
C LEU A 4 25.85 -39.29 9.32
N GLY A 5 26.12 -38.10 9.88
CA GLY A 5 27.45 -37.79 10.41
C GLY A 5 27.38 -36.65 11.42
N LYS A 6 28.51 -36.39 12.12
CA LYS A 6 28.48 -35.58 13.33
C LYS A 6 29.79 -34.84 13.60
N THR A 7 29.65 -33.64 14.20
CA THR A 7 30.68 -32.77 14.77
C THR A 7 30.03 -31.83 15.80
N GLU A 8 30.80 -31.43 16.82
CA GLU A 8 30.37 -30.45 17.82
C GLU A 8 30.77 -29.02 17.40
N VAL A 9 29.89 -28.03 17.66
CA VAL A 9 30.12 -26.63 17.27
C VAL A 9 30.02 -25.71 18.48
N PHE A 10 30.93 -24.74 18.54
CA PHE A 10 30.90 -23.64 19.47
C PHE A 10 29.81 -22.73 18.99
N LEU A 11 29.31 -21.88 19.88
CA LEU A 11 28.36 -20.86 19.50
C LEU A 11 28.89 -19.55 20.04
N ASN A 12 28.54 -18.46 19.41
CA ASN A 12 28.99 -17.16 19.87
C ASN A 12 28.35 -16.77 21.19
N ARG A 13 27.31 -17.46 21.60
CA ARG A 13 26.71 -17.20 22.88
C ARG A 13 27.66 -17.61 24.00
N PHE A 14 27.55 -16.98 25.16
CA PHE A 14 28.41 -17.28 26.29
C PHE A 14 27.60 -17.52 27.56
N ALA A 15 28.20 -18.25 28.50
CA ALA A 15 27.55 -18.65 29.73
C ALA A 15 28.03 -17.75 30.85
N LEU A 16 27.10 -17.01 31.47
CA LEU A 16 27.45 -16.10 32.54
C LEU A 16 26.80 -16.49 33.89
N ARG A 17 26.97 -15.62 34.89
CA ARG A 17 26.62 -15.90 36.29
C ARG A 17 25.13 -16.16 36.46
N PRO A 18 24.74 -17.10 37.34
CA PRO A 18 23.35 -17.19 37.77
C PRO A 18 22.94 -15.93 38.53
N LEU A 19 21.68 -15.51 38.31
CA LEU A 19 21.22 -14.22 38.80
C LEU A 19 21.06 -14.21 40.31
N ASN A 20 21.74 -13.26 40.97
CA ASN A 20 21.58 -13.13 42.40
C ASN A 20 20.13 -12.71 42.70
N PRO A 21 19.70 -12.81 43.96
CA PRO A 21 18.28 -12.54 44.25
C PRO A 21 17.87 -11.09 44.00
N GLU A 22 18.73 -10.13 44.36
CA GLU A 22 18.46 -8.69 44.24
C GLU A 22 18.22 -8.25 42.81
N GLU A 23 18.64 -9.06 41.83
CA GLU A 23 18.29 -8.91 40.42
C GLU A 23 16.94 -9.59 40.13
N LEU A 24 16.71 -10.77 40.71
CA LEU A 24 15.43 -11.45 40.49
C LEU A 24 14.28 -10.56 40.90
N ARG A 25 14.46 -9.79 41.97
CA ARG A 25 13.43 -8.97 42.57
C ARG A 25 13.61 -7.50 42.22
N PRO A 26 13.10 -7.04 41.09
CA PRO A 26 13.24 -5.62 40.78
C PRO A 26 12.18 -4.86 41.52
N TRP A 27 12.53 -3.65 41.99
CA TRP A 27 11.49 -2.74 42.43
C TRP A 27 10.49 -2.54 41.31
N ARG A 28 9.22 -2.51 41.64
CA ARG A 28 8.26 -2.12 40.62
C ARG A 28 7.61 -0.81 41.02
N LEU A 29 7.30 0.00 40.01
CA LEU A 29 6.68 1.29 40.23
C LEU A 29 5.40 1.38 39.43
N GLU A 30 4.29 1.67 40.09
CA GLU A 30 3.05 1.82 39.36
C GLU A 30 2.99 3.22 38.76
N VAL A 31 2.60 3.31 37.52
CA VAL A 31 2.55 4.58 36.85
C VAL A 31 1.14 5.13 36.92
N VAL A 32 1.04 6.40 37.21
CA VAL A 32 -0.19 7.13 37.02
C VAL A 32 0.15 8.40 36.28
N LEU A 33 -0.64 8.72 35.26
CA LEU A 33 -0.32 9.87 34.42
C LEU A 33 -1.61 10.55 33.95
N ASP A 34 -1.53 11.86 33.80
CA ASP A 34 -2.65 12.74 33.48
C ASP A 34 -2.33 13.54 32.20
N PRO A 35 -3.16 13.40 31.15
CA PRO A 35 -4.38 12.60 31.09
C PRO A 35 -4.06 11.15 30.83
N PRO A 36 -4.87 10.23 31.36
CA PRO A 36 -4.67 8.83 31.03
C PRO A 36 -4.76 8.64 29.52
N PRO A 37 -4.09 7.64 29.00
CA PRO A 37 -4.09 7.47 27.54
C PRO A 37 -4.92 6.29 27.09
N GLY A 38 -5.58 6.42 25.93
CA GLY A 38 -6.26 5.26 25.36
C GLY A 38 -5.28 4.18 24.94
N ARG A 39 -5.73 2.92 25.07
CA ARG A 39 -4.84 1.75 24.97
C ARG A 39 -3.84 1.84 23.81
N GLU A 40 -4.20 2.52 22.72
CA GLU A 40 -3.30 2.63 21.58
C GLU A 40 -1.99 3.33 21.95
N GLU A 41 -2.05 4.30 22.87
CA GLU A 41 -0.88 5.08 23.23
C GLU A 41 -0.23 4.63 24.54
N VAL A 42 -0.66 3.50 25.12
CA VAL A 42 -0.27 3.23 26.51
C VAL A 42 1.08 2.52 26.58
N TYR A 43 1.32 1.55 25.71
CA TYR A 43 2.58 0.81 25.77
C TYR A 43 3.78 1.74 25.46
N PRO A 44 3.68 2.62 24.45
CA PRO A 44 4.75 3.59 24.23
C PRO A 44 4.82 4.68 25.27
N LEU A 45 3.70 5.16 25.79
CA LEU A 45 3.83 6.14 26.86
C LEU A 45 4.61 5.53 28.03
N LEU A 46 4.39 4.26 28.32
CA LEU A 46 5.10 3.64 29.43
C LEU A 46 6.58 3.51 29.16
N ALA A 47 6.94 3.11 27.95
CA ALA A 47 8.34 3.02 27.58
C ALA A 47 9.02 4.38 27.69
N GLN A 48 8.35 5.44 27.20
CA GLN A 48 8.86 6.79 27.41
C GLN A 48 9.02 7.10 28.90
N VAL A 49 8.10 6.60 29.73
CA VAL A 49 8.24 6.78 31.17
C VAL A 49 9.45 6.01 31.68
N ALA A 50 9.65 4.78 31.21
CA ALA A 50 10.83 4.01 31.63
C ALA A 50 12.13 4.75 31.33
N ARG A 51 12.13 5.60 30.32
CA ARG A 51 13.37 6.29 29.99
C ARG A 51 13.50 7.60 30.73
N ARG A 52 12.38 8.27 30.98
CA ARG A 52 12.50 9.54 31.69
C ARG A 52 12.69 9.32 33.18
N ALA A 53 12.15 8.22 33.70
CA ALA A 53 12.29 7.92 35.10
C ALA A 53 13.77 7.75 35.37
N GLY A 54 14.45 7.13 34.41
CA GLY A 54 15.88 6.98 34.46
C GLY A 54 16.26 5.79 35.29
N GLY A 55 17.55 5.54 35.41
CA GLY A 55 18.02 4.40 36.16
C GLY A 55 17.91 3.23 35.22
N VAL A 56 18.13 2.03 35.72
CA VAL A 56 17.96 0.85 34.90
C VAL A 56 16.52 0.37 34.99
N THR A 57 15.63 1.02 34.26
CA THR A 57 14.21 0.69 34.35
C THR A 57 13.62 0.40 33.00
N VAL A 58 12.61 -0.47 33.00
CA VAL A 58 11.95 -0.85 31.79
C VAL A 58 10.48 -1.00 32.09
N ARG A 59 9.63 -0.87 31.09
CA ARG A 59 8.21 -1.05 31.30
C ARG A 59 7.95 -2.49 31.70
N MET A 60 6.98 -2.70 32.58
CA MET A 60 6.44 -4.02 32.83
C MET A 60 4.93 -3.92 32.92
N GLY A 61 4.21 -4.44 31.94
CA GLY A 61 2.76 -4.34 31.96
C GLY A 61 2.28 -2.91 31.99
N ASP A 62 1.47 -2.58 32.97
CA ASP A 62 0.91 -1.24 33.14
C ASP A 62 1.74 -0.40 34.09
N GLY A 63 2.92 -0.92 34.41
CA GLY A 63 3.83 -0.34 35.36
C GLY A 63 5.25 -0.54 34.91
N LEU A 64 6.20 0.02 35.65
CA LEU A 64 7.61 -0.20 35.35
C LEU A 64 8.26 -1.03 36.43
N ALA A 65 9.22 -1.86 36.05
CA ALA A 65 10.13 -2.51 36.95
C ALA A 65 11.47 -1.76 36.89
N SER A 66 12.27 -1.86 37.97
CA SER A 66 13.48 -1.07 38.06
C SER A 66 14.52 -1.71 38.96
N TRP A 67 15.70 -1.97 38.40
CA TRP A 67 16.84 -2.50 39.13
C TRP A 67 17.52 -1.45 40.00
N SER A 68 17.35 -0.25 39.69
CA SER A 68 17.81 0.88 40.48
C SER A 68 16.72 1.30 41.45
N PRO A 69 17.06 1.55 42.71
CA PRO A 69 16.03 1.81 43.72
C PRO A 69 15.29 3.11 43.42
N PRO A 70 14.03 3.21 43.86
CA PRO A 70 13.23 4.41 43.51
C PRO A 70 13.85 5.70 44.00
N GLU A 71 14.64 5.64 45.07
CA GLU A 71 15.26 6.82 45.67
C GLU A 71 16.19 7.56 44.71
N VAL A 72 16.56 6.94 43.60
CA VAL A 72 17.39 7.57 42.60
C VAL A 72 16.65 7.76 41.28
N LEU A 73 15.38 7.39 41.21
CA LEU A 73 14.62 7.58 39.99
C LEU A 73 13.87 8.90 40.05
N VAL A 74 13.67 9.49 38.87
CA VAL A 74 12.89 10.70 38.72
C VAL A 74 11.43 10.28 38.64
N LEU A 75 10.69 10.41 39.75
CA LEU A 75 9.34 9.85 39.82
C LEU A 75 8.26 10.76 39.23
N GLU A 76 8.55 12.04 39.00
CA GLU A 76 7.58 13.03 38.51
C GLU A 76 8.19 13.82 37.37
N GLY A 77 7.41 14.06 36.33
CA GLY A 77 7.87 14.90 35.24
C GLY A 77 6.88 14.91 34.09
N THR A 78 7.34 15.48 32.99
CA THR A 78 6.52 15.66 31.80
C THR A 78 7.12 14.94 30.60
N LEU A 79 6.23 14.55 29.65
CA LEU A 79 6.58 13.88 28.40
C LEU A 79 5.58 14.27 27.31
N ALA A 80 6.06 14.51 26.10
CA ALA A 80 5.17 14.72 24.98
C ALA A 80 5.25 13.56 24.02
N ARG A 81 4.10 12.95 23.75
CA ARG A 81 3.96 11.86 22.79
C ARG A 81 2.82 12.21 21.87
N MET A 82 3.01 12.04 20.57
CA MET A 82 2.02 12.51 19.63
C MET A 82 1.89 14.00 19.85
N GLY A 83 0.68 14.49 20.05
CA GLY A 83 0.46 15.89 20.35
C GLY A 83 0.27 16.26 21.81
N GLN A 84 -0.46 15.44 22.54
CA GLN A 84 -0.79 15.78 23.92
C GLN A 84 0.41 15.68 24.84
N THR A 85 0.45 16.52 25.86
CA THR A 85 1.55 16.54 26.83
C THR A 85 1.04 16.05 28.19
N TYR A 86 1.84 15.23 28.85
CA TYR A 86 1.40 14.47 30.00
C TYR A 86 2.33 14.77 31.16
N ALA A 87 1.80 14.63 32.36
CA ALA A 87 2.63 14.55 33.55
C ALA A 87 2.41 13.19 34.17
N TYR A 88 3.50 12.53 34.59
CA TYR A 88 3.44 11.21 35.20
C TYR A 88 3.96 11.26 36.64
N ARG A 89 3.45 10.35 37.45
CA ARG A 89 4.01 10.10 38.77
C ARG A 89 4.19 8.59 38.94
N LEU A 90 5.09 8.23 39.84
CA LEU A 90 5.43 6.84 40.09
C LEU A 90 5.30 6.56 41.57
N TYR A 91 4.61 5.47 41.89
CA TYR A 91 4.41 5.11 43.29
C TYR A 91 5.10 3.79 43.52
N PRO A 92 6.25 3.83 44.18
CA PRO A 92 7.11 2.65 44.30
C PRO A 92 6.45 1.57 45.13
N LYS A 93 6.98 0.37 45.00
CA LYS A 93 6.54 -0.74 45.82
C LYS A 93 7.75 -1.59 46.11
N GLY A 94 7.73 -2.30 47.24
CA GLY A 94 8.75 -3.29 47.47
C GLY A 94 8.80 -4.29 46.32
N ARG A 95 10.01 -4.79 46.06
CA ARG A 95 10.27 -5.62 44.89
C ARG A 95 9.71 -7.05 45.05
N ARG A 96 9.09 -7.54 43.96
CA ARG A 96 8.55 -8.90 43.85
C ARG A 96 9.34 -9.74 42.86
N PRO A 97 9.84 -10.91 43.28
CA PRO A 97 10.58 -11.78 42.36
C PRO A 97 9.79 -12.06 41.09
N LEU A 98 10.55 -12.39 40.03
CA LEU A 98 10.01 -12.62 38.71
C LEU A 98 10.40 -14.03 38.28
N ASP A 99 9.47 -14.71 37.64
CA ASP A 99 9.69 -16.09 37.27
C ASP A 99 10.50 -16.14 35.97
N PRO A 100 11.69 -16.76 35.97
CA PRO A 100 12.45 -16.87 34.72
C PRO A 100 11.82 -17.83 33.72
N LYS A 101 10.99 -18.78 34.17
CA LYS A 101 10.33 -19.67 33.22
C LYS A 101 9.21 -18.96 32.47
N ASP A 102 8.55 -18.03 33.15
CA ASP A 102 7.49 -17.26 32.52
C ASP A 102 8.10 -16.44 31.40
N PRO A 103 7.69 -16.65 30.14
CA PRO A 103 8.23 -15.81 29.05
C PRO A 103 8.13 -14.30 29.33
N GLY A 104 6.98 -13.83 29.79
CA GLY A 104 6.77 -12.39 29.90
C GLY A 104 7.58 -11.74 31.00
N GLU A 105 7.81 -12.45 32.10
CA GLU A 105 8.66 -11.91 33.15
C GLU A 105 10.14 -11.99 32.81
N ARG A 106 10.56 -13.02 32.04
CA ARG A 106 11.94 -13.02 31.54
C ARG A 106 12.10 -12.01 30.42
N SER A 107 11.02 -11.67 29.73
CA SER A 107 11.08 -10.56 28.79
C SER A 107 11.45 -9.26 29.51
N VAL A 108 11.06 -9.12 30.79
CA VAL A 108 11.42 -7.94 31.58
C VAL A 108 12.84 -8.04 32.13
N LEU A 109 13.23 -9.23 32.59
CA LEU A 109 14.61 -9.47 33.01
C LEU A 109 15.58 -9.51 31.81
N SER A 110 15.08 -9.73 30.59
CA SER A 110 15.92 -9.57 29.41
C SER A 110 16.14 -8.09 29.13
N ALA A 111 15.03 -7.33 29.05
CA ALA A 111 15.14 -5.89 28.85
C ALA A 111 15.91 -5.23 30.00
N LEU A 112 15.67 -5.67 31.23
CA LEU A 112 16.49 -5.17 32.33
C LEU A 112 17.95 -5.46 32.06
N ALA A 113 18.24 -6.61 31.46
CA ALA A 113 19.63 -6.92 31.16
C ALA A 113 20.16 -6.09 30.00
N ARG A 114 19.37 -5.90 28.95
CA ARG A 114 19.81 -5.00 27.87
C ARG A 114 20.18 -3.63 28.42
N ARG A 115 19.29 -3.02 29.20
CA ARG A 115 19.58 -1.69 29.71
C ARG A 115 20.61 -1.72 30.80
N LEU A 116 20.81 -2.86 31.47
CA LEU A 116 21.94 -2.89 32.40
C LEU A 116 23.23 -2.78 31.61
N LEU A 117 23.45 -3.73 30.71
CA LEU A 117 24.65 -3.75 29.86
C LEU A 117 24.91 -2.41 29.19
N GLN A 118 23.87 -1.77 28.63
CA GLN A 118 24.06 -0.50 27.95
C GLN A 118 24.54 0.60 28.88
N GLU A 119 23.90 0.74 30.06
CA GLU A 119 24.41 1.72 31.03
C GLU A 119 25.88 1.47 31.31
N ARG A 120 26.27 0.21 31.48
CA ARG A 120 27.65 -0.07 31.79
C ARG A 120 28.57 0.35 30.66
N LEU A 121 28.08 0.37 29.41
CA LEU A 121 28.96 0.65 28.27
C LEU A 121 29.33 2.13 28.18
N ARG A 122 28.39 3.02 28.48
CA ARG A 122 28.70 4.45 28.46
C ARG A 122 29.82 4.77 29.43
N ARG A 123 29.83 4.13 30.59
CA ARG A 123 30.68 4.60 31.66
C ARG A 123 32.15 4.27 31.44
N LEU A 124 32.48 3.40 30.49
CA LEU A 124 33.89 3.21 30.22
C LEU A 124 34.32 4.20 29.15
N GLU A 125 35.58 4.56 29.20
CA GLU A 125 36.17 5.34 28.11
C GLU A 125 37.53 4.69 27.87
N GLY A 126 38.23 5.01 26.79
CA GLY A 126 37.82 5.87 25.72
C GLY A 126 37.55 4.85 24.69
N VAL A 127 36.26 4.71 24.46
CA VAL A 127 35.72 3.64 23.67
C VAL A 127 34.60 4.26 22.89
N TRP A 128 34.30 3.74 21.71
CA TRP A 128 33.14 4.23 20.98
C TRP A 128 31.98 3.31 21.24
N VAL A 129 30.86 3.86 21.70
CA VAL A 129 29.65 3.07 21.93
C VAL A 129 28.49 3.60 21.10
N GLU A 130 27.84 2.71 20.37
CA GLU A 130 26.73 3.11 19.50
C GLU A 130 25.53 2.25 19.77
N GLY A 131 24.76 2.60 20.78
CA GLY A 131 23.74 1.72 21.29
C GLY A 131 24.32 0.52 21.99
N LEU A 132 24.01 -0.66 21.48
CA LEU A 132 24.48 -1.91 22.06
C LEU A 132 25.77 -2.43 21.44
N ALA A 133 26.36 -1.65 20.55
CA ALA A 133 27.59 -2.01 19.86
C ALA A 133 28.76 -1.23 20.43
N VAL A 134 29.85 -1.91 20.73
CA VAL A 134 31.01 -1.27 21.32
C VAL A 134 32.21 -1.50 20.40
N TYR A 135 33.16 -0.54 20.41
CA TYR A 135 34.31 -0.49 19.50
C TYR A 135 35.54 -0.05 20.27
N ARG A 136 36.41 -1.00 20.64
CA ARG A 136 37.52 -0.75 21.56
C ARG A 136 38.90 -0.64 20.92
N ARG A 137 39.09 -1.09 19.68
CA ARG A 137 40.42 -1.16 19.06
C ARG A 137 40.39 -0.46 17.69
N GLU A 138 41.55 -0.41 17.02
CA GLU A 138 41.74 0.38 15.80
C GLU A 138 42.30 -0.52 14.72
N HIS A 139 41.45 -0.87 13.77
CA HIS A 139 41.78 -1.81 12.73
C HIS A 139 42.83 -1.32 11.76
N ALA A 140 42.67 -0.11 11.26
CA ALA A 140 43.65 0.49 10.37
C ALA A 140 43.50 1.99 10.34
N ARG A 141 44.59 2.69 10.04
CA ARG A 141 44.60 4.13 10.09
C ARG A 141 44.99 4.73 8.76
N GLY A 142 44.35 5.83 8.44
CA GLY A 142 44.63 6.60 7.24
C GLY A 142 44.79 8.00 7.73
N PRO A 143 45.43 8.92 6.88
CA PRO A 143 45.61 10.23 7.49
C PRO A 143 44.27 10.88 7.79
N GLY A 144 43.38 10.80 6.82
CA GLY A 144 42.04 11.32 6.96
C GLY A 144 41.18 10.58 7.95
N TRP A 145 41.29 9.27 7.97
CA TRP A 145 40.33 8.39 8.61
C TRP A 145 40.95 7.36 9.52
N ARG A 146 40.12 6.75 10.34
CA ARG A 146 40.44 5.50 10.98
C ARG A 146 39.23 4.61 10.91
N VAL A 147 39.45 3.30 10.93
CA VAL A 147 38.35 2.38 11.13
C VAL A 147 38.60 1.63 12.43
N LEU A 148 37.63 1.71 13.32
CA LEU A 148 37.74 1.11 14.64
C LEU A 148 36.96 -0.19 14.69
N GLY A 149 37.20 -0.97 15.73
CA GLY A 149 36.76 -2.35 15.74
C GLY A 149 36.22 -2.80 17.09
N GLY A 150 35.48 -3.91 17.04
CA GLY A 150 34.79 -4.47 18.18
C GLY A 150 33.62 -5.33 17.73
N ALA A 151 32.60 -5.40 18.57
CA ALA A 151 31.52 -6.34 18.32
C ALA A 151 30.18 -5.74 18.71
N VAL A 152 29.09 -6.34 18.21
CA VAL A 152 27.76 -6.04 18.74
C VAL A 152 27.42 -6.99 19.88
N LEU A 153 26.77 -6.47 20.89
CA LEU A 153 26.52 -7.28 22.05
C LEU A 153 25.03 -7.36 22.31
N ASP A 154 24.71 -8.24 23.25
CA ASP A 154 23.38 -8.40 23.79
C ASP A 154 23.54 -9.21 25.08
N LEU A 155 22.80 -8.82 26.11
CA LEU A 155 22.84 -9.54 27.37
C LEU A 155 21.40 -9.83 27.79
N TRP A 156 20.98 -11.09 27.71
CA TRP A 156 19.62 -11.43 28.08
C TRP A 156 19.64 -12.50 29.17
N VAL A 157 18.44 -12.87 29.65
CA VAL A 157 18.28 -13.89 30.68
C VAL A 157 17.57 -15.08 30.06
N SER A 158 18.09 -16.27 30.36
CA SER A 158 17.63 -17.54 29.85
C SER A 158 16.46 -18.05 30.69
N ASP A 159 16.01 -19.28 30.39
CA ASP A 159 15.06 -19.94 31.28
C ASP A 159 15.74 -20.46 32.54
N SER A 160 16.99 -20.93 32.42
CA SER A 160 17.82 -21.31 33.56
C SER A 160 18.00 -20.20 34.61
N GLY A 161 17.67 -18.95 34.30
CA GLY A 161 17.95 -17.90 35.28
C GLY A 161 19.39 -17.45 35.34
N ALA A 162 20.12 -17.51 34.23
CA ALA A 162 21.50 -17.06 34.17
C ALA A 162 21.64 -16.04 33.05
N PHE A 163 22.67 -15.21 33.18
CA PHE A 163 22.91 -14.19 32.16
C PHE A 163 23.54 -14.83 30.93
N LEU A 164 23.05 -14.45 29.74
CA LEU A 164 23.62 -14.88 28.48
C LEU A 164 24.26 -13.71 27.77
N LEU A 165 25.37 -13.98 27.09
CA LEU A 165 26.10 -12.96 26.35
C LEU A 165 26.26 -13.36 24.91
N GLU A 166 25.99 -12.44 24.00
CA GLU A 166 26.15 -12.70 22.58
C GLU A 166 27.15 -11.74 21.99
N VAL A 167 28.16 -12.25 21.32
CA VAL A 167 29.14 -11.39 20.67
C VAL A 167 29.32 -11.73 19.21
N ASP A 168 29.24 -10.74 18.33
CA ASP A 168 29.66 -10.89 16.94
C ASP A 168 30.54 -9.70 16.58
N PRO A 169 31.85 -9.98 16.16
CA PRO A 169 32.63 -8.77 15.84
C PRO A 169 32.11 -7.96 14.66
N ALA A 170 32.14 -6.64 14.78
CA ALA A 170 31.78 -5.75 13.69
C ALA A 170 32.71 -4.55 13.64
N TYR A 171 32.93 -4.01 12.45
CA TYR A 171 33.78 -2.86 12.30
C TYR A 171 32.95 -1.62 11.99
N ARG A 172 33.63 -0.48 12.09
CA ARG A 172 33.01 0.83 11.91
C ARG A 172 34.07 1.79 11.33
N ILE A 173 33.66 2.64 10.38
CA ILE A 173 34.58 3.58 9.73
C ILE A 173 34.35 4.99 10.25
N LEU A 174 35.45 5.68 10.52
CA LEU A 174 35.44 7.02 11.11
C LEU A 174 36.26 7.96 10.23
N CYS A 175 35.60 8.77 9.41
CA CYS A 175 36.31 9.85 8.74
C CYS A 175 36.23 11.12 9.58
N GLU A 176 37.35 11.80 9.72
CA GLU A 176 37.37 13.03 10.47
C GLU A 176 37.92 14.19 9.66
N MET A 177 38.36 13.95 8.42
CA MET A 177 38.85 15.02 7.57
C MET A 177 37.69 15.76 6.94
N SER A 178 37.94 16.99 6.47
CA SER A 178 36.95 17.71 5.69
C SER A 178 36.91 17.17 4.26
N LEU A 179 36.03 17.72 3.44
CA LEU A 179 35.94 17.24 2.05
C LEU A 179 37.03 17.82 1.18
N GLU A 180 37.43 19.05 1.44
CA GLU A 180 38.48 19.61 0.63
C GLU A 180 39.85 19.03 0.99
N ALA A 181 40.10 18.65 2.26
CA ALA A 181 41.38 18.00 2.51
C ALA A 181 41.42 16.59 1.89
N TRP A 182 40.34 15.81 2.04
CA TRP A 182 40.30 14.48 1.45
C TRP A 182 40.55 14.53 -0.06
N LEU A 183 39.96 15.51 -0.72
CA LEU A 183 40.16 15.78 -2.13
C LEU A 183 41.59 16.19 -2.41
N ALA A 184 42.19 16.86 -1.43
CA ALA A 184 43.53 17.45 -1.52
C ALA A 184 44.63 16.41 -1.72
N GLN A 185 44.33 15.17 -1.37
CA GLN A 185 45.26 14.06 -1.51
C GLN A 185 44.99 13.36 -2.82
N GLY A 186 44.26 14.00 -3.70
CA GLY A 186 43.94 13.39 -4.98
C GLY A 186 43.21 12.08 -4.90
N HIS A 187 42.11 12.06 -4.16
CA HIS A 187 41.24 10.92 -4.09
C HIS A 187 39.86 11.25 -4.63
N PRO A 188 39.22 10.24 -5.36
CA PRO A 188 38.01 10.68 -6.06
C PRO A 188 36.88 11.03 -5.12
N LEU A 189 35.91 11.79 -5.60
CA LEU A 189 34.85 12.23 -4.73
C LEU A 189 34.03 11.07 -4.22
N PRO A 190 33.74 11.13 -2.94
CA PRO A 190 32.93 10.13 -2.23
C PRO A 190 31.51 10.16 -2.77
N LYS A 191 30.82 9.03 -2.64
CA LYS A 191 29.43 8.97 -3.07
C LYS A 191 28.59 9.98 -2.28
N ARG A 192 28.82 10.07 -0.97
CA ARG A 192 28.03 10.92 -0.09
C ARG A 192 28.96 11.78 0.77
N VAL A 193 28.35 12.57 1.63
CA VAL A 193 29.04 13.67 2.27
C VAL A 193 28.11 14.30 3.29
N ARG A 194 28.67 14.88 4.34
CA ARG A 194 27.93 15.25 5.52
C ARG A 194 28.34 16.66 5.89
N ASN A 195 27.45 17.40 6.52
CA ASN A 195 27.81 18.71 7.02
C ASN A 195 28.85 18.56 8.11
N ALA A 196 29.83 19.44 8.12
CA ALA A 196 30.81 19.46 9.19
C ALA A 196 30.17 19.78 10.52
N TYR A 197 29.21 20.68 10.49
CA TYR A 197 28.59 21.20 11.69
C TYR A 197 27.38 20.43 12.19
N ASP A 198 26.92 19.45 11.43
CA ASP A 198 25.76 18.69 11.86
C ASP A 198 25.61 17.34 11.20
N ARG A 199 24.62 16.59 11.66
CA ARG A 199 24.28 15.28 11.15
C ARG A 199 23.82 15.26 9.70
N ARG A 200 23.17 16.30 9.23
CA ARG A 200 22.49 16.22 7.95
C ARG A 200 23.47 15.82 6.89
N THR A 201 23.07 14.88 6.06
CA THR A 201 23.92 14.27 5.07
C THR A 201 23.45 14.66 3.67
N TRP A 202 24.36 15.13 2.86
CA TRP A 202 24.05 15.48 1.49
C TRP A 202 24.48 14.33 0.60
N GLU A 203 24.33 14.50 -0.71
CA GLU A 203 24.81 13.53 -1.69
C GLU A 203 25.54 14.29 -2.79
N LEU A 204 26.87 14.15 -2.82
CA LEU A 204 27.73 14.98 -3.67
C LEU A 204 27.41 14.76 -5.13
N LEU A 205 27.56 15.81 -5.94
CA LEU A 205 27.38 15.69 -7.38
C LEU A 205 28.57 16.13 -8.22
N ARG A 206 29.01 17.37 -8.02
CA ARG A 206 30.20 17.89 -8.68
C ARG A 206 30.88 19.00 -7.89
N LEU A 207 32.16 19.17 -8.11
CA LEU A 207 32.95 20.22 -7.46
C LEU A 207 32.64 21.67 -7.83
N GLY A 208 32.36 21.92 -9.10
CA GLY A 208 31.89 23.22 -9.53
C GLY A 208 33.05 24.18 -9.68
N GLU A 209 32.79 25.35 -10.28
CA GLU A 209 33.84 26.31 -10.52
C GLU A 209 33.72 27.61 -9.76
N GLU A 210 32.53 27.93 -9.30
CA GLU A 210 32.24 29.32 -8.98
C GLU A 210 33.05 29.78 -7.78
N ASP A 211 33.16 31.11 -7.63
CA ASP A 211 33.81 31.75 -6.47
C ASP A 211 32.80 31.98 -5.36
N PRO A 212 32.93 31.30 -4.21
CA PRO A 212 31.90 31.44 -3.15
C PRO A 212 31.73 32.87 -2.62
N LYS A 213 32.79 33.69 -2.62
CA LYS A 213 32.63 35.11 -2.32
C LYS A 213 31.68 35.82 -3.29
N GLU A 214 31.43 35.27 -4.50
CA GLU A 214 30.61 35.93 -5.52
C GLU A 214 29.34 35.15 -5.88
N LEU A 215 29.05 34.07 -5.20
CA LEU A 215 27.98 33.20 -5.65
C LEU A 215 26.60 33.76 -5.26
N PRO A 216 25.57 33.45 -6.04
CA PRO A 216 24.22 33.94 -5.73
C PRO A 216 23.40 32.96 -4.91
N LEU A 217 22.69 33.50 -3.94
CA LEU A 217 21.77 32.72 -3.13
C LEU A 217 20.39 33.34 -3.27
N PRO A 218 19.32 32.47 -3.06
CA PRO A 218 18.00 33.11 -3.22
C PRO A 218 17.88 34.24 -2.23
N GLY A 219 18.52 34.06 -1.09
CA GLY A 219 18.42 34.96 0.03
C GLY A 219 19.00 36.34 -0.27
N GLY A 220 19.76 36.48 -1.34
CA GLY A 220 20.45 37.73 -1.57
C GLY A 220 21.69 37.80 -0.71
N LEU A 221 22.14 36.63 -0.31
CA LEU A 221 23.30 36.43 0.53
C LEU A 221 24.18 35.51 -0.28
N SER A 222 25.43 35.33 0.14
CA SER A 222 26.39 34.56 -0.66
C SER A 222 26.81 33.32 0.07
N LEU A 223 27.26 32.32 -0.67
CA LEU A 223 27.51 31.04 -0.06
C LEU A 223 28.54 31.19 1.04
N LEU A 224 29.61 31.91 0.77
CA LEU A 224 30.64 32.06 1.75
C LEU A 224 30.06 32.79 2.92
N ASP A 225 29.27 33.82 2.62
CA ASP A 225 28.64 34.64 3.65
C ASP A 225 27.59 33.94 4.49
N TYR A 226 26.77 33.12 3.85
CA TYR A 226 25.65 32.54 4.58
C TYR A 226 26.16 31.66 5.69
N HIS A 227 27.13 30.82 5.36
CA HIS A 227 27.73 29.91 6.32
C HIS A 227 28.47 30.69 7.38
N ALA A 228 29.15 31.73 6.95
CA ALA A 228 29.90 32.58 7.85
C ALA A 228 28.98 33.28 8.80
N SER A 229 27.82 33.69 8.31
CA SER A 229 26.87 34.37 9.17
C SER A 229 26.44 33.42 10.26
N LYS A 230 26.17 32.19 9.88
CA LYS A 230 25.68 31.18 10.79
C LYS A 230 26.79 30.70 11.69
N GLY A 231 28.00 31.10 11.35
CA GLY A 231 29.14 30.90 12.23
C GLY A 231 29.80 29.54 12.21
N ARG A 232 29.53 28.80 11.16
CA ARG A 232 30.13 27.49 10.98
C ARG A 232 31.64 27.53 10.82
N LEU A 233 32.13 28.54 10.12
CA LEU A 233 33.50 28.57 9.64
C LEU A 233 34.52 29.33 10.49
N GLN A 234 34.21 29.55 11.75
CA GLN A 234 35.22 30.01 12.70
C GLN A 234 36.32 28.99 12.92
N GLY A 235 35.94 27.73 13.10
CA GLY A 235 36.88 26.64 13.21
C GLY A 235 37.69 26.31 11.98
N ARG A 236 37.02 26.40 10.84
CA ARG A 236 37.52 25.86 9.59
C ARG A 236 37.38 26.92 8.53
N GLU A 237 38.08 26.78 7.41
CA GLU A 237 37.89 27.71 6.31
C GLU A 237 37.28 26.98 5.13
N GLY A 238 36.27 27.58 4.53
CA GLY A 238 35.47 26.93 3.50
C GLY A 238 36.08 26.51 2.18
N GLY A 239 36.93 27.33 1.60
CA GLY A 239 37.57 26.95 0.36
C GLY A 239 36.66 26.66 -0.82
N ARG A 240 36.88 25.51 -1.44
CA ARG A 240 36.28 25.15 -2.72
C ARG A 240 34.78 24.91 -2.67
N VAL A 241 34.11 25.21 -3.76
CA VAL A 241 32.66 25.17 -3.83
C VAL A 241 32.16 23.82 -4.32
N ALA A 242 31.38 23.15 -3.49
CA ALA A 242 30.84 21.84 -3.85
C ALA A 242 29.41 21.98 -4.32
N TRP A 243 28.99 21.10 -5.21
CA TRP A 243 27.58 20.99 -5.57
C TRP A 243 27.01 19.70 -5.00
N VAL A 244 26.12 19.82 -4.03
CA VAL A 244 25.49 18.65 -3.44
C VAL A 244 24.02 18.62 -3.85
N ALA A 245 23.33 17.52 -3.51
CA ALA A 245 21.91 17.38 -3.83
C ALA A 245 21.25 16.41 -2.84
N ASP A 246 20.00 16.71 -2.49
CA ASP A 246 19.31 16.03 -1.39
C ASP A 246 18.92 14.62 -1.85
N PRO A 247 19.20 13.57 -1.07
CA PRO A 247 18.74 12.24 -1.51
C PRO A 247 17.23 12.16 -1.56
N LYS A 248 16.53 12.85 -0.68
CA LYS A 248 15.08 12.74 -0.68
C LYS A 248 14.51 13.22 -2.00
N ASP A 249 15.01 14.35 -2.48
CA ASP A 249 14.72 14.79 -3.83
C ASP A 249 16.00 15.17 -4.54
N PRO A 250 16.43 14.32 -5.57
CA PRO A 250 17.73 14.69 -6.14
C PRO A 250 17.75 16.07 -6.79
N ARG A 251 16.69 16.43 -7.51
CA ARG A 251 16.57 17.80 -7.97
C ARG A 251 16.25 18.64 -6.74
N LYS A 252 16.88 19.80 -6.62
CA LYS A 252 17.77 20.37 -7.62
C LYS A 252 19.13 20.54 -6.96
N PRO A 253 20.22 20.72 -7.82
CA PRO A 253 21.51 20.73 -7.12
C PRO A 253 21.57 21.87 -6.13
N ILE A 254 22.16 21.64 -4.97
CA ILE A 254 22.24 22.66 -3.94
C ILE A 254 23.70 23.01 -3.71
N PRO A 255 24.05 24.29 -3.65
CA PRO A 255 25.44 24.68 -3.49
C PRO A 255 25.87 24.60 -2.03
N HIS A 256 27.18 24.50 -1.83
CA HIS A 256 27.81 24.14 -0.55
C HIS A 256 29.32 24.31 -0.67
N LEU A 257 29.97 24.65 0.45
CA LEU A 257 31.42 24.83 0.48
C LEU A 257 32.11 23.57 0.98
N THR A 258 33.05 23.02 0.18
CA THR A 258 33.67 21.75 0.55
C THR A 258 34.34 21.85 1.92
N GLY A 259 34.98 22.98 2.21
CA GLY A 259 35.65 23.12 3.47
C GLY A 259 34.78 22.80 4.67
N LEU A 260 33.45 22.72 4.49
CA LEU A 260 32.51 22.40 5.56
C LEU A 260 31.73 21.12 5.30
N LEU A 261 31.98 20.42 4.22
CA LEU A 261 31.46 19.07 4.07
C LEU A 261 32.49 18.07 4.59
N VAL A 262 32.01 16.90 4.97
CA VAL A 262 32.87 15.82 5.45
C VAL A 262 32.56 14.62 4.56
N PRO A 263 33.55 14.02 3.91
CA PRO A 263 33.26 12.81 3.15
C PRO A 263 32.84 11.72 4.12
N VAL A 264 31.93 10.86 3.68
CA VAL A 264 31.52 9.68 4.43
C VAL A 264 32.00 8.47 3.65
N LEU A 265 32.94 7.72 4.22
CA LEU A 265 33.71 6.76 3.45
C LEU A 265 33.05 5.38 3.45
N THR A 266 33.24 4.65 2.34
CA THR A 266 32.95 3.22 2.28
C THR A 266 34.21 2.43 1.91
N LEU A 267 34.03 1.13 1.72
CA LEU A 267 35.16 0.32 1.32
C LEU A 267 35.66 0.75 -0.05
N GLU A 268 34.77 1.21 -0.93
CA GLU A 268 35.17 1.75 -2.22
C GLU A 268 35.96 3.06 -2.10
N ASP A 269 35.69 3.88 -1.09
CA ASP A 269 36.58 5.01 -0.83
C ASP A 269 37.79 4.59 -0.03
N LEU A 270 37.61 3.68 0.93
CA LEU A 270 38.71 3.17 1.74
C LEU A 270 39.69 2.35 0.93
N HIS A 271 39.25 1.73 -0.18
CA HIS A 271 40.12 0.79 -0.88
C HIS A 271 41.20 1.52 -1.71
N GLU A 272 40.96 2.78 -2.09
CA GLU A 272 42.04 3.57 -2.70
C GLU A 272 43.22 3.68 -1.75
N GLU A 273 42.96 3.82 -0.45
CA GLU A 273 44.00 3.97 0.56
C GLU A 273 44.49 2.64 1.15
N GLU A 274 43.68 1.56 1.09
CA GLU A 274 44.00 0.33 1.79
C GLU A 274 43.91 -0.92 0.90
N GLY A 275 43.91 -0.76 -0.42
CA GLY A 275 43.67 -1.89 -1.29
C GLY A 275 42.38 -2.61 -0.93
N SER A 276 42.47 -3.89 -0.67
CA SER A 276 41.33 -4.63 -0.16
C SER A 276 41.47 -4.66 1.37
N LEU A 277 40.60 -3.96 2.08
CA LEU A 277 40.62 -4.07 3.53
C LEU A 277 39.60 -5.11 3.96
N ALA A 278 40.06 -6.11 4.70
CA ALA A 278 39.21 -7.23 5.11
C ALA A 278 38.33 -6.75 6.27
N LEU A 279 37.25 -6.07 5.89
CA LEU A 279 36.15 -5.91 6.84
C LEU A 279 35.49 -7.25 7.08
N SER A 280 35.23 -7.99 5.99
CA SER A 280 34.87 -9.40 6.05
C SER A 280 35.90 -10.19 6.87
N LEU A 281 35.48 -10.77 7.86
CA LEU A 281 36.46 -11.44 8.67
C LEU A 281 36.52 -12.93 8.29
N PRO A 282 37.72 -13.50 8.23
CA PRO A 282 37.85 -14.96 8.04
C PRO A 282 37.40 -15.70 9.29
N TRP A 283 36.65 -16.80 9.08
CA TRP A 283 36.01 -17.45 10.22
C TRP A 283 37.00 -17.73 11.36
N GLU A 284 38.26 -18.04 11.05
CA GLU A 284 39.18 -18.35 12.14
C GLU A 284 39.47 -17.13 12.99
N GLU A 285 39.50 -15.92 12.39
CA GLU A 285 39.76 -14.70 13.14
C GLU A 285 38.50 -14.18 13.84
N ARG A 286 37.36 -14.21 13.14
CA ARG A 286 36.11 -13.88 13.78
C ARG A 286 35.94 -14.65 15.08
N ARG A 287 35.95 -15.98 14.96
CA ARG A 287 35.86 -16.82 16.16
C ARG A 287 36.96 -16.48 17.16
N ARG A 288 38.10 -15.99 16.68
CA ARG A 288 39.17 -15.60 17.61
C ARG A 288 38.85 -14.28 18.29
N ARG A 289 38.21 -13.34 17.58
CA ARG A 289 37.85 -12.07 18.22
C ARG A 289 36.69 -12.26 19.20
N THR A 290 35.66 -12.99 18.78
CA THR A 290 34.52 -13.24 19.66
C THR A 290 34.96 -13.74 21.03
N ARG A 291 35.72 -14.83 21.08
CA ARG A 291 36.21 -15.32 22.37
C ARG A 291 36.94 -14.21 23.13
N GLU A 292 37.87 -13.53 22.46
CA GLU A 292 38.65 -12.44 23.07
C GLU A 292 37.72 -11.37 23.66
N ILE A 293 36.88 -10.77 22.82
CA ILE A 293 36.11 -9.61 23.24
C ILE A 293 35.22 -9.97 24.40
N ALA A 294 34.55 -11.13 24.31
CA ALA A 294 33.69 -11.57 25.39
C ALA A 294 34.46 -11.65 26.72
N SER A 295 35.70 -12.11 26.68
CA SER A 295 36.51 -12.01 27.87
C SER A 295 36.66 -10.56 28.32
N TRP A 296 36.84 -9.64 27.38
CA TRP A 296 37.05 -8.25 27.75
C TRP A 296 35.82 -7.64 28.37
N ILE A 297 34.64 -7.97 27.83
CA ILE A 297 33.41 -7.62 28.50
C ILE A 297 33.39 -8.20 29.90
N GLY A 298 33.49 -9.54 29.99
CA GLY A 298 33.36 -10.22 31.27
C GLY A 298 34.33 -9.72 32.32
N ARG A 299 35.53 -9.34 31.90
CA ARG A 299 36.46 -8.74 32.85
C ARG A 299 35.99 -7.35 33.27
N ARG A 300 35.09 -6.74 32.49
CA ARG A 300 34.55 -5.44 32.85
C ARG A 300 33.22 -5.54 33.57
N LEU A 301 32.37 -6.44 33.10
CA LEU A 301 30.99 -6.60 33.58
C LEU A 301 30.75 -7.06 35.00
N GLY A 302 31.54 -8.00 35.49
CA GLY A 302 31.31 -8.53 36.82
C GLY A 302 30.21 -9.56 36.92
N LEU A 303 29.83 -10.14 35.79
CA LEU A 303 28.82 -11.18 35.74
C LEU A 303 29.46 -12.54 35.68
N GLY A 304 30.76 -12.59 35.93
CA GLY A 304 31.50 -13.84 35.96
C GLY A 304 32.09 -14.19 34.62
N THR A 305 32.97 -15.19 34.61
CA THR A 305 33.64 -15.59 33.39
C THR A 305 32.68 -16.33 32.46
N PRO A 306 32.74 -16.02 31.17
CA PRO A 306 31.89 -16.70 30.19
C PRO A 306 32.46 -18.04 29.75
N GLU A 307 31.59 -19.03 29.63
CA GLU A 307 31.91 -20.35 29.12
C GLU A 307 31.20 -20.47 27.78
N ALA A 308 31.97 -20.44 26.69
CA ALA A 308 31.42 -20.51 25.35
C ALA A 308 30.44 -21.66 25.24
N VAL A 309 29.18 -21.35 24.95
CA VAL A 309 28.20 -22.43 24.88
C VAL A 309 28.45 -23.26 23.64
N ARG A 310 28.41 -24.58 23.78
CA ARG A 310 28.60 -25.52 22.68
C ARG A 310 27.32 -26.26 22.36
N ALA A 311 27.12 -26.56 21.08
CA ALA A 311 25.98 -27.34 20.66
C ALA A 311 26.45 -28.52 19.82
N GLN A 312 25.80 -29.68 20.00
CA GLN A 312 26.07 -30.78 19.10
C GLN A 312 25.65 -30.40 17.69
N ALA A 313 26.26 -31.06 16.70
CA ALA A 313 25.88 -30.75 15.32
C ALA A 313 26.09 -31.96 14.43
N TYR A 314 25.50 -31.91 13.23
CA TYR A 314 25.46 -33.07 12.35
C TYR A 314 25.63 -32.63 10.91
N ARG A 315 26.46 -33.35 10.16
CA ARG A 315 26.78 -32.97 8.79
C ARG A 315 25.82 -33.61 7.78
N LEU A 316 25.03 -32.78 7.14
CA LEU A 316 24.03 -33.26 6.19
C LEU A 316 24.65 -33.88 4.94
N SER A 317 23.97 -34.87 4.38
CA SER A 317 24.49 -35.58 3.24
C SER A 317 24.63 -34.65 2.05
N ILE A 318 25.78 -34.74 1.39
CA ILE A 318 26.07 -33.83 0.32
C ILE A 318 25.01 -34.04 -0.71
N PRO A 319 24.60 -32.88 -1.38
CA PRO A 319 23.51 -33.12 -2.32
C PRO A 319 24.07 -33.08 -3.71
N LYS A 320 23.70 -34.03 -4.55
CA LYS A 320 24.23 -34.03 -5.90
C LYS A 320 23.19 -33.58 -6.89
N LEU A 321 23.49 -32.52 -7.61
CA LEU A 321 22.69 -32.15 -8.76
C LEU A 321 23.08 -33.24 -9.72
N MET A 322 22.33 -33.44 -10.80
CA MET A 322 22.68 -34.54 -11.70
C MET A 322 22.47 -34.38 -13.20
N GLY A 323 23.10 -35.27 -13.96
CA GLY A 323 22.96 -35.29 -15.40
C GLY A 323 22.94 -36.70 -15.92
N VAL A 327 26.87 -34.10 -11.10
CA VAL A 327 27.37 -32.73 -11.22
C VAL A 327 27.75 -32.18 -9.82
N SER A 328 28.80 -31.34 -9.80
CA SER A 328 29.28 -30.71 -8.58
C SER A 328 28.89 -29.25 -8.48
N LYS A 329 28.80 -28.57 -9.61
CA LYS A 329 28.23 -27.24 -9.68
C LYS A 329 27.41 -27.18 -10.94
N PRO A 330 26.33 -26.42 -10.89
CA PRO A 330 25.43 -26.34 -12.01
C PRO A 330 26.15 -25.90 -13.24
N ALA A 331 27.14 -25.03 -13.11
CA ALA A 331 27.88 -24.57 -14.28
C ALA A 331 28.57 -25.73 -15.00
N ASP A 332 29.02 -26.70 -14.22
CA ASP A 332 29.70 -27.87 -14.74
C ASP A 332 28.72 -28.56 -15.66
N ALA A 333 27.46 -28.53 -15.25
CA ALA A 333 26.37 -29.10 -16.02
C ALA A 333 26.06 -28.39 -17.34
N LEU A 334 26.42 -27.11 -17.49
CA LEU A 334 25.90 -26.36 -18.63
C LEU A 334 26.28 -26.96 -19.98
N ARG A 335 27.54 -27.32 -20.16
CA ARG A 335 27.95 -27.92 -21.42
C ARG A 335 27.37 -29.32 -21.65
N VAL A 336 27.33 -30.11 -20.58
CA VAL A 336 26.87 -31.50 -20.65
C VAL A 336 25.34 -31.59 -20.52
N GLY A 337 24.82 -32.80 -20.39
CA GLY A 337 23.38 -32.99 -20.27
C GLY A 337 22.72 -32.50 -18.98
N PHE A 338 21.61 -31.81 -19.16
CA PHE A 338 20.80 -31.27 -18.07
C PHE A 338 20.00 -32.40 -17.49
N TYR A 339 19.40 -32.23 -16.33
CA TYR A 339 18.61 -33.32 -15.77
C TYR A 339 17.48 -33.57 -16.73
N ARG A 340 16.92 -32.47 -17.24
CA ARG A 340 15.89 -32.55 -18.26
C ARG A 340 16.22 -31.56 -19.36
N ALA A 341 15.79 -31.87 -20.57
CA ALA A 341 15.99 -30.98 -21.69
C ALA A 341 14.75 -31.00 -22.54
N GLN A 342 14.45 -29.89 -23.20
CA GLN A 342 13.31 -29.84 -24.09
C GLN A 342 13.66 -29.15 -25.38
N GLU A 343 12.99 -29.53 -26.47
CA GLU A 343 13.24 -28.89 -27.75
C GLU A 343 12.89 -27.44 -27.53
N THR A 344 13.75 -26.55 -27.96
CA THR A 344 13.64 -25.18 -27.50
C THR A 344 14.10 -24.14 -28.51
N ALA A 345 13.62 -22.93 -28.35
CA ALA A 345 13.95 -21.85 -29.23
C ALA A 345 14.33 -20.65 -28.39
N LEU A 346 15.21 -19.81 -28.93
CA LEU A 346 15.65 -18.59 -28.26
C LEU A 346 15.85 -17.48 -29.29
N ALA A 347 15.87 -16.23 -28.83
CA ALA A 347 16.00 -15.10 -29.75
C ALA A 347 17.00 -14.09 -29.23
N LEU A 348 17.52 -13.24 -30.10
CA LEU A 348 18.42 -12.15 -29.72
C LEU A 348 17.86 -10.81 -30.17
N LEU A 349 17.83 -9.82 -29.29
CA LEU A 349 17.50 -8.45 -29.69
C LEU A 349 18.29 -7.41 -28.90
N ARG A 350 18.89 -6.44 -29.57
CA ARG A 350 19.54 -5.33 -28.85
C ARG A 350 19.90 -4.12 -29.70
N LEU A 351 20.30 -3.06 -29.02
CA LEU A 351 20.71 -1.84 -29.68
C LEU A 351 22.08 -1.39 -29.19
N ASP A 352 23.13 -1.97 -29.75
CA ASP A 352 24.48 -1.55 -29.42
C ASP A 352 24.70 -0.09 -29.81
N GLY A 353 24.25 0.29 -31.00
CA GLY A 353 23.74 -0.61 -32.02
C GLY A 353 24.58 -0.48 -33.28
N ALA A 354 24.84 -1.59 -34.00
CA ALA A 354 24.15 -2.87 -33.84
C ALA A 354 25.10 -4.02 -34.15
N GLN A 355 24.63 -5.22 -33.86
CA GLN A 355 25.45 -6.41 -33.69
C GLN A 355 24.91 -7.68 -34.36
N GLY A 356 25.70 -8.74 -34.23
CA GLY A 356 25.36 -10.06 -34.75
C GLY A 356 25.58 -11.06 -33.63
N TRP A 357 24.98 -12.23 -33.72
CA TRP A 357 25.18 -13.19 -32.66
C TRP A 357 26.55 -13.78 -32.87
N PRO A 358 27.39 -13.81 -31.84
CA PRO A 358 28.69 -14.45 -32.10
C PRO A 358 28.67 -15.97 -32.05
N GLU A 359 29.66 -16.60 -32.69
CA GLU A 359 29.75 -18.06 -32.74
C GLU A 359 29.96 -18.75 -31.39
N PHE A 360 30.70 -18.13 -30.48
CA PHE A 360 31.03 -18.80 -29.22
C PHE A 360 29.84 -19.17 -28.34
N LEU A 361 28.81 -18.33 -28.32
CA LEU A 361 27.62 -18.60 -27.52
C LEU A 361 26.93 -19.89 -27.97
N ARG A 362 26.82 -20.07 -29.27
CA ARG A 362 26.10 -21.20 -29.83
C ARG A 362 26.72 -22.52 -29.44
N ARG A 363 28.05 -22.53 -29.39
CA ARG A 363 28.83 -23.74 -29.18
C ARG A 363 28.52 -24.33 -27.84
N ALA A 364 28.40 -23.48 -26.82
CA ALA A 364 28.12 -23.95 -25.48
C ALA A 364 26.75 -24.61 -25.47
N LEU A 365 25.80 -23.99 -26.15
CA LEU A 365 24.45 -24.54 -26.23
C LEU A 365 24.45 -25.86 -26.96
N LEU A 366 25.22 -25.93 -28.05
CA LEU A 366 25.32 -27.16 -28.81
C LEU A 366 25.98 -28.34 -28.09
N ARG A 367 27.03 -28.06 -27.35
CA ARG A 367 27.82 -29.04 -26.61
C ARG A 367 26.93 -29.74 -25.58
N ALA A 368 26.09 -28.96 -24.93
CA ALA A 368 25.16 -29.42 -23.89
C ALA A 368 23.97 -30.15 -24.48
N PHE A 369 23.42 -29.61 -25.55
CA PHE A 369 22.34 -30.26 -26.26
C PHE A 369 22.89 -31.56 -26.79
N GLY A 370 24.12 -31.50 -27.28
CA GLY A 370 24.78 -32.66 -27.84
C GLY A 370 25.01 -33.77 -26.84
N ALA A 371 25.43 -33.42 -25.63
CA ALA A 371 25.60 -34.40 -24.55
C ALA A 371 24.29 -35.02 -24.11
N SER A 372 23.27 -34.18 -23.97
CA SER A 372 21.97 -34.63 -23.47
C SER A 372 21.17 -35.31 -24.58
N GLY A 373 21.28 -34.78 -25.81
CA GLY A 373 20.62 -35.38 -26.95
C GLY A 373 19.37 -34.68 -27.43
N ALA A 374 19.18 -33.41 -27.07
CA ALA A 374 17.97 -32.66 -27.40
C ALA A 374 18.30 -31.66 -28.50
N SER A 375 17.43 -31.58 -29.50
CA SER A 375 17.68 -30.68 -30.62
C SER A 375 17.63 -29.23 -30.16
N LEU A 376 18.61 -28.42 -30.59
CA LEU A 376 18.70 -27.02 -30.19
C LEU A 376 18.41 -26.12 -31.37
N ARG A 377 17.66 -25.05 -31.12
CA ARG A 377 17.49 -23.99 -32.10
C ARG A 377 18.12 -22.72 -31.56
N LEU A 378 18.18 -21.71 -32.42
CA LEU A 378 18.55 -20.34 -32.10
C LEU A 378 17.98 -19.50 -33.26
N HIS A 379 17.91 -18.20 -33.07
CA HIS A 379 17.31 -17.37 -34.10
C HIS A 379 17.81 -15.95 -33.91
N THR A 380 17.23 -15.02 -34.64
CA THR A 380 17.59 -13.61 -34.54
C THR A 380 16.34 -12.77 -34.50
N LEU A 381 16.51 -11.56 -34.00
CA LEU A 381 15.46 -10.57 -34.04
C LEU A 381 16.11 -9.20 -34.18
N HIS A 382 15.33 -8.23 -34.66
CA HIS A 382 15.84 -6.90 -34.92
C HIS A 382 14.86 -5.89 -34.33
N ALA A 383 15.34 -4.95 -33.53
CA ALA A 383 14.44 -4.14 -32.69
C ALA A 383 14.39 -2.63 -32.94
N HIS A 384 13.18 -2.09 -33.11
CA HIS A 384 12.97 -0.66 -33.28
C HIS A 384 12.35 -0.11 -32.01
N PRO A 385 13.10 0.86 -31.31
CA PRO A 385 12.48 1.26 -30.04
C PRO A 385 11.78 2.61 -30.04
N SER A 386 12.08 3.48 -30.99
CA SER A 386 11.46 4.80 -30.95
C SER A 386 9.94 4.77 -31.15
N GLN A 387 9.46 4.03 -32.13
CA GLN A 387 8.02 3.76 -32.24
C GLN A 387 7.50 2.49 -31.53
N GLY A 388 8.31 1.42 -31.54
CA GLY A 388 8.08 0.22 -30.75
C GLY A 388 7.05 -0.77 -31.27
N LEU A 389 6.50 -0.48 -32.44
CA LEU A 389 5.39 -1.26 -32.97
C LEU A 389 5.70 -2.72 -33.28
N ALA A 390 6.88 -2.97 -33.85
CA ALA A 390 7.23 -4.28 -34.39
C ALA A 390 7.36 -5.37 -33.35
N PHE A 391 7.59 -4.98 -32.11
CA PHE A 391 7.96 -5.95 -31.09
C PHE A 391 6.88 -6.99 -30.99
N ARG A 392 5.63 -6.57 -31.12
CA ARG A 392 4.55 -7.52 -31.18
C ARG A 392 4.67 -8.40 -32.41
N GLU A 393 5.00 -7.80 -33.54
CA GLU A 393 5.01 -8.57 -34.77
C GLU A 393 6.05 -9.65 -34.58
N ALA A 394 7.15 -9.26 -33.97
CA ALA A 394 8.16 -10.22 -33.58
C ALA A 394 7.56 -11.32 -32.72
N LEU A 395 6.84 -10.94 -31.65
CA LEU A 395 6.26 -11.91 -30.74
C LEU A 395 5.51 -13.00 -31.48
N ARG A 396 4.75 -12.62 -32.51
CA ARG A 396 4.05 -13.61 -33.34
C ARG A 396 5.00 -14.52 -34.11
N LYS A 397 5.98 -13.93 -34.76
CA LYS A 397 7.10 -14.70 -35.30
C LYS A 397 7.89 -15.35 -34.17
N ALA A 398 8.15 -14.61 -33.09
CA ALA A 398 8.84 -15.22 -31.94
C ALA A 398 8.02 -16.36 -31.36
N LYS A 399 6.68 -16.25 -31.38
CA LYS A 399 5.82 -17.31 -30.86
C LYS A 399 6.15 -18.69 -31.46
N GLU A 400 6.42 -18.73 -32.76
CA GLU A 400 6.76 -19.98 -33.40
C GLU A 400 7.82 -19.75 -34.48
N GLU A 401 8.75 -20.69 -34.62
CA GLU A 401 9.05 -21.67 -33.59
C GLU A 401 10.56 -21.68 -33.37
N GLY A 402 11.00 -21.59 -32.12
CA GLY A 402 10.15 -21.33 -30.98
C GLY A 402 10.56 -19.99 -30.40
N VAL A 403 9.98 -19.67 -29.24
CA VAL A 403 10.45 -18.75 -28.23
C VAL A 403 10.13 -19.39 -26.91
N GLN A 404 11.12 -19.43 -26.02
CA GLN A 404 10.88 -19.80 -24.64
C GLN A 404 11.66 -18.91 -23.66
N ALA A 405 12.51 -18.02 -24.18
CA ALA A 405 13.35 -17.05 -23.45
C ALA A 405 14.13 -16.26 -24.49
N VAL A 406 14.54 -15.03 -24.12
CA VAL A 406 15.09 -14.03 -25.04
C VAL A 406 16.27 -13.33 -24.35
N LEU A 407 17.27 -12.87 -25.14
CA LEU A 407 18.45 -12.17 -24.62
C LEU A 407 18.70 -10.82 -25.31
N VAL A 408 19.13 -9.84 -24.51
CA VAL A 408 19.37 -8.47 -24.95
C VAL A 408 20.69 -7.95 -24.37
N LEU A 409 21.32 -6.98 -25.05
CA LEU A 409 22.53 -6.33 -24.56
C LEU A 409 22.53 -4.87 -25.00
N THR A 410 22.74 -3.97 -24.07
CA THR A 410 22.77 -2.55 -24.39
C THR A 410 23.66 -1.83 -23.43
N PRO A 411 23.90 -0.49 -23.74
CA PRO A 411 24.62 0.23 -22.68
C PRO A 411 23.78 0.19 -21.41
N PRO A 412 24.48 0.07 -20.21
CA PRO A 412 23.60 -0.20 -19.06
C PRO A 412 22.66 0.95 -18.91
N MET A 413 21.44 0.70 -18.46
CA MET A 413 20.43 1.74 -18.43
C MET A 413 20.13 2.16 -17.00
N ALA A 414 19.72 3.42 -16.87
CA ALA A 414 19.26 3.95 -15.59
C ALA A 414 18.02 3.16 -15.29
N TRP A 415 17.73 2.93 -14.02
CA TRP A 415 16.69 1.97 -13.70
C TRP A 415 15.41 2.46 -14.32
N GLU A 416 15.21 3.76 -14.31
CA GLU A 416 13.98 4.30 -14.84
C GLU A 416 13.86 3.90 -16.30
N ASP A 417 14.97 3.97 -17.03
CA ASP A 417 14.97 3.48 -18.42
C ASP A 417 15.01 1.95 -18.48
N ARG A 418 15.68 1.27 -17.53
CA ARG A 418 15.83 -0.19 -17.58
C ARG A 418 14.48 -0.88 -17.41
N ASN A 419 13.68 -0.42 -16.44
CA ASN A 419 12.38 -1.02 -16.23
C ASN A 419 11.43 -0.70 -17.37
N ARG A 420 11.39 0.58 -17.78
CA ARG A 420 10.50 1.00 -18.87
C ARG A 420 10.68 0.13 -20.10
N LEU A 421 11.92 -0.29 -20.36
CA LEU A 421 12.19 -1.26 -21.42
C LEU A 421 11.78 -2.66 -20.99
N LYS A 422 11.90 -2.98 -19.70
CA LYS A 422 11.42 -4.28 -19.26
C LYS A 422 9.90 -4.33 -19.21
N ALA A 423 9.26 -3.18 -19.00
CA ALA A 423 7.81 -3.09 -19.08
C ALA A 423 7.32 -3.31 -20.50
N LEU A 424 7.92 -2.59 -21.47
CA LEU A 424 7.57 -2.77 -22.87
C LEU A 424 7.95 -4.15 -23.41
N LEU A 425 8.92 -4.79 -22.76
CA LEU A 425 9.36 -6.13 -23.10
C LEU A 425 8.33 -7.21 -22.83
N LEU A 426 7.78 -7.17 -21.61
CA LEU A 426 6.80 -8.15 -21.13
C LEU A 426 5.41 -8.10 -21.77
N ARG A 427 5.01 -6.96 -22.28
CA ARG A 427 3.63 -6.77 -22.70
C ARG A 427 3.31 -7.83 -23.72
N GLU A 428 4.29 -8.17 -24.54
CA GLU A 428 4.08 -9.12 -25.62
C GLU A 428 4.42 -10.53 -25.18
N GLY A 429 4.58 -10.70 -23.87
CA GLY A 429 4.88 -12.02 -23.34
C GLY A 429 6.30 -12.53 -23.45
N LEU A 430 7.27 -11.62 -23.46
CA LEU A 430 8.66 -12.03 -23.51
C LEU A 430 9.44 -11.86 -22.20
N PRO A 431 9.95 -12.96 -21.70
CA PRO A 431 10.96 -13.01 -20.62
C PRO A 431 12.25 -12.40 -21.13
N SER A 432 13.13 -11.87 -20.27
CA SER A 432 14.34 -11.26 -20.79
C SER A 432 15.46 -11.23 -19.77
N GLN A 433 16.70 -11.14 -20.30
CA GLN A 433 17.97 -11.18 -19.58
C GLN A 433 18.95 -10.21 -20.27
N ILE A 434 19.78 -9.54 -19.49
CA ILE A 434 20.72 -8.58 -20.02
C ILE A 434 22.16 -8.88 -19.64
N LEU A 435 23.08 -8.80 -20.60
CA LEU A 435 24.49 -8.70 -20.33
C LEU A 435 24.84 -7.32 -20.81
N ASN A 436 25.28 -6.47 -19.90
CA ASN A 436 25.58 -5.12 -20.30
C ASN A 436 26.71 -5.33 -21.27
N VAL A 437 26.83 -4.43 -22.24
CA VAL A 437 27.88 -4.51 -23.23
C VAL A 437 28.56 -3.14 -23.29
N PRO A 438 29.84 -2.98 -23.85
CA PRO A 438 30.45 -4.20 -24.42
C PRO A 438 30.94 -5.25 -23.45
N LEU A 439 30.93 -6.50 -23.92
CA LEU A 439 31.28 -7.66 -23.15
C LEU A 439 32.37 -8.40 -23.91
N ARG A 440 33.10 -9.23 -23.19
CA ARG A 440 34.22 -9.94 -23.76
C ARG A 440 34.23 -11.39 -23.36
N GLU A 441 34.88 -12.21 -24.16
CA GLU A 441 35.14 -13.58 -23.76
C GLU A 441 36.09 -13.56 -22.57
N GLU A 442 36.62 -12.37 -22.31
CA GLU A 442 37.63 -12.13 -21.28
C GLU A 442 37.10 -12.40 -19.88
N GLU A 443 35.86 -11.99 -19.63
CA GLU A 443 35.16 -12.38 -18.43
C GLU A 443 34.15 -13.39 -18.91
N ARG A 444 34.47 -14.66 -18.73
CA ARG A 444 33.61 -15.76 -19.14
C ARG A 444 32.33 -15.86 -18.35
N HIS A 445 32.44 -15.64 -17.04
CA HIS A 445 31.35 -15.87 -16.11
C HIS A 445 30.17 -14.97 -16.40
N ARG A 446 30.43 -13.72 -16.72
CA ARG A 446 29.34 -12.84 -17.11
C ARG A 446 28.55 -13.36 -18.31
N TRP A 447 29.12 -14.18 -19.22
CA TRP A 447 28.24 -14.78 -20.22
C TRP A 447 27.76 -16.17 -19.81
N GLU A 448 28.58 -16.94 -19.07
CA GLU A 448 28.15 -18.28 -18.69
C GLU A 448 26.91 -18.24 -17.81
N ASN A 449 26.92 -17.38 -16.78
CA ASN A 449 25.76 -17.32 -15.92
C ASN A 449 24.64 -16.45 -16.51
N ALA A 450 24.96 -15.44 -17.32
CA ALA A 450 23.91 -14.64 -17.99
C ALA A 450 23.06 -15.49 -18.94
N LEU A 451 23.66 -16.56 -19.49
CA LEU A 451 22.90 -17.55 -20.24
C LEU A 451 22.24 -18.57 -19.30
N LEU A 452 23.01 -19.20 -18.39
CA LEU A 452 22.44 -20.15 -17.43
C LEU A 452 21.14 -19.64 -16.79
N GLY A 453 20.97 -18.32 -16.71
CA GLY A 453 19.74 -17.68 -16.35
C GLY A 453 18.74 -17.61 -17.50
N LEU A 454 19.20 -17.33 -18.71
CA LEU A 454 18.30 -17.46 -19.85
C LEU A 454 17.78 -18.89 -19.99
N LEU A 455 18.63 -19.88 -19.73
CA LEU A 455 18.25 -21.28 -19.97
C LEU A 455 17.13 -21.70 -19.03
N ALA A 456 17.30 -21.41 -17.74
CA ALA A 456 16.19 -21.63 -16.82
C ALA A 456 14.98 -20.77 -17.20
N LYS A 457 15.26 -19.66 -17.86
CA LYS A 457 14.22 -18.75 -18.31
C LYS A 457 13.42 -19.39 -19.41
N ALA A 458 13.88 -20.53 -19.90
CA ALA A 458 13.06 -21.51 -20.58
C ALA A 458 13.39 -22.84 -19.91
N GLY A 459 12.40 -23.49 -19.33
CA GLY A 459 12.71 -24.68 -18.54
C GLY A 459 13.24 -25.80 -19.38
N LEU A 460 14.28 -26.51 -18.92
CA LEU A 460 15.02 -26.16 -17.73
C LEU A 460 16.49 -26.41 -17.97
N GLN A 461 17.33 -25.73 -17.22
CA GLN A 461 18.77 -26.03 -17.10
C GLN A 461 19.01 -26.78 -15.79
N VAL A 462 17.94 -27.40 -15.33
CA VAL A 462 17.78 -27.97 -14.02
C VAL A 462 18.71 -29.12 -13.75
N VAL A 463 19.06 -29.24 -12.49
CA VAL A 463 19.59 -30.46 -11.92
C VAL A 463 18.55 -30.75 -10.87
N ALA A 464 18.29 -32.01 -10.62
CA ALA A 464 17.34 -32.36 -9.58
C ALA A 464 18.03 -33.35 -8.68
N LEU A 465 17.59 -33.43 -7.45
CA LEU A 465 18.27 -34.31 -6.51
C LEU A 465 18.07 -35.77 -6.89
N SER A 466 18.91 -36.62 -6.32
CA SER A 466 18.69 -38.04 -6.39
C SER A 466 18.42 -38.64 -5.02
N GLY A 467 18.49 -37.84 -3.96
CA GLY A 467 18.28 -38.35 -2.62
C GLY A 467 16.83 -38.71 -2.33
N ALA A 468 16.66 -39.33 -1.17
CA ALA A 468 15.37 -39.82 -0.67
C ALA A 468 14.87 -38.82 0.35
N TYR A 469 13.72 -38.19 0.07
CA TYR A 469 13.23 -37.13 0.95
C TYR A 469 11.78 -37.35 1.33
N PRO A 470 11.41 -37.08 2.58
CA PRO A 470 10.01 -37.29 3.01
C PRO A 470 8.99 -36.46 2.26
N ALA A 471 9.29 -35.23 1.91
CA ALA A 471 8.34 -34.52 1.09
C ALA A 471 8.57 -34.88 -0.37
N GLU A 472 7.59 -34.59 -1.19
CA GLU A 472 7.78 -34.66 -2.63
C GLU A 472 7.24 -33.42 -3.30
N LEU A 473 6.89 -32.39 -2.53
CA LEU A 473 6.57 -31.09 -3.10
C LEU A 473 6.95 -30.00 -2.11
N ALA A 474 7.63 -28.96 -2.61
CA ALA A 474 8.14 -27.85 -1.81
C ALA A 474 7.65 -26.54 -2.38
N VAL A 475 7.14 -25.64 -1.52
CA VAL A 475 6.62 -24.35 -1.96
C VAL A 475 7.12 -23.22 -1.07
N GLY A 476 7.35 -22.06 -1.69
CA GLY A 476 7.97 -20.92 -1.01
C GLY A 476 7.10 -19.69 -1.05
N PHE A 477 7.10 -18.94 0.06
CA PHE A 477 6.24 -17.77 0.21
C PHE A 477 7.03 -16.61 0.79
N ASP A 478 6.80 -15.39 0.26
CA ASP A 478 7.39 -14.17 0.83
C ASP A 478 6.65 -12.93 0.37
N ALA A 479 7.09 -11.80 0.93
CA ALA A 479 6.59 -10.46 0.65
C ALA A 479 7.72 -9.59 0.12
N GLY A 480 7.46 -8.85 -0.93
CA GLY A 480 8.49 -8.09 -1.57
C GLY A 480 7.80 -7.01 -2.35
N GLY A 481 8.57 -6.08 -2.88
CA GLY A 481 7.96 -5.02 -3.65
C GLY A 481 8.05 -3.78 -2.82
N ARG A 482 7.31 -2.76 -3.21
CA ARG A 482 7.58 -1.42 -2.76
C ARG A 482 7.45 -1.43 -1.27
N GLU A 483 8.10 -0.48 -0.64
CA GLU A 483 8.12 -0.36 0.81
C GLU A 483 6.70 -0.13 1.31
N SER A 484 5.92 0.62 0.53
CA SER A 484 4.56 1.04 0.92
C SER A 484 3.54 -0.08 1.14
N PHE A 485 3.58 -1.12 0.30
CA PHE A 485 2.70 -2.27 0.45
C PHE A 485 3.50 -3.44 -0.08
N ARG A 486 3.12 -4.67 0.18
CA ARG A 486 4.05 -5.72 -0.20
C ARG A 486 3.41 -6.61 -1.28
N PHE A 487 4.16 -7.65 -1.67
CA PHE A 487 3.69 -8.61 -2.66
C PHE A 487 3.87 -10.01 -2.10
N GLY A 488 2.75 -10.76 -2.07
CA GLY A 488 2.77 -12.13 -1.64
C GLY A 488 2.75 -12.99 -2.88
N GLY A 489 3.74 -13.84 -3.00
CA GLY A 489 3.91 -14.68 -4.15
C GLY A 489 4.52 -15.95 -3.65
N ALA A 490 4.77 -16.85 -4.59
CA ALA A 490 5.19 -18.18 -4.19
C ALA A 490 5.85 -18.90 -5.36
N ALA A 491 6.91 -19.64 -5.04
CA ALA A 491 7.55 -20.54 -5.97
C ALA A 491 7.53 -21.95 -5.41
N CYS A 492 7.86 -22.91 -6.27
CA CYS A 492 7.58 -24.32 -5.98
C CYS A 492 8.63 -25.25 -6.56
N ALA A 493 8.81 -26.38 -5.88
CA ALA A 493 9.73 -27.43 -6.30
C ALA A 493 8.96 -28.73 -6.49
N VAL A 494 8.90 -29.20 -7.74
CA VAL A 494 8.16 -30.40 -8.12
C VAL A 494 9.01 -31.65 -8.01
N GLY A 495 8.52 -32.68 -7.34
CA GLY A 495 9.13 -34.00 -7.39
C GLY A 495 10.08 -34.36 -6.26
N GLY A 496 9.86 -35.53 -5.66
CA GLY A 496 10.67 -35.95 -4.54
C GLY A 496 12.13 -36.18 -4.85
N ASP A 497 12.38 -36.83 -5.98
CA ASP A 497 13.74 -37.07 -6.45
C ASP A 497 14.15 -36.13 -7.57
N GLY A 498 13.28 -35.95 -8.57
CA GLY A 498 13.61 -35.07 -9.67
C GLY A 498 12.77 -33.81 -9.71
N GLY A 499 13.40 -32.71 -9.33
CA GLY A 499 12.74 -31.43 -9.13
C GLY A 499 12.39 -30.66 -10.37
N HIS A 500 11.52 -29.67 -10.20
CA HIS A 500 11.16 -28.77 -11.27
C HIS A 500 10.80 -27.39 -10.69
N LEU A 501 10.94 -26.33 -11.49
CA LEU A 501 10.84 -24.96 -11.00
C LEU A 501 9.76 -24.17 -11.74
N LEU A 502 8.86 -23.56 -10.97
CA LEU A 502 7.78 -22.71 -11.48
C LEU A 502 7.28 -21.82 -10.36
N TRP A 503 6.57 -20.76 -10.76
CA TRP A 503 6.17 -19.65 -9.89
C TRP A 503 4.66 -19.38 -9.99
N THR A 504 4.17 -18.54 -9.07
CA THR A 504 2.76 -18.15 -8.98
C THR A 504 2.63 -16.64 -8.96
N LEU A 505 1.66 -16.10 -9.72
CA LEU A 505 1.53 -14.66 -9.74
C LEU A 505 1.30 -14.16 -8.31
N PRO A 506 1.95 -13.09 -7.90
CA PRO A 506 1.74 -12.58 -6.55
C PRO A 506 0.58 -11.61 -6.49
N GLU A 507 0.19 -11.27 -5.25
CA GLU A 507 -0.94 -10.40 -5.00
C GLU A 507 -0.57 -9.31 -4.00
N ALA A 508 -1.19 -8.14 -4.20
CA ALA A 508 -0.89 -6.91 -3.48
C ALA A 508 -1.67 -6.86 -2.18
N GLN A 509 -0.94 -6.63 -1.10
CA GLN A 509 -1.47 -6.51 0.24
C GLN A 509 -0.83 -5.28 0.84
N ALA A 510 -1.35 -4.80 1.95
CA ALA A 510 -0.78 -3.63 2.60
C ALA A 510 0.37 -3.96 3.55
N GLY A 511 0.63 -5.24 3.76
CA GLY A 511 1.55 -5.64 4.80
C GLY A 511 2.23 -6.97 4.62
N GLU A 512 3.13 -7.28 5.53
CA GLU A 512 3.87 -8.53 5.52
C GLU A 512 2.93 -9.71 5.62
N ARG A 513 1.85 -9.58 6.38
CA ARG A 513 0.93 -10.69 6.53
C ARG A 513 0.34 -11.03 5.17
N ILE A 514 0.23 -12.33 4.92
CA ILE A 514 -0.25 -12.84 3.66
C ILE A 514 -1.67 -13.32 3.91
N PRO A 515 -2.64 -12.84 3.02
CA PRO A 515 -4.00 -13.21 3.41
C PRO A 515 -4.13 -14.70 3.48
N GLN A 516 -4.86 -15.19 4.48
CA GLN A 516 -4.98 -16.61 4.69
C GLN A 516 -5.63 -17.16 3.46
N GLU A 517 -6.61 -16.43 2.95
CA GLU A 517 -7.36 -16.88 1.81
C GLU A 517 -6.50 -17.01 0.57
N VAL A 518 -5.61 -16.05 0.36
CA VAL A 518 -4.61 -16.16 -0.70
C VAL A 518 -3.55 -17.24 -0.45
N VAL A 519 -3.03 -17.31 0.77
CA VAL A 519 -1.88 -18.16 1.04
C VAL A 519 -2.24 -19.59 0.73
N TRP A 520 -3.42 -20.01 1.14
CA TRP A 520 -3.88 -21.32 0.73
C TRP A 520 -4.12 -21.35 -0.77
N ASP A 521 -4.60 -20.25 -1.35
CA ASP A 521 -4.93 -20.26 -2.78
C ASP A 521 -3.71 -20.54 -3.63
N LEU A 522 -2.58 -19.95 -3.27
CA LEU A 522 -1.35 -20.22 -4.00
C LEU A 522 -0.85 -21.63 -3.73
N LEU A 523 -0.80 -22.04 -2.46
CA LEU A 523 -0.37 -23.41 -2.14
C LEU A 523 -1.22 -24.40 -2.90
N GLU A 524 -2.51 -24.11 -3.02
CA GLU A 524 -3.40 -24.90 -3.86
C GLU A 524 -2.94 -24.91 -5.32
N GLU A 525 -2.48 -23.76 -5.81
CA GLU A 525 -2.03 -23.62 -7.19
C GLU A 525 -0.79 -24.44 -7.49
N THR A 526 0.00 -24.74 -6.47
CA THR A 526 1.14 -25.64 -6.55
C THR A 526 0.75 -27.10 -6.33
N LEU A 527 -0.40 -27.35 -5.70
CA LEU A 527 -0.92 -28.71 -5.60
C LEU A 527 -1.49 -29.15 -6.93
N TRP A 528 -2.07 -28.24 -7.69
CA TRP A 528 -2.49 -28.57 -9.03
C TRP A 528 -1.28 -28.98 -9.85
N ALA A 529 -0.14 -28.36 -9.60
CA ALA A 529 1.09 -28.65 -10.33
C ALA A 529 1.64 -30.07 -10.15
N PHE A 530 1.54 -30.61 -8.95
CA PHE A 530 2.07 -31.94 -8.71
C PHE A 530 1.38 -33.03 -9.53
N ARG A 531 0.05 -32.94 -9.64
CA ARG A 531 -0.71 -33.95 -10.37
C ARG A 531 -0.84 -33.52 -11.82
N ARG A 532 -0.20 -32.41 -12.19
CA ARG A 532 -0.20 -31.97 -13.57
C ARG A 532 0.48 -33.02 -14.43
N LYS A 533 1.59 -33.57 -13.95
CA LYS A 533 2.17 -34.77 -14.52
C LYS A 533 2.37 -35.88 -13.49
N ALA A 534 2.40 -35.52 -12.21
CA ALA A 534 2.68 -36.50 -11.16
C ALA A 534 1.64 -37.62 -11.11
N GLY A 535 0.39 -37.32 -11.46
CA GLY A 535 -0.65 -38.30 -11.50
C GLY A 535 -1.34 -38.57 -10.17
N ARG A 536 -0.75 -38.19 -9.06
CA ARG A 536 -1.39 -38.42 -7.78
C ARG A 536 -1.18 -37.20 -6.89
N LEU A 537 -1.93 -37.15 -5.79
CA LEU A 537 -1.72 -36.12 -4.79
C LEU A 537 -0.39 -36.37 -4.07
N PRO A 538 0.44 -35.35 -3.89
CA PRO A 538 1.69 -35.56 -3.15
C PRO A 538 1.37 -35.97 -1.72
N SER A 539 2.02 -37.03 -1.25
CA SER A 539 1.70 -37.53 0.09
C SER A 539 1.91 -36.45 1.14
N ARG A 540 3.10 -35.82 1.13
CA ARG A 540 3.50 -34.78 2.07
C ARG A 540 3.99 -33.57 1.27
N VAL A 541 3.64 -32.37 1.75
CA VAL A 541 4.12 -31.14 1.15
C VAL A 541 4.90 -30.36 2.21
N LEU A 542 5.81 -29.51 1.72
CA LEU A 542 6.79 -28.78 2.53
C LEU A 542 6.45 -27.30 2.60
N LEU A 543 6.24 -26.83 3.82
CA LEU A 543 5.78 -25.47 4.07
C LEU A 543 6.87 -24.68 4.78
N LEU A 544 7.54 -23.84 4.02
CA LEU A 544 8.57 -22.95 4.49
C LEU A 544 7.99 -21.54 4.51
N ARG A 545 8.56 -20.66 5.32
CA ARG A 545 8.08 -19.28 5.25
C ARG A 545 9.25 -18.31 5.28
N ASN A 546 9.28 -17.32 4.41
CA ASN A 546 10.37 -16.36 4.45
C ASN A 546 10.15 -15.40 5.59
N GLY A 547 11.09 -15.34 6.51
CA GLY A 547 10.89 -14.51 7.69
C GLY A 547 10.06 -15.22 8.74
N ARG A 548 9.45 -14.44 9.62
CA ARG A 548 8.54 -14.97 10.62
C ARG A 548 7.25 -15.44 10.00
N VAL A 549 6.59 -16.39 10.65
CA VAL A 549 5.28 -16.84 10.21
C VAL A 549 4.24 -16.17 11.09
N PRO A 550 3.36 -15.39 10.47
CA PRO A 550 2.37 -14.64 11.24
C PRO A 550 1.41 -15.60 11.96
N GLN A 551 0.79 -15.11 13.03
CA GLN A 551 -0.06 -15.99 13.84
C GLN A 551 -1.22 -16.50 12.99
N ASP A 552 -1.22 -17.80 12.68
CA ASP A 552 -2.34 -18.48 12.04
C ASP A 552 -2.62 -17.96 10.63
N GLU A 553 -1.59 -17.45 9.94
CA GLU A 553 -1.75 -17.06 8.53
C GLU A 553 -1.93 -18.29 7.65
N PHE A 554 -1.39 -19.41 8.11
CA PHE A 554 -1.50 -20.69 7.43
C PHE A 554 -2.73 -21.48 7.88
N ALA A 555 -3.40 -21.06 8.97
CA ALA A 555 -4.50 -21.80 9.57
C ALA A 555 -5.49 -22.30 8.52
N LEU A 556 -6.07 -21.40 7.73
CA LEU A 556 -6.88 -21.86 6.60
C LEU A 556 -6.11 -22.87 5.77
N ALA A 557 -4.82 -22.60 5.51
CA ALA A 557 -4.08 -23.37 4.52
C ALA A 557 -3.81 -24.80 4.98
N LEU A 558 -3.48 -24.99 6.27
CA LEU A 558 -3.13 -26.32 6.75
C LEU A 558 -4.36 -27.20 6.93
N GLU A 559 -5.45 -26.63 7.46
CA GLU A 559 -6.70 -27.36 7.53
C GLU A 559 -7.09 -27.87 6.17
N ALA A 560 -7.09 -26.97 5.17
CA ALA A 560 -7.54 -27.28 3.81
C ALA A 560 -6.66 -28.31 3.11
N LEU A 561 -5.44 -28.49 3.58
CA LEU A 561 -4.64 -29.65 3.20
C LEU A 561 -5.21 -30.93 3.77
N ALA A 562 -5.56 -30.91 5.05
CA ALA A 562 -6.02 -32.11 5.76
C ALA A 562 -7.33 -32.62 5.22
N ARG A 563 -8.21 -31.69 4.88
CA ARG A 563 -9.49 -32.01 4.29
C ARG A 563 -9.28 -32.69 2.95
N GLU A 564 -8.29 -32.25 2.20
CA GLU A 564 -8.01 -32.83 0.88
C GLU A 564 -7.05 -34.01 0.93
N GLY A 565 -6.69 -34.45 2.13
CA GLY A 565 -5.95 -35.68 2.32
C GLY A 565 -4.44 -35.67 2.20
N ILE A 566 -3.83 -34.49 2.22
CA ILE A 566 -2.39 -34.34 2.06
C ILE A 566 -1.66 -34.01 3.35
N ALA A 567 -0.55 -34.67 3.62
CA ALA A 567 0.23 -34.36 4.81
C ALA A 567 1.11 -33.13 4.58
N TYR A 568 1.80 -32.72 5.65
CA TYR A 568 2.48 -31.44 5.61
C TYR A 568 3.48 -31.39 6.74
N ASP A 569 4.45 -30.48 6.58
CA ASP A 569 5.24 -29.94 7.68
C ASP A 569 5.48 -28.45 7.41
N LEU A 570 5.57 -27.68 8.50
CA LEU A 570 5.67 -26.23 8.44
C LEU A 570 6.92 -25.75 9.18
N VAL A 571 7.73 -24.93 8.52
CA VAL A 571 8.97 -24.42 9.13
C VAL A 571 9.16 -22.95 8.82
N SER A 572 9.66 -22.23 9.83
CA SER A 572 10.01 -20.83 9.68
C SER A 572 11.48 -20.76 9.31
N VAL A 573 11.80 -19.99 8.27
CA VAL A 573 13.18 -19.72 7.93
C VAL A 573 13.41 -18.24 8.10
N ARG A 574 14.37 -17.90 8.94
CA ARG A 574 14.73 -16.51 9.12
C ARG A 574 16.22 -16.34 8.98
N LYS A 575 16.64 -15.47 8.07
CA LYS A 575 18.06 -15.22 7.94
C LYS A 575 18.62 -14.57 9.19
N SER A 576 17.91 -13.58 9.70
CA SER A 576 18.45 -12.67 10.69
C SER A 576 18.86 -13.24 12.04
N GLY A 577 18.05 -14.12 12.59
CA GLY A 577 18.29 -14.64 13.92
C GLY A 577 19.32 -15.72 13.90
N GLY A 578 19.77 -16.19 15.05
CA GLY A 578 20.45 -17.47 15.05
C GLY A 578 21.95 -17.42 15.16
N GLY A 579 22.54 -16.24 15.36
CA GLY A 579 23.89 -16.16 15.85
C GLY A 579 24.89 -16.73 14.87
N ARG A 580 25.95 -17.29 15.43
CA ARG A 580 27.06 -17.83 14.66
C ARG A 580 27.49 -19.19 15.22
N VAL A 581 28.10 -20.00 14.34
CA VAL A 581 28.43 -21.41 14.60
C VAL A 581 29.90 -21.71 14.26
N TYR A 582 30.68 -22.05 15.29
CA TYR A 582 32.11 -22.35 15.06
C TYR A 582 32.49 -23.79 15.44
N PRO A 583 33.30 -24.45 14.63
CA PRO A 583 33.74 -25.81 14.93
C PRO A 583 34.66 -25.82 16.15
N VAL A 584 34.30 -26.65 17.15
CA VAL A 584 35.07 -26.69 18.38
C VAL A 584 36.49 -27.19 18.09
N GLN A 585 36.62 -28.09 17.13
CA GLN A 585 37.90 -28.53 16.58
C GLN A 585 37.79 -28.65 15.06
N GLY A 586 38.91 -28.47 14.36
CA GLY A 586 38.99 -28.75 12.94
C GLY A 586 38.33 -27.74 12.02
N ARG A 587 38.43 -28.04 10.73
CA ARG A 587 38.01 -27.16 9.66
C ARG A 587 36.50 -26.89 9.75
N LEU A 588 36.00 -26.00 8.91
CA LEU A 588 34.58 -25.72 8.82
C LEU A 588 34.00 -26.35 7.56
N ALA A 589 32.69 -26.62 7.59
CA ALA A 589 32.03 -27.46 6.60
C ALA A 589 30.72 -26.87 6.07
N ASP A 590 30.43 -27.17 4.82
CA ASP A 590 29.46 -26.39 4.09
C ASP A 590 28.04 -26.69 4.46
N GLY A 591 27.77 -27.74 5.22
CA GLY A 591 26.38 -28.13 5.39
C GLY A 591 26.17 -28.66 6.78
N LEU A 592 25.31 -28.03 7.57
CA LEU A 592 25.26 -28.41 8.97
C LEU A 592 23.84 -28.30 9.55
N TYR A 593 23.59 -29.09 10.59
CA TYR A 593 22.38 -28.96 11.41
C TYR A 593 22.75 -28.91 12.89
N VAL A 594 22.23 -27.95 13.62
CA VAL A 594 22.37 -27.91 15.07
C VAL A 594 21.01 -27.88 15.76
N PRO A 595 20.82 -28.84 16.76
CA PRO A 595 19.46 -28.87 17.31
C PRO A 595 18.99 -27.65 18.10
N LEU A 596 19.86 -27.08 18.93
CA LEU A 596 19.44 -26.04 19.83
C LEU A 596 18.36 -26.58 20.77
N GLU A 597 17.21 -25.91 20.85
CA GLU A 597 16.14 -26.34 21.75
C GLU A 597 14.79 -26.58 21.08
N ASP A 598 14.17 -27.71 21.39
CA ASP A 598 12.83 -28.05 20.92
C ASP A 598 12.64 -28.10 19.40
N LYS A 599 11.62 -27.42 18.90
CA LYS A 599 11.31 -27.53 17.47
C LYS A 599 12.00 -26.46 16.63
N THR A 600 13.15 -25.95 17.09
CA THR A 600 13.97 -25.00 16.35
C THR A 600 15.38 -25.55 16.22
N PHE A 601 15.97 -25.31 15.05
CA PHE A 601 17.30 -25.74 14.69
C PHE A 601 17.93 -24.68 13.80
N LEU A 602 19.27 -24.62 13.83
CA LEU A 602 20.08 -23.79 12.94
C LEU A 602 20.57 -24.64 11.76
N LEU A 603 20.60 -24.04 10.57
CA LEU A 603 21.01 -24.75 9.36
C LEU A 603 21.91 -23.86 8.49
N LEU A 604 23.12 -24.34 8.21
CA LEU A 604 24.14 -23.60 7.48
C LEU A 604 24.10 -24.00 6.00
N THR A 605 23.38 -23.24 5.17
CA THR A 605 23.27 -23.74 3.79
C THR A 605 24.54 -23.52 2.98
N VAL A 606 25.28 -22.42 3.17
CA VAL A 606 26.39 -22.12 2.28
C VAL A 606 27.56 -21.58 3.09
N HIS A 607 28.77 -21.89 2.62
CA HIS A 607 30.00 -21.32 3.16
C HIS A 607 31.20 -21.57 2.27
N ARG A 608 31.96 -20.54 2.01
CA ARG A 608 33.20 -20.66 1.29
C ARG A 608 34.33 -20.22 2.21
N ASP A 609 35.52 -20.79 2.01
CA ASP A 609 36.67 -20.40 2.83
C ASP A 609 37.10 -18.95 2.63
N PHE A 610 36.56 -18.24 1.62
CA PHE A 610 37.02 -16.92 1.29
C PHE A 610 36.00 -15.82 1.44
N ARG A 611 34.72 -16.12 1.58
CA ARG A 611 33.77 -15.03 1.73
C ARG A 611 33.65 -14.53 3.15
N GLY A 612 34.34 -15.13 4.10
CA GLY A 612 34.18 -14.74 5.47
C GLY A 612 33.33 -15.75 6.22
N THR A 613 32.91 -15.35 7.41
CA THR A 613 32.12 -16.21 8.26
C THR A 613 30.71 -16.33 7.69
N PRO A 614 30.14 -17.54 7.63
CA PRO A 614 28.80 -17.69 7.04
C PRO A 614 27.70 -17.38 8.05
N ARG A 615 26.56 -16.94 7.53
CA ARG A 615 25.51 -16.54 8.46
C ARG A 615 24.43 -17.61 8.49
N PRO A 616 24.27 -18.31 9.60
CA PRO A 616 23.52 -19.57 9.57
C PRO A 616 22.05 -19.31 9.81
N LEU A 617 21.21 -20.10 9.15
CA LEU A 617 19.77 -19.93 9.27
C LEU A 617 19.27 -20.49 10.59
N LYS A 618 18.30 -19.80 11.17
CA LYS A 618 17.53 -20.31 12.29
C LYS A 618 16.18 -20.79 11.74
N LEU A 619 15.78 -22.00 12.14
CA LEU A 619 14.57 -22.64 11.67
C LEU A 619 13.80 -23.19 12.85
N VAL A 620 12.49 -22.93 12.90
CA VAL A 620 11.60 -23.52 13.89
C VAL A 620 10.67 -24.47 13.16
N HIS A 621 10.36 -25.61 13.79
CA HIS A 621 9.34 -26.52 13.27
C HIS A 621 8.02 -26.10 13.86
N GLU A 622 7.25 -25.35 13.07
CA GLU A 622 5.99 -24.75 13.49
C GLU A 622 4.85 -25.76 13.56
N ALA A 623 4.91 -26.79 12.72
CA ALA A 623 3.83 -27.75 12.55
C ALA A 623 4.31 -28.85 11.63
N GLY A 624 3.63 -29.97 11.67
CA GLY A 624 4.09 -31.17 11.01
C GLY A 624 4.80 -32.12 11.97
N ASP A 625 5.01 -33.34 11.49
CA ASP A 625 5.51 -34.44 12.31
C ASP A 625 6.94 -34.85 12.00
N THR A 626 7.46 -34.50 10.82
CA THR A 626 8.75 -35.02 10.37
C THR A 626 9.88 -34.62 11.32
N PRO A 627 10.92 -35.43 11.34
CA PRO A 627 12.06 -35.21 12.21
C PRO A 627 12.81 -33.96 11.80
N LEU A 628 13.47 -33.29 12.73
CA LEU A 628 14.16 -32.06 12.41
C LEU A 628 15.25 -32.35 11.40
N GLU A 629 15.94 -33.45 11.61
CA GLU A 629 17.06 -33.83 10.77
C GLU A 629 16.60 -34.07 9.35
N ALA A 630 15.41 -34.64 9.22
CA ALA A 630 14.83 -34.88 7.91
C ALA A 630 14.59 -33.58 7.19
N LEU A 631 14.15 -32.57 7.93
CA LEU A 631 13.95 -31.26 7.35
C LEU A 631 15.26 -30.66 6.87
N ALA A 632 16.28 -30.79 7.69
CA ALA A 632 17.58 -30.27 7.30
C ALA A 632 18.04 -31.02 6.07
N HIS A 633 17.80 -32.32 6.06
CA HIS A 633 18.31 -33.18 5.01
C HIS A 633 17.74 -32.81 3.66
N GLN A 634 16.44 -32.60 3.55
CA GLN A 634 15.86 -32.00 2.37
C GLN A 634 16.21 -30.53 2.24
N ILE A 635 16.16 -29.80 3.34
CA ILE A 635 16.28 -28.35 3.24
C ILE A 635 17.64 -27.95 2.71
N PHE A 636 18.68 -28.60 3.21
CA PHE A 636 20.03 -28.30 2.77
C PHE A 636 20.25 -28.59 1.29
N HIS A 637 19.74 -29.72 0.83
CA HIS A 637 19.89 -30.14 -0.57
C HIS A 637 19.14 -29.19 -1.48
N LEU A 638 18.05 -28.64 -0.96
CA LEU A 638 17.18 -27.76 -1.70
C LEU A 638 17.91 -26.52 -2.14
N THR A 639 18.94 -26.15 -1.39
CA THR A 639 19.68 -24.92 -1.63
C THR A 639 20.30 -24.92 -3.01
N ARG A 640 20.82 -26.07 -3.42
CA ARG A 640 21.59 -26.27 -4.65
C ARG A 640 20.89 -26.09 -6.00
N LEU A 641 19.59 -26.28 -6.03
CA LEU A 641 18.84 -26.45 -7.26
C LEU A 641 18.70 -25.19 -8.08
N TYR A 642 19.14 -24.06 -7.54
CA TYR A 642 18.99 -22.82 -8.27
C TYR A 642 19.71 -22.93 -9.60
N PRO A 643 18.99 -22.49 -10.72
CA PRO A 643 19.71 -22.62 -11.99
C PRO A 643 20.32 -21.37 -12.62
N ALA A 644 20.13 -20.18 -12.07
CA ALA A 644 20.77 -18.98 -12.62
C ALA A 644 22.03 -18.60 -11.88
N SER A 645 22.60 -19.50 -11.10
CA SER A 645 23.87 -19.31 -10.43
C SER A 645 24.71 -20.52 -10.74
N GLY A 646 25.70 -20.34 -11.64
CA GLY A 646 26.44 -21.47 -12.15
C GLY A 646 27.42 -22.04 -11.15
N PHE A 647 27.86 -21.22 -10.21
CA PHE A 647 28.80 -21.71 -9.22
C PHE A 647 28.45 -21.32 -7.80
N ALA A 648 27.47 -20.47 -7.59
CA ALA A 648 27.15 -20.03 -6.26
C ALA A 648 25.75 -20.51 -5.87
N PHE A 649 25.64 -20.92 -4.62
CA PHE A 649 24.46 -21.59 -4.15
C PHE A 649 23.73 -20.64 -3.23
N PRO A 650 22.48 -20.23 -3.54
CA PRO A 650 21.79 -19.27 -2.65
C PRO A 650 21.77 -19.75 -1.22
N ARG A 651 21.58 -18.89 -0.22
CA ARG A 651 21.48 -19.45 1.11
C ARG A 651 20.07 -19.97 1.35
N LEU A 652 19.10 -19.32 0.75
CA LEU A 652 17.75 -19.82 0.79
C LEU A 652 17.56 -20.86 -0.31
N PRO A 653 16.95 -22.00 0.01
CA PRO A 653 16.53 -22.93 -1.05
C PRO A 653 15.72 -22.22 -2.13
N ALA A 654 15.82 -22.75 -3.35
CA ALA A 654 15.30 -22.07 -4.55
C ALA A 654 13.87 -21.56 -4.48
N PRO A 655 12.91 -22.27 -3.88
CA PRO A 655 11.55 -21.70 -3.85
C PRO A 655 11.51 -20.38 -3.10
N LEU A 656 12.17 -20.31 -1.96
CA LEU A 656 12.29 -19.04 -1.27
C LEU A 656 13.10 -18.03 -2.06
N HIS A 657 14.25 -18.46 -2.55
CA HIS A 657 15.10 -17.53 -3.28
C HIS A 657 14.46 -17.12 -4.57
N LEU A 658 13.89 -18.09 -5.26
CA LEU A 658 13.22 -17.81 -6.50
C LEU A 658 12.08 -16.89 -6.12
N ALA A 659 11.46 -17.18 -5.00
CA ALA A 659 10.35 -16.42 -4.49
C ALA A 659 10.74 -14.99 -4.18
N ASP A 660 11.92 -14.80 -3.60
CA ASP A 660 12.38 -13.47 -3.26
C ASP A 660 12.51 -12.66 -4.53
N ARG A 661 13.09 -13.26 -5.56
CA ARG A 661 13.27 -12.55 -6.82
C ARG A 661 11.93 -12.21 -7.43
N LEU A 662 10.99 -13.14 -7.32
CA LEU A 662 9.72 -13.02 -8.01
C LEU A 662 8.94 -11.80 -7.57
N VAL A 663 8.86 -11.62 -6.26
CA VAL A 663 8.20 -10.47 -5.70
C VAL A 663 8.89 -9.17 -5.95
N LYS A 664 10.21 -9.15 -5.76
CA LYS A 664 10.94 -7.92 -5.92
C LYS A 664 10.92 -7.40 -7.32
N GLU A 665 11.12 -8.29 -8.29
CA GLU A 665 10.99 -7.89 -9.68
C GLU A 665 9.56 -7.45 -9.94
N VAL A 666 8.61 -8.21 -9.40
CA VAL A 666 7.20 -7.91 -9.55
C VAL A 666 6.84 -6.57 -8.92
N GLY A 667 7.56 -6.19 -7.86
CA GLY A 667 7.29 -4.92 -7.18
C GLY A 667 8.01 -3.77 -7.83
N ARG A 668 9.13 -4.04 -8.49
CA ARG A 668 9.76 -3.00 -9.30
C ARG A 668 9.11 -2.94 -10.69
N LEU A 669 8.88 -4.11 -11.31
CA LEU A 669 8.33 -4.14 -12.66
C LEU A 669 6.85 -3.76 -12.69
N GLY A 670 6.08 -4.31 -11.77
CA GLY A 670 4.63 -4.39 -11.90
C GLY A 670 4.22 -5.79 -12.35
N ILE A 671 2.92 -6.04 -12.28
CA ILE A 671 2.36 -7.27 -12.84
C ILE A 671 1.35 -7.01 -13.94
N ARG A 672 1.19 -5.75 -14.40
CA ARG A 672 0.14 -5.43 -15.36
C ARG A 672 0.21 -6.32 -16.61
N HIS A 673 1.38 -6.41 -17.24
CA HIS A 673 1.52 -6.99 -18.56
C HIS A 673 1.83 -8.48 -18.54
N LEU A 674 1.66 -9.15 -17.41
CA LEU A 674 2.20 -10.48 -17.22
C LEU A 674 1.19 -11.57 -17.53
N LYS A 675 0.22 -11.31 -18.41
CA LYS A 675 -0.75 -12.34 -18.78
C LYS A 675 -0.10 -13.41 -19.65
N GLU A 676 0.52 -12.99 -20.76
CA GLU A 676 1.06 -13.91 -21.77
C GLU A 676 2.22 -14.76 -21.24
N VAL A 677 3.06 -14.18 -20.36
CA VAL A 677 4.20 -14.91 -19.84
C VAL A 677 3.75 -16.20 -19.22
N ASP A 678 4.49 -17.26 -19.47
CA ASP A 678 4.18 -18.50 -18.82
C ASP A 678 4.69 -18.51 -17.39
N ARG A 679 4.06 -19.34 -16.58
CA ARG A 679 4.61 -19.70 -15.29
C ARG A 679 5.65 -20.82 -15.43
N GLU A 680 6.00 -21.14 -16.66
CA GLU A 680 7.08 -22.07 -16.95
C GLU A 680 8.40 -21.32 -17.03
N LYS A 681 8.29 -20.03 -17.33
CA LYS A 681 9.43 -19.18 -17.63
C LYS A 681 10.46 -18.94 -16.54
N LEU A 682 10.04 -18.79 -15.29
CA LEU A 682 10.99 -18.41 -14.26
C LEU A 682 11.67 -17.10 -14.65
N PHE A 683 10.86 -16.12 -15.01
CA PHE A 683 11.28 -14.90 -15.69
C PHE A 683 12.14 -13.91 -14.92
N PHE A 684 12.30 -14.12 -13.62
CA PHE A 684 13.11 -13.22 -12.81
C PHE A 684 14.52 -13.77 -12.56
N VAL A 685 15.54 -12.98 -12.89
CA VAL A 685 16.95 -13.35 -12.67
C VAL A 685 17.95 -12.36 -13.29
N LEU E 4 -27.54 23.93 -30.77
CA LEU E 4 -28.08 23.34 -29.53
C LEU E 4 -29.36 24.05 -29.00
N GLY E 5 -29.38 24.35 -27.69
CA GLY E 5 -30.51 24.95 -27.00
C GLY E 5 -30.03 25.91 -25.92
N LYS E 6 -30.96 26.57 -25.21
CA LYS E 6 -30.55 27.59 -24.23
C LYS E 6 -31.59 27.80 -23.14
N THR E 7 -31.11 27.84 -21.88
CA THR E 7 -31.82 28.38 -20.72
C THR E 7 -30.80 28.96 -19.72
N GLU E 8 -31.21 30.00 -18.97
CA GLU E 8 -30.42 30.55 -17.85
C GLU E 8 -30.66 29.74 -16.56
N VAL E 9 -29.65 29.71 -15.66
CA VAL E 9 -29.73 28.97 -14.38
C VAL E 9 -29.14 29.80 -13.23
N PHE E 10 -29.81 29.74 -12.08
CA PHE E 10 -29.32 30.26 -10.82
C PHE E 10 -28.24 29.32 -10.35
N LEU E 11 -27.40 29.81 -9.45
CA LEU E 11 -26.41 28.98 -8.79
C LEU E 11 -26.55 29.24 -7.30
N ASN E 12 -26.13 28.30 -6.47
CA ASN E 12 -26.27 28.45 -5.05
C ASN E 12 -25.37 29.53 -4.49
N ARG E 13 -24.40 29.98 -5.27
CA ARG E 13 -23.52 31.06 -4.84
C ARG E 13 -24.25 32.40 -4.77
N PHE E 14 -23.75 33.30 -3.93
CA PHE E 14 -24.37 34.59 -3.76
C PHE E 14 -23.40 35.78 -3.88
N ALA E 15 -23.83 36.85 -4.52
CA ALA E 15 -23.09 38.09 -4.61
C ALA E 15 -23.08 38.78 -3.27
N LEU E 16 -21.91 39.20 -2.81
CA LEU E 16 -21.80 39.88 -1.52
C LEU E 16 -20.91 41.12 -1.67
N ARG E 17 -20.64 41.78 -0.52
CA ARG E 17 -20.05 43.13 -0.51
C ARG E 17 -18.62 43.12 -1.05
N PRO E 18 -18.22 44.15 -1.81
CA PRO E 18 -16.81 44.36 -2.11
C PRO E 18 -16.04 44.73 -0.85
N LEU E 19 -14.88 44.07 -0.68
CA LEU E 19 -14.12 44.13 0.54
C LEU E 19 -13.67 45.55 0.86
N ASN E 20 -14.02 46.04 2.05
CA ASN E 20 -13.52 47.35 2.47
C ASN E 20 -12.00 47.29 2.59
N PRO E 21 -11.31 48.42 2.78
CA PRO E 21 -9.84 48.37 2.75
C PRO E 21 -9.21 47.66 3.95
N GLU E 22 -9.76 47.86 5.15
CA GLU E 22 -9.25 47.28 6.38
C GLU E 22 -9.26 45.75 6.37
N GLU E 23 -9.95 45.14 5.41
CA GLU E 23 -9.87 43.69 5.16
C GLU E 23 -8.83 43.34 4.11
N LEU E 24 -8.62 44.20 3.12
CA LEU E 24 -7.53 43.96 2.20
C LEU E 24 -6.22 44.02 2.96
N ARG E 25 -6.10 44.99 3.85
CA ARG E 25 -4.90 45.21 4.63
C ARG E 25 -4.84 44.46 5.96
N PRO E 26 -4.57 43.09 5.91
CA PRO E 26 -4.56 42.45 7.22
C PRO E 26 -3.28 42.77 7.96
N TRP E 27 -3.29 42.70 9.29
CA TRP E 27 -2.06 42.76 10.05
C TRP E 27 -1.31 41.49 9.74
N ARG E 28 0.00 41.54 9.59
CA ARG E 28 0.77 40.31 9.52
C ARG E 28 1.69 40.22 10.71
N LEU E 29 1.87 38.99 11.18
CA LEU E 29 2.78 38.75 12.28
C LEU E 29 3.81 37.74 11.85
N GLU E 30 5.07 38.07 12.06
CA GLU E 30 6.12 37.12 11.74
C GLU E 30 6.32 36.19 12.93
N VAL E 31 6.52 34.94 12.62
CA VAL E 31 6.60 33.90 13.63
C VAL E 31 8.05 33.54 13.85
N VAL E 32 8.41 33.35 15.11
CA VAL E 32 9.69 32.81 15.46
C VAL E 32 9.44 31.78 16.57
N LEU E 33 10.02 30.59 16.41
CA LEU E 33 9.71 29.47 17.30
C LEU E 33 10.96 28.68 17.60
N ASP E 34 11.07 28.28 18.87
CA ASP E 34 12.22 27.57 19.43
C ASP E 34 11.81 26.18 19.91
N PRO E 35 12.39 25.15 19.29
CA PRO E 35 13.38 25.20 18.21
C PRO E 35 12.73 25.46 16.87
N PRO E 36 13.47 25.96 15.90
CA PRO E 36 12.93 26.02 14.54
C PRO E 36 12.65 24.62 14.03
N PRO E 37 11.64 24.46 13.20
CA PRO E 37 11.33 23.13 12.67
C PRO E 37 11.93 22.89 11.31
N GLY E 38 12.19 21.61 11.01
CA GLY E 38 12.49 21.24 9.65
C GLY E 38 11.32 21.55 8.73
N ARG E 39 11.60 21.68 7.41
CA ARG E 39 10.51 22.13 6.52
C ARG E 39 9.38 21.11 6.41
N GLU E 40 9.59 19.86 6.84
CA GLU E 40 8.49 18.91 6.92
C GLU E 40 7.37 19.45 7.80
N GLU E 41 7.74 20.11 8.91
CA GLU E 41 6.77 20.52 9.92
C GLU E 41 6.46 22.02 9.91
N VAL E 42 6.84 22.78 8.88
CA VAL E 42 6.75 24.24 9.06
C VAL E 42 5.34 24.73 8.75
N TYR E 43 4.72 24.24 7.67
CA TYR E 43 3.34 24.65 7.36
C TYR E 43 2.36 24.24 8.46
N PRO E 44 2.38 23.01 8.98
CA PRO E 44 1.44 22.66 10.05
C PRO E 44 1.73 23.38 11.35
N LEU E 45 2.99 23.61 11.68
CA LEU E 45 3.28 24.33 12.91
C LEU E 45 2.69 25.74 12.85
N LEU E 46 2.82 26.42 11.71
CA LEU E 46 2.26 27.75 11.58
C LEU E 46 0.73 27.74 11.69
N ALA E 47 0.09 26.72 11.14
CA ALA E 47 -1.36 26.61 11.29
C ALA E 47 -1.74 26.38 12.75
N GLN E 48 -1.06 25.47 13.44
CA GLN E 48 -1.21 25.38 14.89
C GLN E 48 -0.94 26.73 15.55
N VAL E 49 -0.05 27.53 14.98
CA VAL E 49 0.22 28.85 15.54
C VAL E 49 -0.98 29.76 15.32
N ALA E 50 -1.49 29.81 14.08
CA ALA E 50 -2.65 30.65 13.79
C ALA E 50 -3.85 30.31 14.69
N ARG E 51 -3.86 29.10 15.23
CA ARG E 51 -4.98 28.65 16.04
C ARG E 51 -4.77 28.96 17.50
N ARG E 52 -3.55 28.85 17.99
CA ARG E 52 -3.31 29.23 19.38
C ARG E 52 -3.20 30.74 19.52
N ALA E 53 -2.87 31.45 18.44
CA ALA E 53 -2.82 32.90 18.50
C ALA E 53 -4.20 33.49 18.74
N GLY E 54 -5.23 32.73 18.43
CA GLY E 54 -6.60 33.19 18.55
C GLY E 54 -6.94 34.13 17.41
N GLY E 55 -8.04 34.83 17.60
CA GLY E 55 -8.49 35.87 16.69
C GLY E 55 -8.87 35.33 15.33
N VAL E 56 -8.98 36.26 14.38
CA VAL E 56 -9.27 35.84 13.02
C VAL E 56 -7.93 35.80 12.30
N THR E 57 -7.21 34.68 12.45
CA THR E 57 -5.85 34.54 11.91
C THR E 57 -5.70 33.25 11.13
N VAL E 58 -4.85 33.32 10.10
CA VAL E 58 -4.54 32.18 9.26
C VAL E 58 -3.09 32.23 8.85
N ARG E 59 -2.52 31.09 8.49
CA ARG E 59 -1.13 31.04 8.07
C ARG E 59 -0.96 31.86 6.82
N MET E 60 0.18 32.53 6.71
CA MET E 60 0.58 33.21 5.47
C MET E 60 2.04 32.92 5.15
N GLY E 61 2.33 31.76 4.58
CA GLY E 61 3.70 31.45 4.25
C GLY E 61 4.59 31.41 5.48
N ASP E 62 5.62 32.23 5.50
CA ASP E 62 6.56 32.30 6.61
C ASP E 62 5.95 32.75 7.93
N GLY E 63 4.92 33.59 7.85
CA GLY E 63 4.25 34.14 9.02
C GLY E 63 2.74 34.16 8.92
N LEU E 64 2.05 34.34 10.03
CA LEU E 64 0.60 34.49 10.05
C LEU E 64 0.09 35.85 9.55
N ALA E 65 -1.20 35.90 9.21
CA ALA E 65 -1.92 37.11 8.85
C ALA E 65 -3.14 37.15 9.74
N SER E 66 -3.69 38.33 10.00
CA SER E 66 -4.70 38.44 11.05
C SER E 66 -5.58 39.65 10.79
N TRP E 67 -6.90 39.42 10.80
CA TRP E 67 -7.91 40.46 10.76
C TRP E 67 -8.21 41.05 12.13
N SER E 68 -7.76 40.46 13.12
CA SER E 68 -7.80 40.94 14.49
C SER E 68 -6.50 41.64 14.81
N PRO E 69 -6.52 42.76 15.52
CA PRO E 69 -5.28 43.48 15.79
C PRO E 69 -4.40 42.67 16.74
N PRO E 70 -3.08 42.80 16.61
CA PRO E 70 -2.20 42.04 17.52
C PRO E 70 -2.60 42.18 18.98
N GLU E 71 -2.95 43.41 19.41
CA GLU E 71 -3.30 43.77 20.79
C GLU E 71 -4.31 42.85 21.46
N VAL E 72 -4.98 42.03 20.66
CA VAL E 72 -5.89 41.01 21.16
C VAL E 72 -5.45 39.60 20.81
N LEU E 73 -4.27 39.43 20.20
CA LEU E 73 -3.78 38.11 19.89
C LEU E 73 -2.82 37.62 20.97
N VAL E 74 -2.84 36.31 21.22
CA VAL E 74 -1.93 35.69 22.17
C VAL E 74 -0.59 35.51 21.44
N LEU E 75 0.39 36.39 21.71
CA LEU E 75 1.64 36.42 20.93
C LEU E 75 2.72 35.46 21.45
N GLU E 76 2.53 34.80 22.59
CA GLU E 76 3.52 33.90 23.19
C GLU E 76 2.81 32.69 23.78
N GLY E 77 3.35 31.50 23.55
CA GLY E 77 2.80 30.32 24.20
C GLY E 77 3.54 29.07 23.77
N THR E 78 3.02 27.94 24.22
CA THR E 78 3.58 26.65 23.90
C THR E 78 2.65 25.85 22.98
N LEU E 79 3.24 24.93 22.22
CA LEU E 79 2.51 24.07 21.29
C LEU E 79 3.27 22.76 21.11
N ALA E 80 2.59 21.63 21.15
CA ALA E 80 3.24 20.36 20.95
C ALA E 80 2.78 19.74 19.65
N ARG E 81 3.73 19.44 18.78
CA ARG E 81 3.47 18.75 17.54
C ARG E 81 4.41 17.59 17.38
N MET E 82 3.87 16.42 17.13
CA MET E 82 4.69 15.28 16.80
C MET E 82 5.65 14.96 17.91
N GLY E 83 5.28 15.30 19.13
CA GLY E 83 6.09 14.95 20.28
C GLY E 83 7.27 15.82 20.66
N GLN E 84 7.47 16.95 19.99
CA GLN E 84 8.47 17.89 20.44
C GLN E 84 7.83 19.24 20.68
N THR E 85 7.98 19.80 21.86
CA THR E 85 7.25 21.02 22.18
C THR E 85 8.06 22.24 21.79
N TYR E 86 7.34 23.32 21.49
CA TYR E 86 7.89 24.54 20.92
C TYR E 86 7.27 25.72 21.65
N ALA E 87 8.07 26.74 21.91
CA ALA E 87 7.51 28.02 22.25
C ALA E 87 7.58 28.92 21.02
N TYR E 88 6.56 29.74 20.83
CA TYR E 88 6.47 30.65 19.70
C TYR E 88 6.28 32.08 20.19
N ARG E 89 6.79 33.02 19.41
CA ARG E 89 6.54 34.43 19.62
C ARG E 89 6.10 35.03 18.29
N LEU E 90 5.37 36.15 18.38
CA LEU E 90 4.88 36.84 17.19
C LEU E 90 5.28 38.30 17.25
N TYR E 91 5.76 38.83 16.13
CA TYR E 91 6.12 40.23 16.06
C TYR E 91 5.31 40.93 14.98
N PRO E 92 4.42 41.93 15.43
CA PRO E 92 3.60 42.51 14.36
C PRO E 92 4.31 43.42 13.37
N LYS E 93 3.79 43.52 12.15
CA LYS E 93 4.33 44.47 11.19
C LYS E 93 3.26 45.31 10.50
N GLY E 94 2.61 46.19 11.25
CA GLY E 94 1.67 47.10 10.63
C GLY E 94 0.64 46.30 9.87
N ARG E 95 0.40 46.68 8.62
CA ARG E 95 -0.46 45.94 7.72
C ARG E 95 -0.05 46.21 6.28
N ARG E 96 -0.34 45.29 5.38
CA ARG E 96 -0.01 45.50 3.97
C ARG E 96 -1.00 44.84 3.02
N PRO E 97 -1.60 45.63 2.11
CA PRO E 97 -2.66 45.11 1.25
C PRO E 97 -2.26 43.84 0.53
N LEU E 98 -3.26 43.07 0.15
CA LEU E 98 -3.08 41.79 -0.50
C LEU E 98 -3.81 41.85 -1.82
N ASP E 99 -3.19 41.27 -2.84
CA ASP E 99 -3.77 41.31 -4.18
C ASP E 99 -4.84 40.23 -4.31
N PRO E 100 -6.07 40.58 -4.71
CA PRO E 100 -7.09 39.55 -4.96
C PRO E 100 -6.92 38.76 -6.26
N LYS E 101 -6.18 39.31 -7.23
CA LYS E 101 -5.87 38.58 -8.47
C LYS E 101 -4.82 37.50 -8.24
N ASP E 102 -3.89 37.75 -7.33
CA ASP E 102 -2.91 36.75 -6.97
C ASP E 102 -3.60 35.58 -6.29
N PRO E 103 -3.60 34.38 -6.86
CA PRO E 103 -4.23 33.22 -6.18
C PRO E 103 -3.79 33.02 -4.73
N GLY E 104 -2.51 33.18 -4.43
CA GLY E 104 -2.01 32.84 -3.11
C GLY E 104 -2.41 33.85 -2.05
N GLU E 105 -2.53 35.13 -2.43
CA GLU E 105 -2.98 36.13 -1.46
C GLU E 105 -4.49 36.14 -1.30
N ARG E 106 -5.24 35.72 -2.34
CA ARG E 106 -6.67 35.49 -2.19
C ARG E 106 -6.93 34.19 -1.47
N SER E 107 -6.01 33.22 -1.58
CA SER E 107 -6.12 32.03 -0.76
C SER E 107 -6.10 32.40 0.73
N VAL E 108 -5.32 33.42 1.08
CA VAL E 108 -5.26 33.87 2.47
C VAL E 108 -6.51 34.65 2.82
N LEU E 109 -6.98 35.49 1.91
CA LEU E 109 -8.21 36.23 2.18
C LEU E 109 -9.44 35.33 2.14
N SER E 110 -9.38 34.23 1.39
CA SER E 110 -10.42 33.20 1.47
C SER E 110 -10.37 32.51 2.83
N ALA E 111 -9.18 32.06 3.25
CA ALA E 111 -9.03 31.52 4.58
C ALA E 111 -9.47 32.52 5.63
N LEU E 112 -9.06 33.79 5.48
CA LEU E 112 -9.53 34.81 6.44
C LEU E 112 -11.04 34.82 6.47
N ALA E 113 -11.68 34.67 5.32
CA ALA E 113 -13.14 34.69 5.26
C ALA E 113 -13.73 33.46 5.96
N ARG E 114 -13.17 32.27 5.69
CA ARG E 114 -13.65 31.06 6.34
C ARG E 114 -13.65 31.23 7.84
N ARG E 115 -12.49 31.58 8.43
CA ARG E 115 -12.42 31.71 9.87
C ARG E 115 -13.22 32.90 10.37
N LEU E 116 -13.50 33.91 9.54
CA LEU E 116 -14.36 34.99 10.01
C LEU E 116 -15.78 34.49 10.15
N LEU E 117 -16.31 33.91 9.07
CA LEU E 117 -17.65 33.33 9.11
C LEU E 117 -17.82 32.41 10.31
N GLN E 118 -16.87 31.49 10.49
CA GLN E 118 -16.94 30.55 11.61
C GLN E 118 -16.96 31.24 12.97
N GLU E 119 -16.13 32.29 13.16
CA GLU E 119 -16.17 32.99 14.43
C GLU E 119 -17.49 33.68 14.64
N ARG E 120 -18.12 34.15 13.56
CA ARG E 120 -19.43 34.76 13.72
C ARG E 120 -20.48 33.73 14.06
N LEU E 121 -20.40 32.52 13.52
CA LEU E 121 -21.43 31.52 13.76
C LEU E 121 -21.49 31.08 15.22
N ARG E 122 -20.35 30.96 15.89
CA ARG E 122 -20.37 30.55 17.29
C ARG E 122 -21.15 31.54 18.14
N ARG E 123 -21.02 32.82 17.87
CA ARG E 123 -21.56 33.86 18.73
C ARG E 123 -23.07 34.04 18.63
N LEU E 124 -23.75 33.36 17.72
CA LEU E 124 -25.21 33.43 17.75
C LEU E 124 -25.74 32.19 18.46
N GLU E 125 -26.96 32.31 18.95
CA GLU E 125 -27.62 31.22 19.63
C GLU E 125 -29.06 31.17 19.11
N GLY E 126 -29.85 30.25 19.65
CA GLY E 126 -29.46 28.94 20.05
C GLY E 126 -29.60 28.32 18.68
N VAL E 127 -28.44 28.13 18.10
CA VAL E 127 -28.28 27.44 16.86
C VAL E 127 -27.31 26.31 17.12
N TRP E 128 -27.43 25.22 16.38
CA TRP E 128 -26.39 24.19 16.40
C TRP E 128 -25.39 24.47 15.30
N VAL E 129 -24.11 24.55 15.65
CA VAL E 129 -23.04 24.87 14.72
C VAL E 129 -22.00 23.76 14.71
N GLU E 130 -21.70 23.15 13.58
CA GLU E 130 -20.78 22.02 13.55
C GLU E 130 -19.66 22.23 12.55
N GLY E 131 -18.64 22.96 12.94
CA GLY E 131 -17.69 23.49 11.98
C GLY E 131 -18.31 24.60 11.16
N LEU E 132 -18.33 24.44 9.84
CA LEU E 132 -18.94 25.44 8.98
C LEU E 132 -20.41 25.17 8.65
N ALA E 133 -20.96 24.12 9.23
CA ALA E 133 -22.35 23.75 9.06
C ALA E 133 -23.18 24.31 10.18
N VAL E 134 -24.32 24.93 9.86
CA VAL E 134 -25.18 25.57 10.86
C VAL E 134 -26.61 25.05 10.74
N TYR E 135 -27.33 24.94 11.86
CA TYR E 135 -28.66 24.35 11.93
C TYR E 135 -29.59 25.18 12.80
N ARG E 136 -30.57 25.87 12.19
CA ARG E 136 -31.36 26.91 12.86
C ARG E 136 -32.82 26.53 13.13
N ARG E 137 -33.38 25.51 12.46
CA ARG E 137 -34.80 25.18 12.49
C ARG E 137 -34.99 23.68 12.65
N GLU E 138 -36.18 23.26 13.14
CA GLU E 138 -36.45 21.89 13.55
C GLU E 138 -37.40 21.19 12.58
N HIS E 139 -36.87 20.23 11.80
CA HIS E 139 -37.62 19.65 10.69
C HIS E 139 -38.70 18.69 11.18
N ALA E 140 -38.34 17.82 12.13
CA ALA E 140 -39.24 16.77 12.58
C ALA E 140 -38.81 16.27 13.96
N ARG E 141 -39.82 16.08 14.83
CA ARG E 141 -39.64 15.76 16.23
C ARG E 141 -40.14 14.36 16.49
N GLY E 142 -39.36 13.58 17.22
CA GLY E 142 -39.87 12.41 17.90
C GLY E 142 -39.76 12.57 19.40
N PRO E 143 -40.45 11.74 20.17
CA PRO E 143 -40.24 11.80 21.62
C PRO E 143 -38.78 11.63 22.02
N GLY E 144 -38.07 10.63 21.48
CA GLY E 144 -36.65 10.60 21.71
C GLY E 144 -35.89 11.75 21.06
N TRP E 145 -36.21 12.08 19.81
CA TRP E 145 -35.23 12.74 18.96
C TRP E 145 -35.70 14.10 18.48
N ARG E 146 -34.80 14.76 17.78
CA ARG E 146 -35.12 15.88 16.93
C ARG E 146 -34.32 15.68 15.65
N VAL E 147 -34.80 16.24 14.54
CA VAL E 147 -33.98 16.39 13.34
C VAL E 147 -34.01 17.86 13.00
N LEU E 148 -33.04 18.57 13.53
CA LEU E 148 -32.87 19.98 13.33
C LEU E 148 -32.20 20.19 11.98
N GLY E 149 -32.46 21.34 11.35
CA GLY E 149 -32.09 21.55 9.97
C GLY E 149 -31.43 22.90 9.69
N GLY E 150 -30.94 23.03 8.46
CA GLY E 150 -30.17 24.19 8.01
C GLY E 150 -29.25 23.85 6.85
N ALA E 151 -28.15 24.59 6.75
CA ALA E 151 -27.34 24.55 5.55
C ALA E 151 -25.86 24.43 5.90
N VAL E 152 -25.05 24.06 4.88
CA VAL E 152 -23.59 24.12 4.93
C VAL E 152 -23.12 25.36 4.22
N LEU E 153 -22.16 26.06 4.79
CA LEU E 153 -21.79 27.30 4.17
C LEU E 153 -20.31 27.30 3.86
N ASP E 154 -19.91 28.32 3.13
CA ASP E 154 -18.51 28.61 2.84
C ASP E 154 -18.48 30.05 2.40
N LEU E 155 -17.46 30.78 2.80
CA LEU E 155 -17.37 32.19 2.46
C LEU E 155 -15.96 32.48 1.98
N TRP E 156 -15.82 32.84 0.72
CA TRP E 156 -14.52 32.98 0.11
C TRP E 156 -14.40 34.27 -0.65
N VAL E 157 -13.18 34.65 -0.97
CA VAL E 157 -12.92 35.89 -1.66
C VAL E 157 -12.69 35.67 -3.15
N SER E 158 -13.43 36.43 -3.92
CA SER E 158 -13.39 36.39 -5.36
C SER E 158 -12.18 37.10 -5.89
N ASP E 159 -11.89 36.87 -7.17
CA ASP E 159 -10.90 37.66 -7.91
C ASP E 159 -11.38 39.10 -7.93
N SER E 160 -12.69 39.27 -7.99
CA SER E 160 -13.32 40.58 -7.98
C SER E 160 -13.05 41.38 -6.71
N GLY E 161 -12.79 40.70 -5.60
CA GLY E 161 -12.59 41.39 -4.35
C GLY E 161 -13.82 41.52 -3.48
N ALA E 162 -14.85 40.75 -3.79
CA ALA E 162 -16.09 40.72 -3.03
C ALA E 162 -16.27 39.35 -2.42
N PHE E 163 -16.93 39.29 -1.26
CA PHE E 163 -17.19 38.05 -0.57
C PHE E 163 -18.19 37.19 -1.36
N LEU E 164 -17.98 35.87 -1.34
CA LEU E 164 -18.82 34.93 -2.08
C LEU E 164 -19.37 33.92 -1.10
N LEU E 165 -20.67 33.64 -1.20
CA LEU E 165 -21.34 32.74 -0.27
C LEU E 165 -21.92 31.54 -0.95
N GLU E 166 -21.64 30.35 -0.44
CA GLU E 166 -22.18 29.12 -1.00
C GLU E 166 -23.02 28.43 0.04
N VAL E 167 -24.29 28.20 -0.28
CA VAL E 167 -25.21 27.57 0.65
C VAL E 167 -25.84 26.33 0.04
N ASP E 168 -25.78 25.22 0.76
CA ASP E 168 -26.53 24.02 0.40
C ASP E 168 -27.26 23.54 1.64
N PRO E 169 -28.67 23.43 1.55
CA PRO E 169 -29.28 22.94 2.80
C PRO E 169 -28.96 21.50 3.16
N ALA E 170 -28.70 21.24 4.44
CA ALA E 170 -28.42 19.89 4.91
C ALA E 170 -29.09 19.66 6.25
N TYR E 171 -29.40 18.40 6.57
CA TYR E 171 -30.08 18.09 7.81
C TYR E 171 -29.19 17.31 8.77
N ARG E 172 -29.66 17.23 10.00
CA ARG E 172 -28.95 16.59 11.09
C ARG E 172 -29.96 15.88 12.00
N ILE E 173 -29.59 14.69 12.45
CA ILE E 173 -30.42 13.90 13.34
C ILE E 173 -29.75 13.87 14.71
N LEU E 174 -30.44 14.36 15.72
CA LEU E 174 -29.90 14.48 17.05
C LEU E 174 -30.85 13.74 17.98
N CYS E 175 -30.38 12.63 18.55
CA CYS E 175 -31.18 11.80 19.44
C CYS E 175 -30.67 11.96 20.86
N GLU E 176 -31.50 12.47 21.74
CA GLU E 176 -31.05 12.86 23.06
C GLU E 176 -31.39 11.89 24.15
N MET E 177 -31.86 10.70 23.79
CA MET E 177 -32.38 9.80 24.80
C MET E 177 -31.62 8.48 24.88
N SER E 178 -31.72 7.85 26.03
CA SER E 178 -30.98 6.65 26.37
C SER E 178 -31.47 5.47 25.59
N LEU E 179 -30.66 4.42 25.48
CA LEU E 179 -31.04 3.20 24.78
C LEU E 179 -32.22 2.46 25.38
N GLU E 180 -32.29 2.41 26.70
CA GLU E 180 -33.37 1.72 27.35
C GLU E 180 -34.71 2.33 27.06
N ALA E 181 -34.81 3.66 27.04
CA ALA E 181 -36.11 4.26 26.76
C ALA E 181 -36.51 4.07 25.28
N TRP E 182 -35.56 4.24 24.35
CA TRP E 182 -35.83 4.00 22.93
C TRP E 182 -36.27 2.57 22.66
N LEU E 183 -35.66 1.61 23.36
CA LEU E 183 -36.20 0.26 23.31
C LEU E 183 -37.55 0.15 23.99
N ALA E 184 -37.78 1.03 24.94
CA ALA E 184 -38.97 1.07 25.79
C ALA E 184 -40.26 1.30 25.03
N GLN E 185 -40.15 1.94 23.87
CA GLN E 185 -41.28 2.27 23.03
C GLN E 185 -41.47 1.19 21.99
N GLY E 186 -40.86 0.04 22.25
CA GLY E 186 -40.95 -1.09 21.34
C GLY E 186 -40.41 -0.86 19.94
N HIS E 187 -39.22 -0.29 19.87
CA HIS E 187 -38.57 -0.05 18.59
C HIS E 187 -37.34 -0.91 18.44
N PRO E 188 -37.09 -1.36 17.14
CA PRO E 188 -35.97 -2.31 17.05
C PRO E 188 -34.65 -1.66 17.38
N LEU E 189 -33.67 -2.46 17.77
CA LEU E 189 -32.39 -1.91 18.15
C LEU E 189 -31.70 -1.25 16.98
N PRO E 190 -31.18 -0.06 17.23
CA PRO E 190 -30.36 0.68 16.27
C PRO E 190 -29.14 -0.14 15.89
N LYS E 191 -28.64 0.07 14.67
CA LYS E 191 -27.43 -0.61 14.24
C LYS E 191 -26.24 -0.25 15.11
N ARG E 192 -26.19 0.97 15.65
CA ARG E 192 -25.09 1.46 16.47
C ARG E 192 -25.65 2.16 17.71
N VAL E 193 -24.74 2.69 18.53
CA VAL E 193 -25.09 3.15 19.86
C VAL E 193 -23.88 3.85 20.43
N ARG E 194 -24.10 4.76 21.38
CA ARG E 194 -23.03 5.64 21.83
C ARG E 194 -23.06 5.71 23.34
N ASN E 195 -21.91 5.98 23.93
CA ASN E 195 -21.86 6.16 25.36
C ASN E 195 -22.68 7.36 25.75
N ALA E 196 -23.42 7.25 26.84
CA ALA E 196 -24.10 8.38 27.43
C ALA E 196 -23.14 9.40 27.97
N TYR E 197 -22.06 8.92 28.56
CA TYR E 197 -21.11 9.78 29.24
C TYR E 197 -19.99 10.34 28.37
N ASP E 198 -19.86 9.87 27.15
CA ASP E 198 -18.80 10.37 26.28
C ASP E 198 -19.04 10.17 24.80
N ARG E 199 -18.10 10.64 24.01
CA ARG E 199 -18.13 10.52 22.57
C ARG E 199 -18.09 9.11 22.02
N ARG E 200 -17.33 8.21 22.63
CA ARG E 200 -17.05 6.93 21.99
C ARG E 200 -18.33 6.19 21.69
N THR E 201 -18.40 5.65 20.49
CA THR E 201 -19.56 4.91 20.04
C THR E 201 -19.21 3.44 19.87
N TRP E 202 -20.19 2.59 20.17
CA TRP E 202 -20.13 1.15 19.99
C TRP E 202 -21.13 0.70 18.93
N GLU E 203 -21.05 -0.59 18.58
CA GLU E 203 -21.93 -1.26 17.62
C GLU E 203 -22.63 -2.38 18.37
N LEU E 204 -23.95 -2.54 18.16
CA LEU E 204 -24.84 -2.85 19.29
C LEU E 204 -25.01 -4.33 19.57
N LEU E 205 -25.06 -5.18 18.54
CA LEU E 205 -25.20 -6.60 18.76
C LEU E 205 -26.48 -6.91 19.54
N ARG E 206 -26.41 -7.61 20.65
CA ARG E 206 -27.61 -8.08 21.35
C ARG E 206 -27.66 -7.52 22.77
N LEU E 207 -28.71 -7.89 23.50
CA LEU E 207 -28.80 -7.61 24.94
C LEU E 207 -29.20 -8.89 25.66
N GLY E 208 -28.25 -9.54 26.33
CA GLY E 208 -28.51 -10.77 27.04
C GLY E 208 -29.33 -10.56 28.32
N GLU E 209 -29.63 -11.68 28.98
CA GLU E 209 -30.47 -11.69 30.17
C GLU E 209 -29.70 -11.42 31.47
N GLU E 210 -28.38 -11.29 31.41
CA GLU E 210 -27.58 -11.13 32.62
C GLU E 210 -28.16 -10.03 33.50
N ASP E 211 -28.06 -10.22 34.82
CA ASP E 211 -28.53 -9.23 35.78
C ASP E 211 -27.38 -8.32 36.19
N PRO E 212 -27.41 -7.03 35.85
CA PRO E 212 -26.19 -6.19 35.96
C PRO E 212 -25.62 -6.11 37.37
N LYS E 213 -26.42 -6.34 38.42
CA LYS E 213 -25.87 -6.34 39.77
C LYS E 213 -24.89 -7.51 39.99
N GLU E 214 -24.98 -8.59 39.21
CA GLU E 214 -24.14 -9.77 39.43
C GLU E 214 -23.34 -10.21 38.22
N LEU E 215 -23.40 -9.50 37.11
CA LEU E 215 -22.57 -9.85 35.96
C LEU E 215 -21.12 -9.56 36.26
N PRO E 216 -20.19 -10.42 35.78
CA PRO E 216 -18.78 -10.36 36.22
C PRO E 216 -17.83 -9.59 35.30
N LEU E 217 -17.24 -8.49 35.77
CA LEU E 217 -16.24 -7.79 34.96
C LEU E 217 -14.90 -8.52 35.00
N PRO E 218 -14.02 -8.25 34.03
CA PRO E 218 -12.68 -8.88 34.10
C PRO E 218 -11.95 -8.55 35.38
N GLY E 219 -12.15 -7.36 35.93
CA GLY E 219 -11.71 -7.07 37.27
C GLY E 219 -12.64 -7.66 38.33
N GLY E 220 -12.20 -7.59 39.59
CA GLY E 220 -13.01 -8.04 40.70
C GLY E 220 -14.20 -7.13 40.94
N LEU E 221 -15.00 -6.92 39.88
CA LEU E 221 -16.02 -5.89 39.86
C LEU E 221 -17.22 -6.44 39.10
N SER E 222 -18.28 -5.63 39.04
CA SER E 222 -19.51 -5.99 38.34
C SER E 222 -20.02 -4.81 37.52
N LEU E 223 -20.59 -5.13 36.35
CA LEU E 223 -21.06 -4.13 35.38
C LEU E 223 -21.79 -2.99 36.07
N LEU E 224 -22.87 -3.31 36.80
CA LEU E 224 -23.55 -2.30 37.59
C LEU E 224 -22.54 -1.53 38.45
N ASP E 225 -21.69 -2.25 39.20
CA ASP E 225 -20.83 -1.56 40.17
C ASP E 225 -19.73 -0.78 39.47
N TYR E 226 -19.34 -1.23 38.28
CA TYR E 226 -18.24 -0.58 37.56
C TYR E 226 -18.57 0.86 37.21
N HIS E 227 -19.56 1.06 36.34
CA HIS E 227 -19.99 2.40 35.97
C HIS E 227 -20.37 3.24 37.18
N ALA E 228 -20.82 2.60 38.26
CA ALA E 228 -21.14 3.37 39.45
C ALA E 228 -19.89 3.87 40.11
N SER E 229 -18.81 3.11 39.99
CA SER E 229 -17.55 3.52 40.53
C SER E 229 -17.12 4.79 39.85
N LYS E 230 -17.35 4.87 38.55
CA LYS E 230 -16.93 6.02 37.78
C LYS E 230 -18.02 7.08 37.76
N GLY E 231 -19.08 6.81 38.50
CA GLY E 231 -20.15 7.77 38.72
C GLY E 231 -20.90 8.30 37.53
N ARG E 232 -21.19 7.42 36.57
CA ARG E 232 -22.03 7.81 35.45
C ARG E 232 -23.52 7.65 35.76
N LEU E 233 -23.81 7.00 36.89
CA LEU E 233 -25.16 6.61 37.26
C LEU E 233 -25.91 7.64 38.09
N GLN E 234 -25.27 8.78 38.35
CA GLN E 234 -25.90 9.82 39.13
C GLN E 234 -27.17 10.37 38.50
N GLY E 235 -27.12 10.62 37.20
CA GLY E 235 -28.28 11.19 36.55
C GLY E 235 -29.15 10.19 35.82
N ARG E 236 -28.76 8.94 35.87
CA ARG E 236 -29.41 7.92 35.08
C ARG E 236 -29.48 6.62 35.84
N GLU E 237 -30.27 5.68 35.33
CA GLU E 237 -30.30 4.33 35.86
C GLU E 237 -29.86 3.40 34.75
N GLY E 238 -29.06 2.40 35.08
CA GLY E 238 -28.57 1.46 34.09
C GLY E 238 -29.57 0.53 33.42
N GLY E 239 -30.50 0.00 34.18
CA GLY E 239 -31.48 -0.92 33.63
C GLY E 239 -30.89 -2.16 32.99
N ARG E 240 -31.35 -2.49 31.80
CA ARG E 240 -31.01 -3.74 31.12
C ARG E 240 -29.60 -3.82 30.58
N VAL E 241 -29.00 -5.00 30.68
CA VAL E 241 -27.68 -5.25 30.15
C VAL E 241 -27.71 -5.30 28.64
N ALA E 242 -26.76 -4.61 28.02
CA ALA E 242 -26.58 -4.62 26.57
C ALA E 242 -25.28 -5.31 26.26
N TRP E 243 -25.18 -5.88 25.09
CA TRP E 243 -23.92 -6.49 24.68
C TRP E 243 -23.42 -5.74 23.46
N VAL E 244 -22.56 -4.75 23.62
CA VAL E 244 -22.01 -4.03 22.47
C VAL E 244 -20.71 -4.66 22.02
N ALA E 245 -20.24 -4.27 20.82
CA ALA E 245 -19.00 -4.79 20.27
C ALA E 245 -18.26 -3.68 19.51
N ASP E 246 -16.95 -3.63 19.67
CA ASP E 246 -16.15 -2.55 19.10
C ASP E 246 -16.14 -2.65 17.59
N PRO E 247 -16.36 -1.45 16.89
CA PRO E 247 -16.30 -1.63 15.44
C PRO E 247 -14.94 -2.06 14.94
N LYS E 248 -13.87 -1.52 15.52
CA LYS E 248 -12.52 -1.80 15.04
C LYS E 248 -12.19 -3.27 15.15
N ASP E 249 -12.54 -3.87 16.29
CA ASP E 249 -12.43 -5.31 16.44
C ASP E 249 -13.77 -5.88 16.89
N PRO E 250 -14.59 -6.42 15.87
CA PRO E 250 -15.93 -6.79 16.35
C PRO E 250 -15.93 -7.86 17.42
N ARG E 251 -15.13 -8.90 17.26
CA ARG E 251 -14.97 -9.86 18.35
C ARG E 251 -14.10 -9.15 19.37
N LYS E 252 -14.41 -9.27 20.65
CA LYS E 252 -15.43 -10.16 21.17
C LYS E 252 -16.47 -9.31 21.87
N PRO E 253 -17.70 -9.93 22.15
CA PRO E 253 -18.71 -9.01 22.68
C PRO E 253 -18.29 -8.40 23.99
N ILE E 254 -18.62 -7.13 24.20
CA ILE E 254 -18.29 -6.41 25.42
C ILE E 254 -19.57 -6.02 26.10
N PRO E 255 -19.67 -6.23 27.40
CA PRO E 255 -20.92 -6.01 28.12
C PRO E 255 -21.02 -4.55 28.54
N HIS E 256 -22.25 -4.12 28.83
CA HIS E 256 -22.59 -2.70 28.88
C HIS E 256 -24.06 -2.55 29.29
N LEU E 257 -24.37 -1.41 29.92
CA LEU E 257 -25.69 -1.16 30.47
C LEU E 257 -26.52 -0.23 29.60
N THR E 258 -27.67 -0.73 29.11
CA THR E 258 -28.53 0.06 28.22
C THR E 258 -28.90 1.41 28.80
N GLY E 259 -29.08 1.50 30.12
CA GLY E 259 -29.45 2.80 30.67
C GLY E 259 -28.45 3.90 30.38
N LEU E 260 -27.22 3.55 30.00
CA LEU E 260 -26.16 4.54 29.77
C LEU E 260 -25.69 4.55 28.33
N LEU E 261 -26.34 3.82 27.46
CA LEU E 261 -26.04 3.93 26.05
C LEU E 261 -27.09 4.82 25.42
N VAL E 262 -26.77 5.38 24.25
CA VAL E 262 -27.67 6.24 23.52
C VAL E 262 -27.75 5.69 22.11
N PRO E 263 -28.93 5.47 21.56
CA PRO E 263 -29.02 5.04 20.17
C PRO E 263 -28.60 6.18 19.26
N VAL E 264 -27.99 5.83 18.14
CA VAL E 264 -27.60 6.79 17.11
C VAL E 264 -28.46 6.45 15.89
N LEU E 265 -29.41 7.32 15.58
CA LEU E 265 -30.49 7.02 14.65
C LEU E 265 -30.12 7.40 13.22
N THR E 266 -30.54 6.58 12.24
CA THR E 266 -30.47 6.92 10.82
C THR E 266 -31.89 7.04 10.22
N LEU E 267 -31.98 7.16 8.91
CA LEU E 267 -33.33 7.24 8.36
C LEU E 267 -34.05 5.89 8.48
N GLU E 268 -33.28 4.79 8.62
CA GLU E 268 -33.87 3.48 8.92
C GLU E 268 -34.52 3.44 10.28
N ASP E 269 -33.93 4.11 11.27
CA ASP E 269 -34.49 4.10 12.61
C ASP E 269 -35.53 5.19 12.79
N LEU E 270 -35.42 6.28 12.04
CA LEU E 270 -36.48 7.29 12.08
C LEU E 270 -37.70 6.84 11.32
N HIS E 271 -37.56 5.79 10.52
CA HIS E 271 -38.62 5.46 9.59
C HIS E 271 -39.74 4.71 10.30
N GLU E 272 -39.42 3.98 11.37
CA GLU E 272 -40.47 3.44 12.25
C GLU E 272 -41.32 4.56 12.82
N GLU E 273 -40.69 5.67 13.22
CA GLU E 273 -41.39 6.77 13.87
C GLU E 273 -42.02 7.76 12.89
N GLU E 274 -41.34 8.05 11.79
CA GLU E 274 -41.65 9.19 10.95
C GLU E 274 -42.25 8.88 9.60
N GLY E 275 -42.70 7.65 9.39
CA GLY E 275 -43.16 7.27 8.07
C GLY E 275 -42.01 7.46 7.13
N SER E 276 -40.83 7.16 7.64
CA SER E 276 -39.59 7.03 6.88
C SER E 276 -39.23 8.27 6.09
N LEU E 277 -39.47 9.45 6.64
CA LEU E 277 -39.32 10.65 5.85
C LEU E 277 -37.92 10.72 5.36
N ALA E 278 -37.78 11.10 4.09
CA ALA E 278 -36.51 11.10 3.40
C ALA E 278 -35.96 12.49 3.49
N LEU E 279 -34.72 12.58 3.92
CA LEU E 279 -34.05 13.85 4.08
C LEU E 279 -33.79 14.54 2.75
N SER E 280 -33.69 13.75 1.69
CA SER E 280 -33.52 14.32 0.36
C SER E 280 -34.61 15.34 0.05
N LEU E 281 -34.19 16.55 -0.34
CA LEU E 281 -35.18 17.57 -0.61
C LEU E 281 -35.61 17.52 -2.08
N PRO E 282 -36.80 18.04 -2.39
CA PRO E 282 -37.18 18.25 -3.78
C PRO E 282 -36.55 19.53 -4.29
N TRP E 283 -36.19 19.53 -5.57
CA TRP E 283 -35.33 20.59 -6.03
C TRP E 283 -35.97 21.95 -5.81
N GLU E 284 -37.30 22.04 -5.88
CA GLU E 284 -37.94 23.34 -5.76
C GLU E 284 -38.07 23.80 -4.31
N GLU E 285 -37.91 22.89 -3.32
CA GLU E 285 -37.81 23.27 -1.91
C GLU E 285 -36.38 23.57 -1.54
N ARG E 286 -35.44 22.70 -1.93
CA ARG E 286 -34.04 22.94 -1.66
C ARG E 286 -33.61 24.29 -2.22
N ARG E 287 -34.00 24.55 -3.46
CA ARG E 287 -33.82 25.88 -4.00
C ARG E 287 -34.46 26.91 -3.10
N ARG E 288 -35.68 26.64 -2.66
CA ARG E 288 -36.39 27.60 -1.82
C ARG E 288 -35.66 27.81 -0.51
N ARG E 289 -35.05 26.74 0.03
CA ARG E 289 -34.34 26.92 1.29
C ARG E 289 -33.06 27.72 1.07
N THR E 290 -32.29 27.38 0.03
CA THR E 290 -31.02 28.07 -0.21
C THR E 290 -31.20 29.59 -0.18
N ARG E 291 -32.02 30.13 -1.07
CA ARG E 291 -32.28 31.56 -1.02
C ARG E 291 -32.65 31.99 0.39
N GLU E 292 -33.65 31.33 1.00
CA GLU E 292 -34.11 31.69 2.35
C GLU E 292 -32.91 31.82 3.30
N ILE E 293 -32.13 30.74 3.37
CA ILE E 293 -31.13 30.63 4.44
C ILE E 293 -30.06 31.69 4.25
N ALA E 294 -29.66 31.92 3.00
CA ALA E 294 -28.68 32.95 2.71
C ALA E 294 -29.16 34.32 3.16
N SER E 295 -30.44 34.63 2.95
CA SER E 295 -30.97 35.88 3.51
C SER E 295 -30.79 35.92 5.03
N TRP E 296 -31.11 34.82 5.70
CA TRP E 296 -30.99 34.79 7.15
C TRP E 296 -29.56 34.98 7.58
N ILE E 297 -28.61 34.34 6.88
CA ILE E 297 -27.21 34.63 7.12
C ILE E 297 -26.93 36.08 6.83
N GLY E 298 -27.35 36.54 5.64
CA GLY E 298 -26.99 37.88 5.21
C GLY E 298 -27.48 38.95 6.16
N ARG E 299 -28.67 38.75 6.74
CA ARG E 299 -29.16 39.71 7.70
C ARG E 299 -28.41 39.63 9.01
N ARG E 300 -27.61 38.58 9.20
CA ARG E 300 -26.78 38.41 10.39
C ARG E 300 -25.36 38.87 10.16
N LEU E 301 -24.93 38.92 8.91
CA LEU E 301 -23.52 39.07 8.60
C LEU E 301 -23.06 40.50 8.43
N GLY E 302 -23.83 41.35 7.77
CA GLY E 302 -23.37 42.71 7.56
C GLY E 302 -22.44 42.86 6.39
N LEU E 303 -22.55 41.97 5.41
CA LEU E 303 -21.92 42.14 4.11
C LEU E 303 -22.95 42.52 3.06
N GLY E 304 -23.97 43.28 3.45
CA GLY E 304 -25.00 43.62 2.48
C GLY E 304 -25.86 42.43 2.04
N THR E 305 -26.58 42.65 0.99
CA THR E 305 -27.56 41.67 0.59
C THR E 305 -27.05 40.82 -0.54
N PRO E 306 -27.22 39.51 -0.44
CA PRO E 306 -26.75 38.62 -1.50
C PRO E 306 -27.69 38.62 -2.69
N GLU E 307 -27.08 38.60 -3.86
CA GLU E 307 -27.77 38.49 -5.15
C GLU E 307 -27.37 37.14 -5.71
N ALA E 308 -28.37 36.27 -5.87
CA ALA E 308 -28.10 34.92 -6.36
C ALA E 308 -27.37 34.99 -7.67
N VAL E 309 -26.18 34.37 -7.74
CA VAL E 309 -25.43 34.45 -8.97
C VAL E 309 -26.05 33.50 -9.99
N ARG E 310 -26.29 34.03 -11.19
CA ARG E 310 -26.81 33.29 -12.33
C ARG E 310 -25.70 32.98 -13.33
N ALA E 311 -25.86 31.86 -14.03
CA ALA E 311 -24.95 31.48 -15.09
C ALA E 311 -25.75 31.11 -16.33
N GLN E 312 -25.27 31.52 -17.50
CA GLN E 312 -25.89 31.08 -18.75
C GLN E 312 -25.68 29.59 -18.94
N ALA E 313 -26.67 28.94 -19.55
CA ALA E 313 -26.66 27.49 -19.62
C ALA E 313 -27.28 27.04 -20.93
N TYR E 314 -26.96 25.80 -21.34
CA TYR E 314 -27.35 25.31 -22.64
C TYR E 314 -27.78 23.85 -22.54
N ARG E 315 -28.80 23.49 -23.30
CA ARG E 315 -29.34 22.14 -23.31
C ARG E 315 -28.62 21.21 -24.27
N LEU E 316 -28.09 20.12 -23.73
CA LEU E 316 -27.33 19.16 -24.53
C LEU E 316 -28.18 18.19 -25.35
N SER E 317 -27.52 17.51 -26.29
CA SER E 317 -28.15 16.52 -27.13
C SER E 317 -28.69 15.37 -26.32
N ILE E 318 -29.85 14.86 -26.71
CA ILE E 318 -30.44 13.74 -26.02
C ILE E 318 -29.97 12.52 -26.73
N PRO E 319 -29.30 11.57 -25.93
CA PRO E 319 -28.79 10.43 -26.72
C PRO E 319 -29.93 9.63 -27.26
N LYS E 320 -29.87 9.32 -28.55
CA LYS E 320 -30.74 8.33 -29.12
C LYS E 320 -30.03 7.01 -28.97
N LEU E 321 -29.92 6.52 -27.75
CA LEU E 321 -29.22 5.26 -27.54
C LEU E 321 -30.03 4.24 -28.33
N MET E 322 -29.37 3.27 -28.93
CA MET E 322 -30.03 2.39 -29.87
C MET E 322 -29.78 0.92 -29.57
N GLY E 323 -30.56 0.03 -30.18
CA GLY E 323 -31.52 0.36 -31.21
C GLY E 323 -31.26 -0.36 -32.51
N VAL E 327 -34.07 3.75 -28.97
CA VAL E 327 -34.30 3.27 -27.61
C VAL E 327 -34.30 4.47 -26.65
N SER E 328 -35.13 4.35 -25.60
CA SER E 328 -35.31 5.36 -24.56
C SER E 328 -34.68 4.97 -23.23
N LYS E 329 -34.63 3.68 -22.91
CA LYS E 329 -34.04 3.12 -21.70
C LYS E 329 -33.40 1.81 -22.15
N PRO E 330 -32.20 1.49 -21.69
CA PRO E 330 -31.57 0.22 -22.08
C PRO E 330 -32.45 -0.97 -21.77
N ALA E 331 -33.42 -0.80 -20.88
CA ALA E 331 -34.41 -1.87 -20.73
C ALA E 331 -35.25 -2.01 -21.99
N ASP E 332 -35.53 -0.90 -22.65
CA ASP E 332 -36.31 -0.90 -23.87
C ASP E 332 -35.57 -1.73 -24.89
N ALA E 333 -34.25 -1.65 -24.85
CA ALA E 333 -33.41 -2.42 -25.73
C ALA E 333 -33.54 -3.92 -25.53
N LEU E 334 -33.81 -4.38 -24.31
CA LEU E 334 -33.73 -5.80 -24.03
C LEU E 334 -34.69 -6.66 -24.85
N ARG E 335 -35.94 -6.24 -24.99
CA ARG E 335 -36.88 -6.91 -25.88
C ARG E 335 -36.51 -6.79 -27.36
N VAL E 336 -36.09 -5.60 -27.77
CA VAL E 336 -35.71 -5.30 -29.15
C VAL E 336 -34.26 -5.67 -29.43
N GLY E 337 -33.82 -5.54 -30.68
CA GLY E 337 -32.44 -5.86 -31.02
C GLY E 337 -31.41 -4.96 -30.38
N PHE E 338 -30.34 -5.59 -29.89
CA PHE E 338 -29.22 -4.88 -29.31
C PHE E 338 -28.44 -4.22 -30.42
N TYR E 339 -27.78 -3.11 -30.17
CA TYR E 339 -26.93 -2.55 -31.23
C TYR E 339 -25.97 -3.58 -31.78
N ARG E 340 -25.53 -4.52 -30.94
CA ARG E 340 -24.63 -5.58 -31.38
C ARG E 340 -24.92 -6.99 -30.84
N ALA E 341 -25.95 -7.65 -31.33
CA ALA E 341 -26.17 -9.04 -30.96
C ALA E 341 -25.08 -9.92 -31.53
N GLN E 342 -24.64 -10.92 -30.75
CA GLN E 342 -23.65 -11.87 -31.24
C GLN E 342 -23.99 -13.29 -30.81
N GLU E 343 -23.58 -14.28 -31.61
CA GLU E 343 -23.88 -15.66 -31.28
C GLU E 343 -23.23 -15.89 -29.94
N THR E 344 -23.96 -16.52 -29.03
CA THR E 344 -23.56 -16.48 -27.64
C THR E 344 -24.09 -17.62 -26.78
N ALA E 345 -23.50 -17.78 -25.61
CA ALA E 345 -23.84 -18.85 -24.71
C ALA E 345 -23.92 -18.31 -23.30
N LEU E 346 -24.59 -19.04 -22.43
CA LEU E 346 -24.64 -18.76 -20.99
C LEU E 346 -24.65 -20.07 -20.20
N ALA E 347 -24.22 -20.02 -18.95
CA ALA E 347 -24.29 -21.19 -18.08
C ALA E 347 -24.98 -20.81 -16.78
N LEU E 348 -25.36 -21.83 -16.01
CA LEU E 348 -26.12 -21.64 -14.78
C LEU E 348 -25.59 -22.51 -13.64
N LEU E 349 -25.39 -21.92 -12.47
CA LEU E 349 -25.06 -22.67 -11.27
C LEU E 349 -25.58 -21.97 -10.03
N ARG E 350 -26.04 -22.73 -9.04
CA ARG E 350 -26.55 -22.18 -7.79
C ARG E 350 -26.50 -23.19 -6.66
N LEU E 351 -26.55 -22.68 -5.43
CA LEU E 351 -26.58 -23.52 -4.24
C LEU E 351 -27.81 -23.37 -3.34
N ASP E 352 -28.93 -22.92 -3.89
CA ASP E 352 -30.08 -22.54 -3.05
C ASP E 352 -30.59 -23.71 -2.21
N GLY E 353 -30.77 -24.86 -2.85
CA GLY E 353 -30.57 -24.91 -4.28
C GLY E 353 -31.82 -25.22 -5.08
N ALA E 354 -32.18 -24.29 -5.94
CA ALA E 354 -33.22 -24.54 -6.90
C ALA E 354 -32.67 -25.66 -7.77
N GLN E 355 -33.51 -26.61 -8.14
CA GLN E 355 -33.06 -27.66 -9.05
C GLN E 355 -32.70 -27.15 -10.44
N GLY E 356 -33.52 -26.24 -10.95
CA GLY E 356 -33.58 -25.97 -12.37
C GLY E 356 -33.75 -24.54 -12.84
N TRP E 357 -33.47 -24.35 -14.12
CA TRP E 357 -33.71 -23.10 -14.82
C TRP E 357 -35.20 -22.86 -14.78
N PRO E 358 -35.62 -21.54 -14.54
CA PRO E 358 -37.07 -21.37 -14.54
C PRO E 358 -37.47 -20.68 -15.83
N GLU E 359 -38.39 -21.28 -16.58
CA GLU E 359 -38.62 -20.83 -17.94
C GLU E 359 -39.53 -19.62 -18.01
N PHE E 360 -39.10 -18.52 -17.40
CA PHE E 360 -39.64 -17.21 -17.69
C PHE E 360 -38.53 -16.25 -18.15
N LEU E 361 -37.33 -16.47 -17.63
CA LEU E 361 -36.13 -15.74 -18.03
C LEU E 361 -35.68 -16.02 -19.47
N ARG E 362 -35.80 -17.28 -19.85
CA ARG E 362 -35.33 -17.77 -21.14
C ARG E 362 -36.05 -17.06 -22.25
N ARG E 363 -37.35 -16.86 -22.02
CA ARG E 363 -38.27 -16.33 -23.02
C ARG E 363 -37.86 -14.95 -23.44
N ALA E 364 -37.47 -14.14 -22.46
CA ALA E 364 -37.02 -12.78 -22.73
C ALA E 364 -35.73 -12.77 -23.55
N LEU E 365 -34.82 -13.68 -23.22
CA LEU E 365 -33.56 -13.75 -23.94
C LEU E 365 -33.78 -14.15 -25.39
N LEU E 366 -34.65 -15.12 -25.60
CA LEU E 366 -34.88 -15.63 -26.95
C LEU E 366 -35.47 -14.57 -27.87
N ARG E 367 -36.44 -13.82 -27.35
CA ARG E 367 -37.16 -12.83 -28.15
C ARG E 367 -36.29 -11.71 -28.70
N ALA E 368 -35.41 -11.17 -27.86
CA ALA E 368 -34.49 -10.13 -28.29
C ALA E 368 -33.50 -10.67 -29.32
N PHE E 369 -32.98 -11.86 -29.09
CA PHE E 369 -32.17 -12.54 -30.08
C PHE E 369 -33.01 -13.01 -31.26
N GLY E 370 -34.34 -12.98 -31.13
CA GLY E 370 -35.25 -13.34 -32.20
C GLY E 370 -35.86 -12.15 -32.96
N ALA E 371 -35.76 -10.96 -32.37
CA ALA E 371 -36.07 -9.67 -33.01
C ALA E 371 -34.85 -9.06 -33.69
N SER E 372 -33.68 -9.19 -33.07
CA SER E 372 -32.46 -8.80 -33.72
C SER E 372 -32.13 -9.76 -34.85
N GLY E 373 -32.36 -11.05 -34.62
CA GLY E 373 -32.05 -12.09 -35.57
C GLY E 373 -30.81 -12.93 -35.22
N ALA E 374 -30.44 -13.03 -33.95
CA ALA E 374 -29.21 -13.66 -33.50
C ALA E 374 -29.53 -14.93 -32.72
N SER E 375 -28.87 -16.04 -33.08
CA SER E 375 -29.10 -17.29 -32.38
C SER E 375 -28.69 -17.15 -30.92
N LEU E 376 -29.22 -18.01 -30.05
CA LEU E 376 -28.76 -18.04 -28.68
C LEU E 376 -29.04 -19.37 -28.03
N ARG E 377 -28.29 -19.67 -26.98
CA ARG E 377 -28.48 -20.89 -26.23
C ARG E 377 -28.39 -20.55 -24.78
N LEU E 378 -29.02 -21.35 -23.94
CA LEU E 378 -28.78 -21.27 -22.52
C LEU E 378 -28.50 -22.67 -22.01
N HIS E 379 -27.30 -22.92 -21.52
CA HIS E 379 -26.92 -24.24 -21.03
C HIS E 379 -27.22 -24.41 -19.55
N THR E 380 -26.78 -25.52 -18.98
CA THR E 380 -26.97 -25.77 -17.55
C THR E 380 -25.70 -26.26 -16.88
N LEU E 381 -25.61 -26.06 -15.59
CA LEU E 381 -24.44 -26.47 -14.84
C LEU E 381 -24.85 -26.98 -13.47
N HIS E 382 -24.03 -27.85 -12.87
CA HIS E 382 -24.31 -28.32 -11.52
C HIS E 382 -22.97 -28.26 -10.80
N ALA E 383 -22.94 -27.67 -9.60
CA ALA E 383 -21.67 -27.42 -8.90
C ALA E 383 -21.53 -27.93 -7.46
N HIS E 384 -20.39 -28.55 -7.16
CA HIS E 384 -20.09 -29.13 -5.86
C HIS E 384 -19.12 -28.22 -5.12
N PRO E 385 -19.58 -27.65 -3.91
CA PRO E 385 -18.62 -26.71 -3.31
C PRO E 385 -17.67 -27.30 -2.29
N SER E 386 -17.91 -28.53 -1.82
CA SER E 386 -17.03 -29.11 -0.81
C SER E 386 -15.59 -29.41 -1.27
N GLN E 387 -15.43 -29.99 -2.45
CA GLN E 387 -14.11 -30.17 -3.06
C GLN E 387 -13.83 -29.11 -4.13
N GLY E 388 -14.82 -28.83 -4.96
CA GLY E 388 -14.72 -27.76 -5.94
C GLY E 388 -13.93 -28.18 -7.16
N LEU E 389 -13.50 -29.43 -7.19
CA LEU E 389 -12.65 -29.85 -8.29
C LEU E 389 -13.39 -29.71 -9.59
N ALA E 390 -14.66 -30.06 -9.59
CA ALA E 390 -15.45 -30.17 -10.81
C ALA E 390 -15.45 -28.89 -11.62
N PHE E 391 -15.34 -27.77 -10.93
CA PHE E 391 -15.51 -26.48 -11.57
C PHE E 391 -14.50 -26.43 -12.69
N ARG E 392 -13.34 -27.02 -12.45
CA ARG E 392 -12.33 -27.13 -13.47
C ARG E 392 -12.83 -27.95 -14.66
N GLU E 393 -13.56 -29.02 -14.39
CA GLU E 393 -14.08 -29.81 -15.49
C GLU E 393 -15.23 -29.09 -16.17
N ALA E 394 -15.90 -28.20 -15.44
CA ALA E 394 -17.00 -27.46 -16.05
C ALA E 394 -16.47 -26.43 -17.02
N LEU E 395 -15.50 -25.62 -16.60
CA LEU E 395 -14.93 -24.59 -17.47
C LEU E 395 -14.43 -25.12 -18.81
N ARG E 396 -13.92 -26.35 -18.84
CA ARG E 396 -13.59 -27.03 -20.09
C ARG E 396 -14.82 -27.40 -20.90
N LYS E 397 -15.83 -27.94 -20.25
CA LYS E 397 -17.13 -28.07 -20.88
C LYS E 397 -17.72 -26.69 -21.16
N ALA E 398 -17.64 -25.84 -20.15
CA ALA E 398 -18.19 -24.51 -20.17
C ALA E 398 -17.49 -23.70 -21.22
N LYS E 399 -16.19 -23.92 -21.34
CA LYS E 399 -15.37 -23.12 -22.23
C LYS E 399 -15.89 -23.29 -23.64
N GLU E 400 -16.24 -24.52 -23.99
CA GLU E 400 -16.81 -24.78 -25.29
C GLU E 400 -18.23 -25.34 -25.17
N GLU E 401 -19.20 -24.68 -25.81
CA GLU E 401 -19.04 -23.33 -26.32
C GLU E 401 -19.78 -22.32 -25.45
N GLY E 402 -20.36 -22.80 -24.37
CA GLY E 402 -21.32 -22.03 -23.57
C GLY E 402 -21.07 -20.85 -22.65
N VAL E 403 -19.85 -20.71 -22.13
CA VAL E 403 -19.59 -19.67 -21.14
C VAL E 403 -18.99 -18.39 -21.69
N GLN E 404 -19.81 -17.53 -22.30
CA GLN E 404 -19.53 -16.10 -22.40
C GLN E 404 -19.64 -15.35 -21.06
N ALA E 405 -20.65 -15.72 -20.26
CA ALA E 405 -20.93 -15.19 -18.95
C ALA E 405 -21.81 -16.18 -18.21
N VAL E 406 -21.89 -16.04 -16.90
CA VAL E 406 -22.52 -17.01 -16.02
C VAL E 406 -23.56 -16.40 -15.08
N LEU E 407 -24.40 -17.24 -14.48
CA LEU E 407 -25.35 -16.76 -13.46
C LEU E 407 -25.51 -17.73 -12.28
N VAL E 408 -25.54 -17.18 -11.07
CA VAL E 408 -25.72 -17.93 -9.83
C VAL E 408 -26.84 -17.27 -9.04
N LEU E 409 -27.32 -17.97 -8.01
CA LEU E 409 -28.31 -17.44 -7.08
C LEU E 409 -28.17 -18.24 -5.79
N THR E 410 -28.10 -17.52 -4.67
CA THR E 410 -27.63 -18.17 -3.46
C THR E 410 -28.17 -17.40 -2.27
N PRO E 411 -28.36 -18.07 -1.13
CA PRO E 411 -28.69 -17.37 0.09
C PRO E 411 -27.68 -16.27 0.36
N PRO E 412 -28.11 -15.15 0.94
CA PRO E 412 -27.22 -14.00 1.09
C PRO E 412 -25.94 -14.42 1.76
N MET E 413 -24.83 -14.01 1.14
CA MET E 413 -23.51 -14.38 1.59
C MET E 413 -22.88 -13.20 2.32
N ALA E 414 -22.35 -13.48 3.50
CA ALA E 414 -21.42 -12.57 4.17
C ALA E 414 -20.31 -12.21 3.20
N TRP E 415 -19.66 -11.07 3.42
CA TRP E 415 -18.68 -10.67 2.41
C TRP E 415 -17.52 -11.65 2.37
N GLU E 416 -17.07 -12.09 3.53
CA GLU E 416 -16.03 -13.12 3.60
C GLU E 416 -16.36 -14.32 2.71
N ASP E 417 -17.54 -14.89 2.88
CA ASP E 417 -17.93 -16.01 2.02
C ASP E 417 -18.23 -15.55 0.60
N ARG E 418 -18.78 -14.33 0.42
CA ARG E 418 -19.19 -13.86 -0.91
C ARG E 418 -18.00 -13.68 -1.83
N ASN E 419 -16.94 -13.02 -1.32
CA ASN E 419 -15.74 -12.86 -2.12
C ASN E 419 -15.02 -14.18 -2.30
N ARG E 420 -14.95 -15.01 -1.24
CA ARG E 420 -14.22 -16.27 -1.34
C ARG E 420 -14.80 -17.15 -2.45
N LEU E 421 -16.12 -17.08 -2.66
CA LEU E 421 -16.70 -17.83 -3.77
C LEU E 421 -16.37 -17.16 -5.10
N LYS E 422 -16.37 -15.83 -5.13
CA LYS E 422 -16.01 -15.14 -6.36
C LYS E 422 -14.54 -15.34 -6.70
N ALA E 423 -13.70 -15.58 -5.70
CA ALA E 423 -12.31 -15.91 -5.96
C ALA E 423 -12.22 -17.21 -6.70
N LEU E 424 -13.02 -18.18 -6.27
CA LEU E 424 -13.14 -19.48 -6.92
C LEU E 424 -13.74 -19.35 -8.31
N LEU E 425 -14.66 -18.41 -8.46
CA LEU E 425 -15.34 -18.20 -9.72
C LEU E 425 -14.40 -17.79 -10.85
N LEU E 426 -13.48 -16.89 -10.54
CA LEU E 426 -12.49 -16.40 -11.51
C LEU E 426 -11.43 -17.40 -11.94
N ARG E 427 -11.09 -18.31 -11.05
CA ARG E 427 -9.90 -19.11 -11.16
C ARG E 427 -9.95 -19.80 -12.49
N GLU E 428 -11.15 -20.18 -12.89
CA GLU E 428 -11.36 -20.88 -14.15
C GLU E 428 -11.81 -19.91 -15.22
N GLY E 429 -11.52 -18.63 -15.00
CA GLY E 429 -11.93 -17.62 -15.95
C GLY E 429 -13.42 -17.55 -16.18
N LEU E 430 -14.14 -17.38 -15.07
CA LEU E 430 -15.61 -17.44 -15.08
C LEU E 430 -16.20 -16.14 -14.55
N PRO E 431 -16.66 -15.21 -15.45
CA PRO E 431 -17.40 -14.03 -14.97
C PRO E 431 -18.57 -14.50 -14.16
N SER E 432 -19.16 -13.66 -13.31
CA SER E 432 -20.34 -14.11 -12.57
C SER E 432 -21.18 -12.95 -12.11
N GLN E 433 -22.45 -13.25 -11.89
CA GLN E 433 -23.48 -12.33 -11.44
C GLN E 433 -24.39 -13.08 -10.47
N ILE E 434 -24.65 -12.50 -9.30
CA ILE E 434 -25.54 -13.12 -8.33
C ILE E 434 -26.88 -12.39 -8.37
N LEU E 435 -27.96 -13.14 -8.13
CA LEU E 435 -29.20 -12.62 -7.57
C LEU E 435 -29.51 -13.50 -6.37
N ASN E 436 -29.84 -12.89 -5.24
CA ASN E 436 -29.97 -13.68 -4.04
C ASN E 436 -31.22 -14.57 -4.18
N VAL E 437 -31.27 -15.69 -3.44
CA VAL E 437 -32.57 -16.35 -3.24
C VAL E 437 -33.24 -15.72 -2.03
N PRO E 438 -34.55 -15.52 -2.12
CA PRO E 438 -35.34 -16.08 -3.22
C PRO E 438 -35.95 -15.02 -4.11
N LEU E 439 -35.68 -15.14 -5.40
CA LEU E 439 -36.26 -14.28 -6.40
C LEU E 439 -37.72 -14.62 -6.61
N ARG E 440 -38.53 -13.64 -6.95
CA ARG E 440 -39.89 -13.92 -7.36
C ARG E 440 -40.17 -13.28 -8.71
N GLU E 441 -40.66 -14.06 -9.66
CA GLU E 441 -40.74 -13.53 -10.99
C GLU E 441 -41.59 -12.30 -10.88
N GLU E 442 -42.61 -12.37 -10.06
CA GLU E 442 -43.54 -11.27 -10.02
C GLU E 442 -42.81 -9.94 -9.96
N GLU E 443 -41.78 -9.83 -9.12
CA GLU E 443 -41.05 -8.57 -9.02
C GLU E 443 -39.85 -8.58 -9.94
N ARG E 444 -40.06 -8.02 -11.12
CA ARG E 444 -39.15 -8.16 -12.26
C ARG E 444 -37.77 -7.53 -12.22
N HIS E 445 -37.67 -6.34 -11.63
CA HIS E 445 -36.51 -5.50 -11.81
C HIS E 445 -35.24 -6.17 -11.33
N ARG E 446 -35.30 -6.77 -10.16
CA ARG E 446 -34.15 -7.53 -9.69
C ARG E 446 -33.73 -8.61 -10.69
N TRP E 447 -34.67 -9.20 -11.48
CA TRP E 447 -34.16 -10.13 -12.49
C TRP E 447 -33.85 -9.45 -13.82
N GLU E 448 -34.65 -8.46 -14.22
CA GLU E 448 -34.39 -7.79 -15.47
C GLU E 448 -33.01 -7.10 -15.50
N ASN E 449 -32.63 -6.43 -14.42
CA ASN E 449 -31.31 -5.79 -14.38
C ASN E 449 -30.22 -6.79 -13.99
N ALA E 450 -30.52 -7.75 -13.09
CA ALA E 450 -29.52 -8.77 -12.69
C ALA E 450 -28.87 -9.44 -13.88
N LEU E 451 -29.62 -9.57 -14.97
CA LEU E 451 -29.10 -10.21 -16.16
C LEU E 451 -28.66 -9.22 -17.24
N LEU E 452 -29.29 -8.04 -17.38
CA LEU E 452 -28.66 -6.97 -18.17
C LEU E 452 -27.21 -6.81 -17.74
N GLY E 453 -26.91 -7.10 -16.47
CA GLY E 453 -25.52 -7.19 -16.03
C GLY E 453 -24.83 -8.46 -16.49
N LEU E 454 -25.55 -9.58 -16.48
CA LEU E 454 -24.90 -10.78 -16.98
C LEU E 454 -24.68 -10.74 -18.49
N LEU E 455 -25.51 -10.03 -19.28
CA LEU E 455 -25.37 -10.09 -20.75
C LEU E 455 -24.30 -9.13 -21.30
N ALA E 456 -24.20 -7.91 -20.77
CA ALA E 456 -23.00 -7.13 -21.02
C ALA E 456 -21.75 -7.85 -20.51
N LYS E 457 -21.88 -8.78 -19.52
CA LYS E 457 -20.82 -9.69 -19.06
C LYS E 457 -20.53 -10.79 -20.07
N ALA E 458 -21.22 -10.74 -21.19
CA ALA E 458 -20.99 -11.55 -22.37
C ALA E 458 -20.41 -10.73 -23.50
N GLY E 459 -20.57 -9.41 -23.43
CA GLY E 459 -20.11 -8.53 -24.49
C GLY E 459 -21.05 -7.96 -25.53
N LEU E 460 -22.36 -8.16 -25.41
CA LEU E 460 -23.28 -7.44 -26.26
C LEU E 460 -23.24 -5.98 -25.86
N GLN E 461 -23.16 -5.07 -26.81
CA GLN E 461 -23.25 -3.65 -26.48
C GLN E 461 -24.68 -3.28 -26.77
N VAL E 462 -25.44 -3.07 -25.71
CA VAL E 462 -26.88 -2.97 -25.82
C VAL E 462 -27.26 -1.80 -26.70
N VAL E 463 -26.56 -0.70 -26.54
CA VAL E 463 -26.86 0.50 -27.29
C VAL E 463 -25.63 1.32 -27.59
N ALA E 464 -25.76 2.21 -28.56
CA ALA E 464 -24.70 3.13 -28.91
C ALA E 464 -25.36 4.36 -29.51
N LEU E 465 -24.63 5.46 -29.54
CA LEU E 465 -25.29 6.68 -29.97
C LEU E 465 -25.42 6.71 -31.50
N SER E 466 -26.20 7.68 -31.96
CA SER E 466 -26.24 8.01 -33.38
C SER E 466 -25.62 9.38 -33.65
N GLY E 467 -25.16 10.08 -32.60
CA GLY E 467 -24.69 11.44 -32.75
C GLY E 467 -23.29 11.54 -33.35
N ALA E 468 -22.96 12.77 -33.72
CA ALA E 468 -21.70 13.13 -34.37
C ALA E 468 -20.78 13.78 -33.34
N TYR E 469 -19.64 13.14 -33.07
CA TYR E 469 -18.81 13.60 -31.97
C TYR E 469 -17.36 13.77 -32.40
N PRO E 470 -16.67 14.77 -31.86
CA PRO E 470 -15.30 15.04 -32.34
C PRO E 470 -14.28 13.97 -31.96
N ALA E 471 -14.47 13.22 -30.89
CA ALA E 471 -13.58 12.11 -30.62
C ALA E 471 -14.23 10.83 -31.12
N GLU E 472 -13.41 9.83 -31.45
CA GLU E 472 -13.94 8.53 -31.80
C GLU E 472 -13.46 7.46 -30.85
N LEU E 473 -12.90 7.84 -29.71
CA LEU E 473 -12.43 6.85 -28.73
C LEU E 473 -12.30 7.51 -27.36
N ALA E 474 -12.88 6.87 -26.34
CA ALA E 474 -13.03 7.43 -25.00
C ALA E 474 -12.50 6.46 -23.97
N VAL E 475 -11.64 6.95 -23.08
CA VAL E 475 -10.99 6.11 -22.07
C VAL E 475 -11.06 6.74 -20.70
N GLY E 476 -11.22 5.91 -19.69
CA GLY E 476 -11.48 6.35 -18.33
C GLY E 476 -10.46 5.77 -17.37
N PHE E 477 -10.08 6.59 -16.38
CA PHE E 477 -9.05 6.21 -15.42
C PHE E 477 -9.46 6.60 -14.01
N ASP E 478 -9.31 5.69 -13.06
CA ASP E 478 -9.59 6.00 -11.67
C ASP E 478 -8.66 5.22 -10.78
N ALA E 479 -8.56 5.65 -9.54
CA ALA E 479 -7.80 4.93 -8.55
C ALA E 479 -8.79 4.35 -7.58
N GLY E 480 -8.71 3.06 -7.37
CA GLY E 480 -9.65 2.37 -6.56
C GLY E 480 -9.04 1.15 -5.92
N GLY E 481 -9.51 0.73 -4.79
CA GLY E 481 -8.89 -0.36 -4.09
C GLY E 481 -9.03 -0.16 -2.59
N ARG E 482 -8.15 -0.80 -1.84
CA ARG E 482 -8.18 -0.68 -0.39
C ARG E 482 -7.78 0.72 -0.05
N GLU E 483 -8.07 1.12 1.19
CA GLU E 483 -7.72 2.45 1.65
C GLU E 483 -6.22 2.68 1.66
N SER E 484 -5.46 1.69 2.11
CA SER E 484 -4.00 1.82 2.26
C SER E 484 -3.22 2.04 0.97
N PHE E 485 -3.58 1.33 -0.08
CA PHE E 485 -2.95 1.50 -1.37
C PHE E 485 -4.02 1.36 -2.42
N ARG E 486 -3.77 1.86 -3.62
CA ARG E 486 -4.84 2.00 -4.58
C ARG E 486 -4.57 1.27 -5.87
N PHE E 487 -5.62 1.03 -6.64
CA PHE E 487 -5.52 0.34 -7.91
C PHE E 487 -5.85 1.29 -9.04
N GLY E 488 -5.05 1.24 -10.09
CA GLY E 488 -5.27 2.08 -11.24
C GLY E 488 -5.67 1.21 -12.40
N GLY E 489 -6.78 1.56 -13.00
CA GLY E 489 -7.34 0.78 -14.07
C GLY E 489 -7.95 1.75 -15.06
N ALA E 490 -8.39 1.17 -16.16
CA ALA E 490 -8.98 1.97 -17.21
C ALA E 490 -10.03 1.14 -17.93
N ALA E 491 -11.08 1.82 -18.34
CA ALA E 491 -12.06 1.27 -19.26
C ALA E 491 -12.16 2.21 -20.44
N CYS E 492 -12.80 1.75 -21.52
CA CYS E 492 -12.85 2.52 -22.76
C CYS E 492 -14.11 2.36 -23.61
N ALA E 493 -14.39 3.33 -24.49
CA ALA E 493 -15.44 3.19 -25.49
C ALA E 493 -14.88 3.17 -26.91
N VAL E 494 -15.13 2.08 -27.62
CA VAL E 494 -14.53 1.80 -28.92
C VAL E 494 -14.87 2.72 -30.10
N GLY E 495 -16.14 3.08 -30.26
CA GLY E 495 -16.52 3.87 -31.41
C GLY E 495 -17.40 5.05 -31.10
N GLY E 496 -17.11 6.21 -31.66
CA GLY E 496 -17.94 7.36 -31.38
C GLY E 496 -19.35 7.19 -31.89
N ASP E 497 -19.50 6.77 -33.14
CA ASP E 497 -20.82 6.50 -33.69
C ASP E 497 -21.50 5.29 -33.07
N GLY E 498 -20.75 4.20 -32.95
CA GLY E 498 -21.24 2.98 -32.35
C GLY E 498 -20.31 2.51 -31.27
N GLY E 499 -20.84 2.41 -30.07
CA GLY E 499 -20.04 2.11 -28.90
C GLY E 499 -19.68 0.67 -28.64
N HIS E 500 -18.55 0.48 -28.00
CA HIS E 500 -18.17 -0.80 -27.46
C HIS E 500 -17.63 -0.61 -26.05
N LEU E 501 -17.72 -1.63 -25.21
CA LEU E 501 -17.25 -1.50 -23.83
C LEU E 501 -16.26 -2.61 -23.50
N LEU E 502 -15.05 -2.23 -23.05
CA LEU E 502 -14.03 -3.15 -22.57
C LEU E 502 -13.13 -2.46 -21.54
N TRP E 503 -12.35 -3.27 -20.84
CA TRP E 503 -11.57 -2.85 -19.67
C TRP E 503 -10.11 -3.30 -19.75
N THR E 504 -9.27 -2.72 -18.87
CA THR E 504 -7.83 -2.97 -18.82
C THR E 504 -7.41 -3.40 -17.43
N LEU E 505 -6.53 -4.38 -17.34
CA LEU E 505 -6.11 -4.85 -16.03
C LEU E 505 -5.62 -3.67 -15.20
N PRO E 506 -5.73 -3.73 -13.88
CA PRO E 506 -5.24 -2.65 -13.03
C PRO E 506 -3.90 -2.97 -12.39
N GLU E 507 -3.15 -1.94 -12.01
CA GLU E 507 -1.86 -2.14 -11.33
C GLU E 507 -1.77 -1.40 -10.02
N ALA E 508 -0.99 -1.96 -9.10
CA ALA E 508 -1.00 -1.57 -7.69
C ALA E 508 0.06 -0.56 -7.31
N GLN E 509 -0.40 0.50 -6.68
CA GLN E 509 0.39 1.68 -6.37
C GLN E 509 0.09 2.06 -4.94
N ALA E 510 0.92 2.92 -4.36
CA ALA E 510 0.71 3.33 -2.99
C ALA E 510 -0.19 4.56 -2.83
N GLY E 511 -0.60 5.17 -3.94
CA GLY E 511 -1.27 6.44 -3.85
C GLY E 511 -2.20 6.80 -4.97
N GLU E 512 -2.96 7.87 -4.78
CA GLU E 512 -3.89 8.32 -5.80
C GLU E 512 -3.21 8.59 -7.15
N ARG E 513 -1.93 8.93 -7.18
CA ARG E 513 -1.22 9.18 -8.46
C ARG E 513 -1.01 7.86 -9.21
N ILE E 514 -1.35 7.84 -10.49
CA ILE E 514 -1.11 6.67 -11.34
C ILE E 514 0.18 6.95 -12.11
N PRO E 515 1.12 6.01 -12.09
CA PRO E 515 2.41 6.24 -12.72
C PRO E 515 2.25 6.64 -14.18
N GLN E 516 2.87 7.76 -14.57
CA GLN E 516 2.88 8.17 -15.97
C GLN E 516 3.14 6.97 -16.91
N GLU E 517 4.08 6.10 -16.53
CA GLU E 517 4.47 4.95 -17.35
C GLU E 517 3.37 3.89 -17.40
N VAL E 518 2.54 3.83 -16.37
CA VAL E 518 1.36 2.99 -16.45
C VAL E 518 0.23 3.73 -17.18
N VAL E 519 -0.05 4.97 -16.77
CA VAL E 519 -1.07 5.84 -17.37
C VAL E 519 -1.02 5.78 -18.88
N TRP E 520 0.15 6.04 -19.44
CA TRP E 520 0.28 5.97 -20.89
C TRP E 520 0.15 4.53 -21.37
N ASP E 521 0.70 3.57 -20.61
CA ASP E 521 0.61 2.17 -21.03
C ASP E 521 -0.83 1.71 -21.17
N LEU E 522 -1.70 2.15 -20.28
CA LEU E 522 -3.11 1.79 -20.40
C LEU E 522 -3.73 2.46 -21.61
N LEU E 523 -3.63 3.80 -21.70
CA LEU E 523 -4.19 4.50 -22.87
C LEU E 523 -3.71 3.87 -24.15
N GLU E 524 -2.44 3.47 -24.19
CA GLU E 524 -1.89 2.73 -25.32
C GLU E 524 -2.60 1.40 -25.57
N GLU E 525 -3.10 0.76 -24.50
CA GLU E 525 -3.78 -0.51 -24.64
C GLU E 525 -5.18 -0.35 -25.17
N THR E 526 -5.76 0.82 -24.99
CA THR E 526 -7.02 1.17 -25.60
C THR E 526 -6.85 1.73 -27.01
N LEU E 527 -5.64 2.24 -27.32
CA LEU E 527 -5.31 2.63 -28.69
C LEU E 527 -5.01 1.40 -29.52
N TRP E 528 -4.40 0.41 -28.91
CA TRP E 528 -4.19 -0.87 -29.56
C TRP E 528 -5.52 -1.56 -29.85
N ALA E 529 -6.45 -1.43 -28.92
CA ALA E 529 -7.80 -1.98 -29.08
C ALA E 529 -8.68 -1.38 -30.18
N PHE E 530 -8.60 -0.07 -30.36
CA PHE E 530 -9.51 0.61 -31.24
C PHE E 530 -9.37 0.11 -32.66
N ARG E 531 -8.14 -0.12 -33.07
CA ARG E 531 -7.82 -0.49 -34.45
C ARG E 531 -7.72 -2.00 -34.61
N ARG E 532 -8.18 -2.74 -33.60
CA ARG E 532 -8.32 -4.16 -33.76
C ARG E 532 -9.29 -4.37 -34.89
N LYS E 533 -10.34 -3.57 -34.91
CA LYS E 533 -11.29 -3.58 -36.02
C LYS E 533 -11.52 -2.22 -36.68
N ALA E 534 -10.90 -1.17 -36.19
CA ALA E 534 -11.15 0.17 -36.72
C ALA E 534 -10.51 0.39 -38.10
N GLY E 535 -9.33 -0.14 -38.31
CA GLY E 535 -8.64 0.11 -39.57
C GLY E 535 -8.05 1.49 -39.69
N ARG E 536 -7.85 2.17 -38.58
CA ARG E 536 -7.15 3.44 -38.59
C ARG E 536 -6.76 3.76 -37.16
N LEU E 537 -5.86 4.72 -37.01
CA LEU E 537 -5.72 5.40 -35.73
C LEU E 537 -6.93 6.29 -35.51
N PRO E 538 -7.45 6.36 -34.29
CA PRO E 538 -8.53 7.32 -34.03
C PRO E 538 -7.97 8.73 -34.11
N SER E 539 -8.65 9.58 -34.88
CA SER E 539 -8.09 10.92 -35.15
C SER E 539 -7.94 11.73 -33.87
N ARG E 540 -8.92 11.65 -32.97
CA ARG E 540 -8.92 12.29 -31.67
C ARG E 540 -9.32 11.25 -30.64
N VAL E 541 -8.75 11.35 -29.45
CA VAL E 541 -9.08 10.48 -28.34
C VAL E 541 -9.49 11.36 -27.17
N LEU E 542 -10.29 10.78 -26.25
CA LEU E 542 -10.90 11.49 -25.14
C LEU E 542 -10.25 11.10 -23.81
N LEU E 543 -9.73 12.11 -23.12
CA LEU E 543 -9.00 11.94 -21.88
C LEU E 543 -9.80 12.61 -20.77
N LEU E 544 -10.47 11.77 -20.00
CA LEU E 544 -11.20 12.13 -18.81
C LEU E 544 -10.40 11.65 -17.62
N ARG E 545 -10.64 12.24 -16.45
CA ARG E 545 -9.98 11.71 -15.27
C ARG E 545 -10.96 11.66 -14.11
N ASN E 546 -10.93 10.61 -13.30
CA ASN E 546 -11.78 10.57 -12.12
C ASN E 546 -11.15 11.35 -11.00
N GLY E 547 -11.82 12.38 -10.52
CA GLY E 547 -11.23 13.24 -9.52
C GLY E 547 -10.32 14.26 -10.13
N ARG E 548 -9.39 14.77 -9.33
CA ARG E 548 -8.39 15.70 -9.81
C ARG E 548 -7.38 15.01 -10.70
N VAL E 549 -6.76 15.79 -11.58
CA VAL E 549 -5.68 15.29 -12.41
C VAL E 549 -4.41 15.71 -11.72
N PRO E 550 -3.58 14.66 -11.30
CA PRO E 550 -2.39 15.13 -10.58
C PRO E 550 -1.49 15.83 -11.55
N GLN E 551 -0.63 16.73 -11.10
CA GLN E 551 0.13 17.51 -12.04
C GLN E 551 0.97 16.55 -12.84
N ASP E 552 0.84 16.64 -14.16
CA ASP E 552 1.72 16.00 -15.12
C ASP E 552 1.75 14.48 -15.04
N GLU E 553 0.69 13.86 -14.55
CA GLU E 553 0.56 12.41 -14.55
C GLU E 553 0.47 11.95 -15.98
N PHE E 554 -0.19 12.77 -16.78
CA PHE E 554 -0.44 12.47 -18.17
C PHE E 554 0.69 12.91 -19.10
N ALA E 555 1.65 13.72 -18.59
CA ALA E 555 2.72 14.30 -19.42
C ALA E 555 3.40 13.28 -20.35
N LEU E 556 3.81 12.12 -19.84
CA LEU E 556 4.29 11.08 -20.74
C LEU E 556 3.22 10.66 -21.74
N ALA E 557 1.96 10.55 -21.28
CA ALA E 557 0.90 10.00 -22.12
C ALA E 557 0.53 10.94 -23.27
N LEU E 558 0.29 12.22 -22.98
CA LEU E 558 -0.06 13.19 -24.02
C LEU E 558 1.07 13.41 -25.02
N GLU E 559 2.33 13.40 -24.55
CA GLU E 559 3.45 13.54 -25.47
C GLU E 559 3.48 12.36 -26.41
N ALA E 560 3.26 11.14 -25.88
CA ALA E 560 3.36 9.93 -26.69
C ALA E 560 2.20 9.78 -27.67
N LEU E 561 1.06 10.40 -27.36
CA LEU E 561 0.03 10.57 -28.37
C LEU E 561 0.59 11.37 -29.55
N ALA E 562 0.88 12.67 -29.32
CA ALA E 562 1.36 13.58 -30.36
C ALA E 562 2.51 13.00 -31.19
N ARG E 563 3.33 12.16 -30.58
CA ARG E 563 4.42 11.49 -31.28
C ARG E 563 3.90 10.50 -32.31
N GLU E 564 2.83 9.78 -31.97
CA GLU E 564 2.28 8.74 -32.85
C GLU E 564 1.13 9.21 -33.72
N GLY E 565 0.95 10.53 -33.80
CA GLY E 565 -0.01 11.12 -34.72
C GLY E 565 -1.46 11.26 -34.30
N ILE E 566 -1.74 11.10 -33.02
CA ILE E 566 -3.11 11.16 -32.52
C ILE E 566 -3.46 12.44 -31.77
N ALA E 567 -4.61 13.03 -32.08
CA ALA E 567 -5.08 14.20 -31.36
C ALA E 567 -5.76 13.77 -30.05
N TYR E 568 -6.20 14.76 -29.28
CA TYR E 568 -6.60 14.50 -27.91
C TYR E 568 -7.27 15.75 -27.37
N ASP E 569 -8.11 15.55 -26.35
CA ASP E 569 -8.57 16.60 -25.46
C ASP E 569 -8.62 16.02 -24.04
N LEU E 570 -8.29 16.83 -23.05
CA LEU E 570 -8.15 16.37 -21.66
C LEU E 570 -9.11 17.14 -20.75
N VAL E 571 -9.85 16.41 -19.91
CA VAL E 571 -10.82 17.02 -19.02
C VAL E 571 -10.81 16.33 -17.66
N SER E 572 -10.99 17.14 -16.62
CA SER E 572 -11.10 16.67 -15.24
C SER E 572 -12.57 16.61 -14.84
N VAL E 573 -12.98 15.45 -14.30
CA VAL E 573 -14.33 15.21 -13.81
C VAL E 573 -14.26 14.97 -12.30
N ARG E 574 -14.98 15.78 -11.54
CA ARG E 574 -14.91 15.77 -10.09
C ARG E 574 -16.33 15.56 -9.58
N LYS E 575 -16.61 14.37 -9.03
CA LYS E 575 -17.93 14.10 -8.50
C LYS E 575 -18.33 15.19 -7.50
N SER E 576 -17.48 15.45 -6.50
CA SER E 576 -17.76 16.43 -5.46
C SER E 576 -17.32 17.83 -5.83
N GLY E 577 -17.17 18.06 -7.13
CA GLY E 577 -16.79 19.37 -7.60
C GLY E 577 -17.96 20.21 -7.18
N GLY E 578 -17.72 21.45 -6.81
CA GLY E 578 -18.77 22.23 -6.21
C GLY E 578 -19.64 22.97 -7.19
N GLY E 579 -20.90 22.57 -7.25
CA GLY E 579 -21.96 23.38 -7.76
C GLY E 579 -23.31 22.91 -7.30
N ARG E 580 -24.28 23.81 -7.29
CA ARG E 580 -25.68 23.46 -7.33
C ARG E 580 -26.36 24.36 -8.35
N VAL E 581 -27.18 23.79 -9.22
CA VAL E 581 -27.76 24.57 -10.31
C VAL E 581 -29.28 24.63 -10.28
N TYR E 582 -29.82 25.83 -10.37
CA TYR E 582 -31.28 26.02 -10.33
C TYR E 582 -31.85 26.81 -11.50
N PRO E 583 -32.93 26.35 -12.14
CA PRO E 583 -33.51 27.06 -13.28
C PRO E 583 -34.13 28.38 -12.84
N VAL E 584 -33.68 29.48 -13.44
CA VAL E 584 -34.25 30.78 -13.09
C VAL E 584 -35.76 30.77 -13.31
N GLN E 585 -36.21 30.13 -14.39
CA GLN E 585 -37.62 29.97 -14.69
C GLN E 585 -37.86 28.54 -15.15
N GLY E 586 -39.11 28.09 -15.01
CA GLY E 586 -39.48 26.82 -15.59
C GLY E 586 -38.92 25.60 -14.90
N ARG E 587 -39.20 24.47 -15.54
CA ARG E 587 -38.91 23.16 -14.99
C ARG E 587 -37.44 22.84 -15.12
N LEU E 588 -36.91 22.03 -14.20
CA LEU E 588 -35.55 21.50 -14.33
C LEU E 588 -35.48 20.36 -15.35
N ALA E 589 -34.32 20.24 -16.01
CA ALA E 589 -34.16 19.27 -17.08
C ALA E 589 -32.90 18.42 -16.98
N ASP E 590 -32.97 17.21 -17.53
CA ASP E 590 -31.96 16.19 -17.32
C ASP E 590 -30.56 16.50 -17.81
N GLY E 591 -30.40 17.08 -18.99
CA GLY E 591 -29.04 17.26 -19.53
C GLY E 591 -28.65 18.70 -19.80
N LEU E 592 -27.57 19.15 -19.17
CA LEU E 592 -27.23 20.57 -19.20
C LEU E 592 -25.74 20.86 -19.24
N TYR E 593 -25.40 22.08 -19.67
CA TYR E 593 -24.02 22.54 -19.67
C TYR E 593 -24.00 23.99 -19.24
N VAL E 594 -23.16 24.33 -18.26
CA VAL E 594 -22.94 25.73 -17.93
C VAL E 594 -21.46 26.05 -18.12
N PRO E 595 -21.11 27.07 -18.90
CA PRO E 595 -19.75 27.57 -18.84
C PRO E 595 -19.56 28.36 -17.55
N LEU E 596 -18.48 28.09 -16.85
CA LEU E 596 -18.13 28.87 -15.70
C LEU E 596 -17.04 29.80 -16.19
N GLU E 597 -16.73 30.83 -15.43
CA GLU E 597 -15.89 31.89 -15.96
C GLU E 597 -14.58 31.31 -16.43
N ASP E 598 -14.10 30.31 -15.70
CA ASP E 598 -12.87 29.60 -16.02
C ASP E 598 -13.10 28.69 -17.21
N LYS E 599 -12.03 28.06 -17.66
CA LYS E 599 -12.11 27.10 -18.75
C LYS E 599 -12.96 25.91 -18.36
N THR E 600 -13.17 25.73 -17.06
CA THR E 600 -14.06 24.69 -16.54
C THR E 600 -15.55 24.95 -16.72
N PHE E 601 -16.33 23.88 -16.71
CA PHE E 601 -17.76 23.96 -16.84
C PHE E 601 -18.46 22.93 -15.95
N LEU E 602 -19.71 23.20 -15.59
CA LEU E 602 -20.56 22.23 -14.91
C LEU E 602 -21.40 21.43 -15.90
N LEU E 603 -21.59 20.15 -15.61
CA LEU E 603 -22.37 19.26 -16.45
C LEU E 603 -23.26 18.34 -15.61
N LEU E 604 -24.56 18.39 -15.88
CA LEU E 604 -25.57 17.66 -15.13
C LEU E 604 -25.90 16.38 -15.87
N THR E 605 -25.30 15.26 -15.47
CA THR E 605 -25.55 14.08 -16.29
C THR E 605 -26.89 13.41 -15.99
N VAL E 606 -27.39 13.45 -14.76
CA VAL E 606 -28.61 12.71 -14.45
C VAL E 606 -29.45 13.52 -13.47
N HIS E 607 -30.78 13.38 -13.58
CA HIS E 607 -31.73 13.96 -12.64
C HIS E 607 -33.13 13.36 -12.76
N ARG E 608 -33.72 13.03 -11.65
CA ARG E 608 -35.06 12.50 -11.65
C ARG E 608 -35.90 13.37 -10.73
N ASP E 609 -37.12 13.71 -11.18
CA ASP E 609 -38.00 14.58 -10.40
C ASP E 609 -38.24 14.05 -8.97
N PHE E 610 -37.93 12.79 -8.70
CA PHE E 610 -38.29 12.18 -7.43
C PHE E 610 -37.11 11.81 -6.54
N ARG E 611 -35.88 11.85 -7.05
CA ARG E 611 -34.81 11.43 -6.18
C ARG E 611 -33.98 12.59 -5.68
N GLY E 612 -34.50 13.80 -5.77
CA GLY E 612 -33.94 14.94 -5.08
C GLY E 612 -33.25 15.89 -6.02
N THR E 613 -32.59 16.88 -5.43
CA THR E 613 -31.77 17.80 -6.20
C THR E 613 -30.57 17.04 -6.74
N PRO E 614 -30.21 17.23 -8.01
CA PRO E 614 -29.12 16.44 -8.60
C PRO E 614 -27.77 17.07 -8.30
N ARG E 615 -26.75 16.25 -8.36
CA ARG E 615 -25.44 16.77 -7.99
C ARG E 615 -24.58 16.97 -9.23
N PRO E 616 -24.45 18.20 -9.70
CA PRO E 616 -23.83 18.43 -11.00
C PRO E 616 -22.33 18.29 -10.93
N LEU E 617 -21.75 17.87 -12.06
CA LEU E 617 -20.32 17.63 -12.23
C LEU E 617 -19.58 18.90 -12.61
N LYS E 618 -18.42 19.10 -11.99
CA LYS E 618 -17.49 20.17 -12.35
C LYS E 618 -16.43 19.60 -13.28
N LEU E 619 -16.17 20.33 -14.37
CA LEU E 619 -15.29 19.89 -15.43
C LEU E 619 -14.37 21.02 -15.87
N VAL E 620 -13.06 20.73 -15.94
CA VAL E 620 -12.05 21.66 -16.44
C VAL E 620 -11.55 21.14 -17.76
N HIS E 621 -11.36 22.03 -18.73
CA HIS E 621 -10.63 21.59 -19.92
C HIS E 621 -9.16 21.80 -19.65
N GLU E 622 -8.47 20.67 -19.40
CA GLU E 622 -7.08 20.66 -18.96
C GLU E 622 -6.12 20.78 -20.13
N ALA E 623 -6.40 20.08 -21.22
CA ALA E 623 -5.57 20.13 -22.40
C ALA E 623 -6.42 19.77 -23.61
N GLY E 624 -5.96 20.16 -24.78
CA GLY E 624 -6.69 19.92 -26.01
C GLY E 624 -7.29 21.21 -26.54
N ASP E 625 -8.02 21.05 -27.66
CA ASP E 625 -8.51 22.21 -28.41
C ASP E 625 -10.00 22.18 -28.74
N THR E 626 -10.73 21.08 -28.49
CA THR E 626 -12.16 21.07 -28.81
C THR E 626 -12.92 22.05 -27.92
N PRO E 627 -14.10 22.43 -28.39
CA PRO E 627 -14.97 23.36 -27.68
C PRO E 627 -15.56 22.71 -26.44
N LEU E 628 -15.87 23.53 -25.45
CA LEU E 628 -16.42 23.03 -24.21
C LEU E 628 -17.74 22.36 -24.49
N GLU E 629 -18.52 22.98 -25.36
CA GLU E 629 -19.84 22.46 -25.68
C GLU E 629 -19.71 21.10 -26.30
N ALA E 630 -18.71 20.93 -27.16
CA ALA E 630 -18.47 19.67 -27.82
C ALA E 630 -18.10 18.58 -26.86
N LEU E 631 -17.28 18.91 -25.87
CA LEU E 631 -16.93 17.93 -24.86
C LEU E 631 -18.15 17.53 -24.07
N ALA E 632 -18.93 18.51 -23.68
CA ALA E 632 -20.12 18.22 -22.90
C ALA E 632 -21.03 17.37 -23.74
N HIS E 633 -21.13 17.74 -25.02
CA HIS E 633 -22.08 17.12 -25.93
C HIS E 633 -21.79 15.65 -26.10
N GLN E 634 -20.53 15.29 -26.26
CA GLN E 634 -20.12 13.90 -26.17
C GLN E 634 -20.24 13.37 -24.76
N ILE E 635 -19.85 14.17 -23.77
CA ILE E 635 -19.76 13.67 -22.41
C ILE E 635 -21.11 13.25 -21.89
N PHE E 636 -22.10 14.08 -22.14
CA PHE E 636 -23.43 13.80 -21.62
C PHE E 636 -24.01 12.53 -22.21
N HIS E 637 -23.73 12.24 -23.48
CA HIS E 637 -24.26 11.01 -24.07
C HIS E 637 -23.57 9.79 -23.46
N LEU E 638 -22.26 9.84 -23.31
CA LEU E 638 -21.53 8.70 -22.76
C LEU E 638 -22.10 8.24 -21.43
N THR E 639 -22.87 9.14 -20.78
CA THR E 639 -23.57 8.81 -19.55
C THR E 639 -24.34 7.53 -19.69
N ARG E 640 -25.03 7.37 -20.82
CA ARG E 640 -26.08 6.39 -21.02
C ARG E 640 -25.61 5.03 -21.47
N LEU E 641 -24.43 4.95 -22.04
CA LEU E 641 -23.98 3.76 -22.69
C LEU E 641 -23.91 2.60 -21.73
N TYR E 642 -23.90 2.88 -20.43
CA TYR E 642 -23.67 1.82 -19.48
C TYR E 642 -24.73 0.76 -19.69
N PRO E 643 -24.22 -0.51 -20.01
CA PRO E 643 -25.25 -1.53 -20.19
C PRO E 643 -26.00 -1.97 -18.94
N ALA E 644 -25.26 -2.11 -17.85
CA ALA E 644 -25.68 -2.91 -16.69
C ALA E 644 -26.77 -2.33 -15.82
N SER E 645 -27.22 -1.12 -16.08
CA SER E 645 -28.34 -0.56 -15.36
C SER E 645 -29.51 -0.55 -16.31
N GLY E 646 -30.57 -1.29 -15.98
CA GLY E 646 -31.70 -1.38 -16.86
C GLY E 646 -32.42 -0.07 -17.07
N PHE E 647 -32.64 0.68 -15.98
CA PHE E 647 -33.40 1.91 -16.06
C PHE E 647 -32.71 3.21 -15.63
N ALA E 648 -31.61 3.08 -14.91
CA ALA E 648 -31.01 4.23 -14.27
C ALA E 648 -29.67 4.51 -14.87
N PHE E 649 -29.39 5.79 -15.16
CA PHE E 649 -28.16 6.08 -15.88
C PHE E 649 -27.09 6.57 -14.93
N PRO E 650 -25.90 5.94 -14.92
CA PRO E 650 -24.83 6.40 -14.02
C PRO E 650 -24.57 7.89 -14.16
N ARG E 651 -23.96 8.53 -13.15
CA ARG E 651 -23.67 9.95 -13.27
C ARG E 651 -22.38 10.20 -14.03
N LEU E 652 -21.41 9.34 -13.84
CA LEU E 652 -20.22 9.32 -14.68
C LEU E 652 -20.50 8.56 -15.95
N PRO E 653 -20.08 9.08 -17.10
CA PRO E 653 -20.09 8.27 -18.33
C PRO E 653 -19.42 6.92 -18.13
N ALA E 654 -19.91 5.92 -18.87
CA ALA E 654 -19.59 4.52 -18.58
C ALA E 654 -18.12 4.16 -18.44
N PRO E 655 -17.15 4.78 -19.16
CA PRO E 655 -15.75 4.40 -18.92
C PRO E 655 -15.29 4.71 -17.51
N LEU E 656 -15.64 5.89 -17.01
CA LEU E 656 -15.34 6.23 -15.64
C LEU E 656 -16.09 5.34 -14.68
N HIS E 657 -17.38 5.16 -14.90
CA HIS E 657 -18.16 4.35 -14.00
C HIS E 657 -17.73 2.91 -14.05
N LEU E 658 -17.49 2.43 -15.26
CA LEU E 658 -17.11 1.04 -15.43
C LEU E 658 -15.80 0.91 -14.71
N ALA E 659 -14.97 1.94 -14.82
CA ALA E 659 -13.67 1.98 -14.19
C ALA E 659 -13.75 1.92 -12.67
N ASP E 660 -14.70 2.65 -12.09
CA ASP E 660 -14.84 2.67 -10.64
C ASP E 660 -15.18 1.27 -10.18
N ARG E 661 -16.09 0.63 -10.89
CA ARG E 661 -16.46 -0.74 -10.56
C ARG E 661 -15.26 -1.64 -10.77
N LEU E 662 -14.47 -1.34 -11.79
CA LEU E 662 -13.36 -2.20 -12.15
C LEU E 662 -12.31 -2.31 -11.06
N VAL E 663 -11.92 -1.18 -10.52
CA VAL E 663 -10.97 -1.13 -9.43
C VAL E 663 -11.53 -1.71 -8.15
N LYS E 664 -12.77 -1.37 -7.86
CA LYS E 664 -13.34 -1.74 -6.58
C LYS E 664 -13.39 -3.22 -6.43
N GLU E 665 -13.89 -3.91 -7.45
CA GLU E 665 -13.93 -5.36 -7.38
C GLU E 665 -12.52 -5.92 -7.29
N VAL E 666 -11.63 -5.41 -8.14
CA VAL E 666 -10.22 -5.77 -8.07
C VAL E 666 -9.68 -5.56 -6.66
N GLY E 667 -10.15 -4.52 -5.97
CA GLY E 667 -9.58 -4.18 -4.67
C GLY E 667 -9.99 -5.11 -3.56
N ARG E 668 -11.20 -5.66 -3.66
CA ARG E 668 -11.63 -6.65 -2.68
C ARG E 668 -11.42 -8.08 -3.20
N LEU E 669 -11.84 -8.36 -4.44
CA LEU E 669 -11.62 -9.68 -5.05
C LEU E 669 -10.13 -10.04 -5.10
N GLY E 670 -9.31 -9.15 -5.64
CA GLY E 670 -7.94 -9.45 -5.97
C GLY E 670 -7.69 -9.24 -7.44
N ILE E 671 -6.47 -9.55 -7.86
CA ILE E 671 -6.13 -9.58 -9.27
C ILE E 671 -5.50 -10.91 -9.71
N ARG E 672 -5.11 -11.73 -8.75
CA ARG E 672 -4.26 -12.87 -9.06
C ARG E 672 -4.89 -14.03 -9.80
N HIS E 673 -6.12 -14.35 -9.46
CA HIS E 673 -6.90 -15.41 -10.12
C HIS E 673 -7.22 -15.10 -11.58
N LEU E 674 -7.40 -13.83 -11.88
CA LEU E 674 -7.97 -13.42 -13.14
C LEU E 674 -6.94 -13.41 -14.25
N LYS E 675 -6.65 -14.60 -14.78
CA LYS E 675 -5.80 -14.72 -15.97
C LYS E 675 -6.61 -15.03 -17.23
N GLU E 676 -7.47 -16.04 -17.13
CA GLU E 676 -8.30 -16.53 -18.22
C GLU E 676 -9.37 -15.58 -18.73
N VAL E 677 -9.94 -14.80 -17.83
CA VAL E 677 -11.06 -13.95 -18.17
C VAL E 677 -10.68 -12.98 -19.26
N ASP E 678 -11.59 -12.78 -20.20
CA ASP E 678 -11.37 -11.85 -21.27
C ASP E 678 -11.59 -10.43 -20.81
N ARG E 679 -10.95 -9.51 -21.52
CA ARG E 679 -11.24 -8.10 -21.41
C ARG E 679 -12.56 -7.78 -22.10
N GLU E 680 -13.04 -8.75 -22.87
CA GLU E 680 -14.37 -8.73 -23.47
C GLU E 680 -15.46 -8.78 -22.41
N LYS E 681 -15.20 -9.53 -21.35
CA LYS E 681 -16.22 -9.90 -20.41
C LYS E 681 -16.92 -8.75 -19.70
N LEU E 682 -16.19 -7.71 -19.31
CA LEU E 682 -16.81 -6.69 -18.46
C LEU E 682 -17.28 -7.31 -17.16
N PHE E 683 -16.40 -8.07 -16.52
CA PHE E 683 -16.72 -8.97 -15.43
C PHE E 683 -17.24 -8.35 -14.12
N PHE E 684 -17.11 -7.04 -13.96
CA PHE E 684 -17.54 -6.39 -12.72
C PHE E 684 -18.90 -5.71 -12.86
N VAL E 685 -19.86 -6.13 -12.03
CA VAL E 685 -21.21 -5.54 -11.99
C VAL E 685 -22.20 -6.34 -11.11
#